data_4WHY
#
_entry.id   4WHY
#
_cell.length_a   64.760
_cell.length_b   205.510
_cell.length_c   69.020
_cell.angle_alpha   90.000
_cell.angle_beta   103.180
_cell.angle_gamma   90.000
#
_symmetry.space_group_name_H-M   'P 1 21 1'
#
loop_
_entity.id
_entity.type
_entity.pdbx_description
1 polymer 'epitope peptide'
2 polymer 'Heavy chain of Fab fragment derived from neutralizing antibody 3/11'
3 polymer 'Light chain of Fab fragment derived from neutralizing antibody 3/11'
4 water water
#
loop_
_entity_poly.entity_id
_entity_poly.type
_entity_poly.pdbx_seq_one_letter_code
_entity_poly.pdbx_strand_id
1 'polypeptide(L)' QLINTNGSWHVN A,B,C,D
2 'polypeptide(L)'
;EVKLQESGGGLVQPGRSLKLSCAASGFTFSDSYLAWVRQAPTKGLEWVASITNSGGRFYYRDSVKGRFTISRDNAKSTLY
LQMDSLRSEDTATYYCTRMDYWGQGTTVTVSSAETTAPSVYPLAPGTALKSNSMVTLGCLVKGYFPEPVTVTWNSGALSS
GVHTFPAVLQSGLYTLTSSVTVPSSTWPSQTVTCNVAHPASSTKVDKKIVPRNCGLEDDDDKAGWSHPQFEKGGGSGGGS
GGGSWSHPQFEK
;
G,I,K,M
3 'polypeptide(L)'
;RSDIVLTQTTPTLSATIGQSVSISCRSSQSLLESDGNTYLNWLLQRPGQSPQLLIYSVSNLESGVPNRFSGSGSETDFTL
KISGVEAEDLGVYYCMQTTHAPTFGAGTKLELKRADAAPTVSIFPPSTEQLATGGASVVCLMNNFYPRDISVKWKIDGTE
RRDGVLDSVTDQDSKDSTYSMSSTLSLTKADYESHNLYTCEVVHKTSSSPVVKSFNRNEC
;
H,J,L,N
#
# COMPACT_ATOMS: atom_id res chain seq x y z
N GLN A 1 -39.01 -50.99 -8.41
CA GLN A 1 -39.48 -50.56 -9.72
C GLN A 1 -38.64 -49.41 -10.30
N LEU A 2 -38.00 -48.60 -9.44
CA LEU A 2 -37.12 -47.49 -9.80
C LEU A 2 -35.89 -48.10 -10.46
N ILE A 3 -35.16 -48.92 -9.69
CA ILE A 3 -33.98 -49.63 -10.17
C ILE A 3 -34.18 -51.10 -9.89
N ASN A 4 -33.68 -51.94 -10.81
CA ASN A 4 -33.67 -53.39 -10.73
C ASN A 4 -32.51 -53.71 -9.79
N THR A 5 -32.71 -53.38 -8.49
CA THR A 5 -31.73 -53.55 -7.41
C THR A 5 -31.29 -55.00 -7.28
N ASN A 6 -32.10 -55.91 -7.80
CA ASN A 6 -31.86 -57.35 -7.77
C ASN A 6 -31.38 -57.93 -9.11
N GLY A 7 -30.89 -57.06 -9.99
CA GLY A 7 -30.41 -57.40 -11.32
C GLY A 7 -29.21 -58.32 -11.30
N SER A 8 -29.27 -59.36 -12.15
CA SER A 8 -28.23 -60.40 -12.33
C SER A 8 -26.89 -59.87 -12.87
N TRP A 9 -26.81 -58.57 -13.24
CA TRP A 9 -25.61 -57.92 -13.78
C TRP A 9 -24.63 -57.59 -12.68
N HIS A 10 -25.14 -57.37 -11.43
CA HIS A 10 -24.34 -57.10 -10.23
C HIS A 10 -23.30 -58.23 -9.95
N VAL A 11 -22.26 -57.90 -9.11
CA VAL A 11 -21.22 -58.84 -8.72
C VAL A 11 -21.27 -59.07 -7.19
N GLN B 1 23.33 35.09 -26.06
CA GLN B 1 24.28 34.37 -25.21
C GLN B 1 23.78 32.97 -24.81
N LEU B 2 22.46 32.74 -24.96
CA LEU B 2 21.82 31.45 -24.72
C LEU B 2 22.31 30.48 -25.82
N ILE B 3 22.06 30.87 -27.08
CA ILE B 3 22.48 30.12 -28.24
C ILE B 3 23.31 31.04 -29.09
N ASN B 4 24.38 30.48 -29.69
CA ASN B 4 25.26 31.15 -30.64
C ASN B 4 24.47 31.16 -31.95
N THR B 5 23.39 31.97 -31.98
CA THR B 5 22.45 32.14 -33.12
C THR B 5 23.17 32.53 -34.36
N ASN B 6 24.40 33.05 -34.22
CA ASN B 6 25.26 33.49 -35.31
C ASN B 6 26.40 32.53 -35.64
N GLY B 7 26.33 31.31 -35.14
CA GLY B 7 27.37 30.32 -35.36
C GLY B 7 27.59 29.99 -36.82
N SER B 8 28.84 29.72 -37.18
CA SER B 8 29.24 29.37 -38.53
C SER B 8 28.87 27.96 -38.95
N TRP B 9 28.26 27.17 -38.03
CA TRP B 9 27.84 25.78 -38.30
C TRP B 9 26.55 25.74 -39.10
N HIS B 10 25.69 26.76 -38.97
CA HIS B 10 24.45 26.96 -39.73
C HIS B 10 24.66 26.91 -41.26
N VAL B 11 23.57 26.64 -42.01
CA VAL B 11 23.57 26.57 -43.48
C VAL B 11 22.68 27.72 -44.04
N GLN C 1 -34.79 -16.81 -5.47
CA GLN C 1 -34.71 -17.58 -4.22
C GLN C 1 -33.63 -17.08 -3.25
N LEU C 2 -32.66 -16.32 -3.78
CA LEU C 2 -31.62 -15.66 -2.98
C LEU C 2 -32.33 -14.58 -2.10
N ILE C 3 -32.98 -13.64 -2.76
CA ILE C 3 -33.73 -12.56 -2.13
C ILE C 3 -35.16 -12.61 -2.65
N ASN C 4 -36.11 -12.28 -1.79
CA ASN C 4 -37.52 -12.15 -2.09
C ASN C 4 -37.65 -10.80 -2.79
N THR C 5 -37.13 -10.74 -4.05
CA THR C 5 -37.11 -9.56 -4.93
C THR C 5 -38.52 -9.04 -5.20
N ASN C 6 -39.54 -9.91 -4.99
CA ASN C 6 -40.94 -9.58 -5.16
C ASN C 6 -41.71 -9.35 -3.84
N GLY C 7 -41.01 -9.28 -2.71
CA GLY C 7 -41.63 -9.06 -1.41
C GLY C 7 -42.50 -7.81 -1.39
N SER C 8 -43.54 -7.83 -0.56
CA SER C 8 -44.53 -6.77 -0.40
C SER C 8 -44.04 -5.59 0.46
N TRP C 9 -42.81 -5.68 1.02
CA TRP C 9 -42.23 -4.65 1.88
C TRP C 9 -41.69 -3.49 1.05
N HIS C 10 -41.29 -3.79 -0.23
CA HIS C 10 -40.81 -2.82 -1.22
C HIS C 10 -41.81 -1.66 -1.47
N VAL C 11 -41.27 -0.51 -2.00
CA VAL C 11 -42.02 0.70 -2.30
C VAL C 11 -41.95 0.97 -3.78
N GLN D 1 50.79 33.95 39.05
CA GLN D 1 50.32 34.94 38.09
C GLN D 1 48.97 34.58 37.48
N LEU D 2 48.66 33.26 37.37
CA LEU D 2 47.39 32.76 36.83
C LEU D 2 46.30 33.14 37.81
N ILE D 3 46.42 32.64 39.05
CA ILE D 3 45.48 32.94 40.11
C ILE D 3 46.23 33.61 41.25
N ASN D 4 45.57 34.59 41.89
CA ASN D 4 46.02 35.32 43.06
C ASN D 4 45.74 34.37 44.21
N THR D 5 46.51 33.26 44.26
CA THR D 5 46.41 32.18 45.27
C THR D 5 46.57 32.73 46.68
N ASN D 6 47.12 33.95 46.79
CA ASN D 6 47.35 34.63 48.04
C ASN D 6 46.37 35.76 48.35
N GLY D 7 45.26 35.79 47.63
CA GLY D 7 44.25 36.84 47.80
C GLY D 7 43.66 36.88 49.19
N SER D 8 43.34 38.07 49.67
CA SER D 8 42.71 38.26 50.99
C SER D 8 41.20 37.91 51.07
N TRP D 9 40.61 37.46 49.96
CA TRP D 9 39.22 37.05 49.87
C TRP D 9 39.00 35.65 50.45
N HIS D 10 40.08 34.82 50.44
CA HIS D 10 40.10 33.47 51.03
C HIS D 10 39.74 33.49 52.55
N VAL D 11 39.33 32.32 53.10
CA VAL D 11 38.95 32.14 54.50
C VAL D 11 39.91 31.12 55.13
N LYS E 3 44.90 17.46 31.70
CA LYS E 3 43.69 16.64 31.53
C LYS E 3 42.86 16.52 32.84
N LEU E 4 41.63 17.13 32.83
CA LEU E 4 40.69 17.15 33.97
C LEU E 4 39.31 16.61 33.56
N GLN E 5 38.72 15.70 34.36
CA GLN E 5 37.41 15.15 34.00
C GLN E 5 36.43 15.23 35.14
N GLU E 6 35.28 15.87 34.90
CA GLU E 6 34.24 16.01 35.91
C GLU E 6 33.16 14.92 35.78
N SER E 7 32.58 14.54 36.92
CA SER E 7 31.50 13.57 37.02
C SER E 7 30.57 14.02 38.13
N GLY E 8 29.43 13.37 38.26
CA GLY E 8 28.48 13.64 39.34
C GLY E 8 27.25 14.45 39.00
N GLY E 9 27.26 15.11 37.84
CA GLY E 9 26.16 15.94 37.36
C GLY E 9 24.96 15.10 36.97
N GLY E 10 23.81 15.75 36.97
CA GLY E 10 22.54 15.13 36.61
C GLY E 10 21.35 15.94 37.07
N LEU E 11 20.16 15.37 36.88
CA LEU E 11 18.90 15.98 37.27
C LEU E 11 18.57 15.64 38.74
N VAL E 12 18.31 16.69 39.53
CA VAL E 12 17.97 16.61 40.96
C VAL E 12 16.85 17.57 41.31
N GLN E 13 16.16 17.29 42.40
CA GLN E 13 15.03 18.11 42.84
C GLN E 13 15.47 19.17 43.81
N PRO E 14 14.75 20.31 43.96
CA PRO E 14 15.18 21.31 44.95
C PRO E 14 15.24 20.73 46.36
N GLY E 15 16.22 21.20 47.14
CA GLY E 15 16.46 20.75 48.52
C GLY E 15 17.38 19.55 48.59
N ARG E 16 17.47 18.77 47.49
CA ARG E 16 18.32 17.60 47.39
C ARG E 16 19.80 17.95 47.36
N SER E 17 20.66 16.93 47.54
CA SER E 17 22.10 17.11 47.57
C SER E 17 22.76 16.36 46.42
N LEU E 18 23.98 16.79 46.05
CA LEU E 18 24.75 16.19 44.96
C LEU E 18 26.22 16.41 45.20
N LYS E 19 27.06 15.44 44.84
CA LYS E 19 28.50 15.57 44.99
C LYS E 19 29.23 15.36 43.66
N LEU E 20 29.91 16.42 43.22
CA LEU E 20 30.67 16.38 41.97
C LEU E 20 32.12 16.05 42.26
N SER E 21 32.78 15.36 41.32
CA SER E 21 34.18 15.02 41.48
C SER E 21 34.98 15.38 40.23
N CYS E 22 36.29 15.59 40.39
CA CYS E 22 37.15 15.94 39.27
C CYS E 22 38.42 15.10 39.25
N ALA E 23 38.47 14.13 38.31
CA ALA E 23 39.62 13.25 38.12
C ALA E 23 40.74 14.03 37.44
N ALA E 24 41.93 14.03 38.04
CA ALA E 24 43.07 14.74 37.46
C ALA E 24 44.26 13.88 37.05
N SER E 25 44.88 14.22 35.91
CA SER E 25 46.06 13.53 35.38
C SER E 25 46.95 14.48 34.54
N GLY E 26 48.18 14.07 34.28
CA GLY E 26 49.13 14.81 33.46
C GLY E 26 49.88 15.94 34.15
N PHE E 27 49.62 16.17 35.46
CA PHE E 27 50.23 17.24 36.25
C PHE E 27 50.31 16.92 37.77
N THR E 28 51.16 17.63 38.52
CA THR E 28 51.31 17.42 39.97
C THR E 28 50.16 18.13 40.69
N PHE E 29 49.06 17.38 40.90
CA PHE E 29 47.82 17.81 41.55
C PHE E 29 48.02 18.50 42.91
N SER E 30 48.97 17.98 43.73
CA SER E 30 49.29 18.46 45.09
C SER E 30 49.95 19.85 45.16
N ASP E 31 50.45 20.35 44.01
CA ASP E 31 51.09 21.66 43.91
C ASP E 31 50.14 22.70 43.33
N SER E 32 49.04 22.22 42.72
CA SER E 32 48.04 23.05 42.04
C SER E 32 46.88 23.55 42.88
N TYR E 33 46.50 24.81 42.63
CA TYR E 33 45.35 25.50 43.21
C TYR E 33 44.20 25.18 42.24
N LEU E 34 43.03 24.76 42.76
CA LEU E 34 41.91 24.44 41.88
C LEU E 34 40.64 25.18 42.26
N ALA E 35 39.82 25.44 41.23
CA ALA E 35 38.53 26.11 41.38
C ALA E 35 37.42 25.33 40.69
N TRP E 36 36.15 25.62 41.10
CA TRP E 36 34.90 25.16 40.51
C TRP E 36 34.25 26.42 39.96
N VAL E 37 34.06 26.42 38.64
CA VAL E 37 33.47 27.53 37.89
C VAL E 37 32.19 27.01 37.18
N ARG E 38 31.02 27.64 37.42
CA ARG E 38 29.78 27.24 36.78
C ARG E 38 29.32 28.19 35.64
N GLN E 39 28.57 27.63 34.67
CA GLN E 39 28.03 28.41 33.57
C GLN E 39 26.56 28.11 33.28
N ALA E 40 25.70 29.07 33.57
CA ALA E 40 24.28 29.05 33.28
C ALA E 40 24.08 30.08 32.14
N PRO E 41 23.03 30.00 31.27
CA PRO E 41 22.88 31.05 30.23
C PRO E 41 22.52 32.43 30.79
N THR E 42 21.79 32.46 31.92
CA THR E 42 21.38 33.68 32.62
C THR E 42 22.56 34.37 33.36
N LYS E 43 23.36 33.58 34.14
CA LYS E 43 24.48 34.07 34.98
C LYS E 43 25.87 34.12 34.30
N GLY E 44 25.96 33.64 33.05
CA GLY E 44 27.21 33.54 32.31
C GLY E 44 28.19 32.69 33.08
N LEU E 45 29.44 33.17 33.29
CA LEU E 45 30.45 32.44 34.07
C LEU E 45 30.54 32.93 35.52
N GLU E 46 30.72 32.01 36.46
CA GLU E 46 30.76 32.34 37.88
C GLU E 46 31.75 31.48 38.64
N TRP E 47 32.44 32.10 39.60
CA TRP E 47 33.38 31.40 40.47
C TRP E 47 32.56 30.83 41.62
N VAL E 48 32.49 29.49 41.74
CA VAL E 48 31.70 28.83 42.77
C VAL E 48 32.54 28.76 44.05
N ALA E 49 33.58 27.92 44.01
CA ALA E 49 34.48 27.65 45.13
C ALA E 49 35.88 27.40 44.61
N SER E 50 36.89 27.70 45.46
CA SER E 50 38.29 27.50 45.13
C SER E 50 39.07 27.06 46.36
N ILE E 51 40.07 26.18 46.15
CA ILE E 51 40.88 25.63 47.24
C ILE E 51 42.41 25.72 47.02
N THR E 52 43.16 26.06 48.10
CA THR E 52 44.64 26.14 48.09
C THR E 52 45.16 24.70 48.02
N ASN E 53 46.25 24.43 47.27
CA ASN E 53 46.86 23.10 47.02
C ASN E 53 46.95 22.08 48.19
N SER E 54 46.91 22.57 49.44
CA SER E 54 47.00 21.81 50.68
C SER E 54 45.77 22.09 51.58
N GLY E 55 44.76 22.71 50.98
CA GLY E 55 43.50 23.06 51.61
C GLY E 55 43.55 23.96 52.83
N GLY E 56 44.57 24.80 52.95
CA GLY E 56 44.71 25.74 54.07
C GLY E 56 43.70 26.86 54.06
N ARG E 57 43.45 27.41 52.86
CA ARG E 57 42.49 28.48 52.59
C ARG E 57 41.62 28.09 51.40
N PHE E 58 40.39 28.59 51.43
CA PHE E 58 39.35 28.28 50.46
C PHE E 58 38.48 29.51 50.22
N TYR E 59 37.53 29.41 49.26
CA TYR E 59 36.61 30.50 48.95
C TYR E 59 35.30 29.95 48.42
N TYR E 60 34.18 30.56 48.82
CA TYR E 60 32.81 30.22 48.40
C TYR E 60 32.13 31.53 48.09
N ARG E 61 31.51 31.64 46.92
CA ARG E 61 30.77 32.85 46.57
C ARG E 61 29.54 32.99 47.49
N ASP E 62 29.10 34.22 47.79
CA ASP E 62 27.96 34.47 48.68
C ASP E 62 26.74 33.59 48.43
N SER E 63 26.42 33.31 47.13
CA SER E 63 25.29 32.46 46.71
C SER E 63 25.38 31.01 47.18
N VAL E 64 26.60 30.48 47.42
CA VAL E 64 26.80 29.08 47.78
C VAL E 64 27.30 28.79 49.21
N LYS E 65 27.55 29.85 50.00
CA LYS E 65 28.00 29.80 51.40
C LYS E 65 26.94 29.12 52.27
N GLY E 66 27.39 28.14 53.05
CA GLY E 66 26.54 27.35 53.93
C GLY E 66 26.00 26.07 53.30
N ARG E 67 25.79 26.09 51.97
CA ARG E 67 25.25 24.95 51.22
C ARG E 67 26.32 24.13 50.53
N PHE E 68 27.34 24.77 49.97
CA PHE E 68 28.40 24.07 49.22
C PHE E 68 29.66 23.84 50.05
N THR E 69 30.39 22.75 49.73
CA THR E 69 31.64 22.40 50.38
C THR E 69 32.67 21.90 49.38
N ILE E 70 33.82 22.59 49.30
CA ILE E 70 34.94 22.20 48.45
C ILE E 70 35.97 21.42 49.31
N SER E 71 36.61 20.41 48.69
CA SER E 71 37.59 19.50 49.31
C SER E 71 38.39 18.78 48.23
N ARG E 72 39.46 18.08 48.62
CA ARG E 72 40.26 17.34 47.65
C ARG E 72 41.07 16.21 48.27
N ASP E 73 41.57 15.31 47.40
CA ASP E 73 42.46 14.22 47.80
C ASP E 73 43.62 14.09 46.83
N ASN E 74 44.78 14.67 47.23
CA ASN E 74 46.04 14.69 46.48
C ASN E 74 46.62 13.29 46.23
N ALA E 75 46.35 12.34 47.16
CA ALA E 75 46.74 10.93 47.04
C ALA E 75 45.92 10.25 45.95
N LYS E 76 44.66 10.69 45.78
CA LYS E 76 43.76 10.16 44.77
C LYS E 76 43.60 11.10 43.58
N SER E 77 44.27 12.28 43.65
CA SER E 77 44.26 13.34 42.65
C SER E 77 42.82 13.71 42.20
N THR E 78 41.91 13.87 43.18
CA THR E 78 40.52 14.21 42.94
C THR E 78 40.10 15.47 43.70
N LEU E 79 39.31 16.32 43.03
CA LEU E 79 38.75 17.55 43.61
C LEU E 79 37.26 17.28 43.75
N TYR E 80 36.61 17.86 44.79
CA TYR E 80 35.20 17.61 45.08
C TYR E 80 34.43 18.87 45.39
N LEU E 81 33.10 18.80 45.17
CA LEU E 81 32.17 19.86 45.52
C LEU E 81 30.89 19.21 46.01
N GLN E 82 30.63 19.36 47.30
CA GLN E 82 29.41 18.83 47.88
C GLN E 82 28.39 19.94 47.76
N MET E 83 27.33 19.69 47.01
CA MET E 83 26.29 20.68 46.84
C MET E 83 25.08 20.18 47.58
N ASP E 84 24.78 20.80 48.73
CA ASP E 84 23.62 20.40 49.53
C ASP E 84 22.57 21.49 49.37
N SER E 85 21.28 21.20 49.67
CA SER E 85 20.16 22.15 49.58
C SER E 85 20.13 22.91 48.23
N LEU E 86 20.20 22.14 47.14
CA LEU E 86 20.22 22.63 45.76
C LEU E 86 18.96 23.39 45.39
N ARG E 87 19.08 24.43 44.59
CA ARG E 87 17.92 25.20 44.17
C ARG E 87 18.00 25.35 42.66
N SER E 88 16.97 25.92 42.02
CA SER E 88 16.93 26.08 40.57
C SER E 88 18.08 26.98 40.12
N GLU E 89 18.40 28.02 40.94
CA GLU E 89 19.47 29.00 40.78
C GLU E 89 20.86 28.34 40.52
N ASP E 90 21.12 27.16 41.11
CA ASP E 90 22.34 26.38 40.95
C ASP E 90 22.44 25.65 39.62
N THR E 91 21.35 25.62 38.82
CA THR E 91 21.34 24.96 37.49
C THR E 91 22.44 25.64 36.64
N ALA E 92 23.36 24.81 36.11
CA ALA E 92 24.54 25.20 35.33
C ALA E 92 25.42 23.99 35.01
N THR E 93 26.34 24.17 34.08
CA THR E 93 27.37 23.22 33.74
C THR E 93 28.53 23.59 34.69
N TYR E 94 29.13 22.59 35.35
CA TYR E 94 30.21 22.82 36.32
C TYR E 94 31.59 22.41 35.81
N TYR E 95 32.53 23.37 35.86
CA TYR E 95 33.91 23.24 35.45
C TYR E 95 34.88 23.19 36.61
N CYS E 96 35.75 22.21 36.55
CA CYS E 96 36.85 22.00 37.46
C CYS E 96 38.04 22.57 36.69
N THR E 97 38.69 23.59 37.27
CA THR E 97 39.76 24.28 36.57
C THR E 97 40.93 24.68 37.45
N ARG E 98 42.09 24.84 36.79
CA ARG E 98 43.38 25.25 37.32
C ARG E 98 43.78 26.51 36.54
N MET E 99 42.77 27.09 35.82
CA MET E 99 42.87 28.26 34.95
C MET E 99 43.49 27.95 33.59
N ASP E 100 44.66 27.30 33.58
CA ASP E 100 45.37 26.92 32.37
C ASP E 100 44.66 25.75 31.76
N TYR E 101 44.18 24.86 32.62
CA TYR E 101 43.48 23.65 32.20
C TYR E 101 42.09 23.60 32.79
N TRP E 102 41.12 23.35 31.93
CA TRP E 102 39.69 23.27 32.24
C TRP E 102 39.18 21.88 31.87
N GLY E 103 38.16 21.42 32.58
CA GLY E 103 37.53 20.13 32.29
C GLY E 103 36.46 20.33 31.25
N GLN E 104 35.78 19.23 30.87
CA GLN E 104 34.72 19.30 29.86
C GLN E 104 33.37 19.75 30.44
N GLY E 105 33.27 19.72 31.76
CA GLY E 105 32.08 20.11 32.49
C GLY E 105 31.16 18.94 32.78
N THR E 106 30.34 19.11 33.80
CA THR E 106 29.30 18.14 34.23
C THR E 106 28.08 19.00 34.49
N THR E 107 26.98 18.70 33.82
CA THR E 107 25.77 19.51 33.90
C THR E 107 24.93 19.16 35.10
N VAL E 108 24.49 20.18 35.86
CA VAL E 108 23.64 20.00 37.03
C VAL E 108 22.32 20.72 36.77
N THR E 109 21.22 19.95 36.70
CA THR E 109 19.86 20.45 36.45
C THR E 109 19.03 20.28 37.73
N VAL E 110 18.51 21.40 38.28
CA VAL E 110 17.71 21.36 39.51
C VAL E 110 16.29 21.85 39.28
N SER E 111 15.31 20.92 39.27
CA SER E 111 13.90 21.19 39.03
C SER E 111 12.95 20.15 39.67
N SER E 112 11.69 20.54 39.88
CA SER E 112 10.64 19.69 40.42
C SER E 112 10.05 18.84 39.30
N ALA E 113 10.25 19.24 38.01
CA ALA E 113 9.73 18.56 36.82
C ALA E 113 10.36 17.18 36.61
N GLU E 114 9.56 16.24 36.06
CA GLU E 114 9.96 14.84 35.79
C GLU E 114 9.97 14.56 34.28
N THR E 115 10.66 13.48 33.84
CA THR E 115 10.79 13.13 32.42
C THR E 115 9.44 12.94 31.71
N THR E 116 9.10 13.89 30.81
CA THR E 116 7.93 13.89 29.94
C THR E 116 8.48 13.83 28.50
N ALA E 117 7.71 13.27 27.56
CA ALA E 117 8.03 13.22 26.12
C ALA E 117 7.34 14.43 25.49
N PRO E 118 7.83 14.98 24.35
CA PRO E 118 7.13 16.13 23.74
C PRO E 118 5.83 15.80 23.04
N SER E 119 4.96 16.80 22.95
CA SER E 119 3.72 16.76 22.19
C SER E 119 4.10 17.54 20.90
N VAL E 120 3.99 16.93 19.72
CA VAL E 120 4.41 17.60 18.48
C VAL E 120 3.23 18.09 17.66
N TYR E 121 3.17 19.40 17.40
CA TYR E 121 2.09 19.98 16.60
C TYR E 121 2.63 20.58 15.29
N PRO E 122 1.86 20.52 14.18
CA PRO E 122 2.40 21.09 12.94
C PRO E 122 2.20 22.60 12.81
N LEU E 123 3.13 23.23 12.09
CA LEU E 123 3.08 24.65 11.75
C LEU E 123 2.99 24.67 10.24
N ALA E 124 1.78 24.92 9.76
CA ALA E 124 1.40 24.98 8.36
C ALA E 124 0.69 26.29 8.03
N PRO E 125 0.81 26.81 6.78
CA PRO E 125 0.13 28.08 6.46
C PRO E 125 -1.40 27.96 6.38
N SER E 133 6.71 31.48 -4.00
CA SER E 133 7.91 30.79 -4.47
C SER E 133 8.43 29.78 -3.45
N MET E 134 8.60 30.21 -2.19
CA MET E 134 9.09 29.36 -1.11
C MET E 134 8.02 29.19 -0.04
N VAL E 135 8.02 28.04 0.63
CA VAL E 135 7.10 27.74 1.72
C VAL E 135 7.91 27.44 2.94
N THR E 136 7.51 28.02 4.08
CA THR E 136 8.12 27.77 5.37
C THR E 136 7.11 26.98 6.18
N LEU E 137 7.50 25.77 6.55
CA LEU E 137 6.67 24.85 7.36
C LEU E 137 7.40 24.63 8.66
N GLY E 138 6.68 24.23 9.70
CA GLY E 138 7.31 24.03 11.00
C GLY E 138 6.71 22.99 11.89
N CYS E 139 7.35 22.77 13.04
CA CYS E 139 6.94 21.84 14.09
C CYS E 139 7.03 22.56 15.43
N LEU E 140 5.95 22.55 16.20
CA LEU E 140 5.95 23.12 17.55
C LEU E 140 6.14 21.93 18.45
N VAL E 141 7.26 21.87 19.15
CA VAL E 141 7.59 20.74 20.01
C VAL E 141 7.40 21.22 21.43
N LYS E 142 6.23 20.96 22.01
CA LYS E 142 5.78 21.45 23.32
C LYS E 142 5.71 20.40 24.46
N GLY E 143 5.88 20.86 25.68
CA GLY E 143 5.76 20.10 26.92
C GLY E 143 6.72 18.96 27.12
N TYR E 144 8.02 19.18 26.90
CA TYR E 144 9.02 18.15 27.14
C TYR E 144 9.99 18.53 28.25
N PHE E 145 10.67 17.53 28.80
CA PHE E 145 11.63 17.67 29.87
C PHE E 145 12.39 16.34 30.07
N PRO E 146 13.71 16.33 30.30
CA PRO E 146 14.63 17.47 30.30
C PRO E 146 15.11 17.76 28.87
N GLU E 147 16.10 18.63 28.75
CA GLU E 147 16.73 18.88 27.47
C GLU E 147 17.72 17.70 27.22
N PRO E 148 18.10 17.36 25.97
CA PRO E 148 17.76 18.00 24.68
C PRO E 148 16.81 17.17 23.79
N VAL E 149 16.38 17.79 22.68
CA VAL E 149 15.60 17.16 21.61
C VAL E 149 16.34 17.36 20.29
N THR E 150 16.32 16.36 19.40
CA THR E 150 16.95 16.46 18.09
C THR E 150 15.83 16.54 17.04
N VAL E 151 15.85 17.57 16.20
CA VAL E 151 14.82 17.73 15.16
C VAL E 151 15.45 17.62 13.75
N THR E 152 14.87 16.79 12.88
CA THR E 152 15.31 16.64 11.48
C THR E 152 14.09 16.77 10.55
N TRP E 153 14.29 17.13 9.26
CA TRP E 153 13.18 17.25 8.30
C TRP E 153 13.39 16.25 7.16
N ASN E 154 12.53 15.19 7.10
CA ASN E 154 12.60 14.09 6.14
C ASN E 154 14.03 13.44 6.19
N SER E 155 14.61 13.30 7.42
CA SER E 155 15.95 12.73 7.67
C SER E 155 17.07 13.19 6.73
N SER E 160 20.69 23.64 3.30
CA SER E 160 20.26 23.15 4.63
C SER E 160 18.78 23.50 4.90
N GLY E 161 18.43 24.79 4.82
CA GLY E 161 17.10 25.38 5.00
C GLY E 161 16.32 25.14 6.28
N VAL E 162 16.96 24.48 7.26
CA VAL E 162 16.35 24.08 8.53
C VAL E 162 16.77 25.01 9.66
N HIS E 163 15.80 25.43 10.51
CA HIS E 163 16.07 26.32 11.66
C HIS E 163 15.52 25.76 12.94
N THR E 164 16.37 25.25 13.85
CA THR E 164 15.92 24.75 15.15
C THR E 164 16.16 25.80 16.21
N PHE E 165 15.09 26.43 16.69
CA PHE E 165 15.18 27.53 17.67
C PHE E 165 15.41 27.03 19.09
N PRO E 166 16.16 27.79 19.94
CA PRO E 166 16.43 27.30 21.31
C PRO E 166 15.16 27.08 22.14
N ALA E 167 15.20 26.11 23.07
CA ALA E 167 14.03 25.84 23.91
C ALA E 167 13.81 26.94 24.94
N VAL E 168 12.57 27.12 25.36
CA VAL E 168 12.16 28.12 26.34
C VAL E 168 11.36 27.39 27.42
N LEU E 169 11.64 27.64 28.70
CA LEU E 169 10.93 27.01 29.82
C LEU E 169 9.58 27.68 30.06
N GLN E 170 8.52 26.85 30.00
CA GLN E 170 7.12 27.22 30.23
C GLN E 170 6.52 26.24 31.24
N SER E 171 6.11 26.76 32.42
CA SER E 171 5.49 25.98 33.52
C SER E 171 6.29 24.70 33.85
N GLY E 172 7.60 24.86 33.94
CA GLY E 172 8.52 23.76 34.23
C GLY E 172 8.80 22.83 33.06
N LEU E 173 8.27 23.13 31.85
CA LEU E 173 8.47 22.29 30.67
C LEU E 173 9.00 23.06 29.46
N TYR E 174 9.89 22.43 28.68
CA TYR E 174 10.50 23.02 27.50
C TYR E 174 9.61 23.02 26.26
N THR E 175 9.72 24.08 25.45
CA THR E 175 8.99 24.31 24.21
C THR E 175 9.96 24.85 23.16
N LEU E 176 10.00 24.22 21.98
CA LEU E 176 10.77 24.76 20.87
C LEU E 176 10.03 24.72 19.55
N THR E 177 10.61 25.36 18.53
CA THR E 177 10.10 25.38 17.16
C THR E 177 11.23 25.04 16.23
N SER E 178 10.89 24.34 15.14
CA SER E 178 11.81 23.99 14.07
C SER E 178 11.14 24.27 12.73
N SER E 179 11.83 24.95 11.83
CA SER E 179 11.26 25.26 10.52
C SER E 179 12.06 24.74 9.33
N VAL E 180 11.39 24.61 8.18
CA VAL E 180 11.99 24.17 6.92
C VAL E 180 11.42 25.00 5.76
N THR E 181 12.33 25.55 4.95
CA THR E 181 11.94 26.30 3.77
C THR E 181 12.18 25.44 2.53
N VAL E 182 11.09 25.17 1.79
CA VAL E 182 11.06 24.35 0.59
C VAL E 182 10.40 25.13 -0.59
N PRO E 183 10.69 24.79 -1.87
CA PRO E 183 10.00 25.51 -2.97
C PRO E 183 8.52 25.13 -3.01
N SER E 184 7.65 26.09 -3.42
CA SER E 184 6.19 25.91 -3.49
C SER E 184 5.73 24.71 -4.31
N SER E 185 6.56 24.26 -5.28
CA SER E 185 6.29 23.09 -6.12
C SER E 185 6.31 21.80 -5.29
N THR E 186 7.36 21.63 -4.44
CA THR E 186 7.62 20.50 -3.52
C THR E 186 6.41 20.13 -2.66
N TRP E 187 5.95 21.05 -1.80
CA TRP E 187 4.87 20.81 -0.86
C TRP E 187 3.54 21.44 -1.27
N PRO E 188 2.37 20.73 -1.18
CA PRO E 188 2.15 19.37 -0.64
C PRO E 188 2.34 18.17 -1.58
N SER E 189 2.72 18.39 -2.86
CA SER E 189 2.97 17.31 -3.84
C SER E 189 3.86 16.20 -3.25
N GLN E 190 4.86 16.62 -2.48
CA GLN E 190 5.76 15.74 -1.75
C GLN E 190 5.52 15.88 -0.23
N THR E 191 5.76 14.78 0.47
CA THR E 191 5.61 14.65 1.92
C THR E 191 6.70 15.44 2.65
N VAL E 192 6.28 16.34 3.57
CA VAL E 192 7.20 17.10 4.42
C VAL E 192 6.86 16.75 5.86
N THR E 193 7.78 16.05 6.53
CA THR E 193 7.61 15.59 7.91
C THR E 193 8.83 15.87 8.82
N CYS E 194 8.59 16.39 10.04
CA CYS E 194 9.66 16.61 11.01
C CYS E 194 9.84 15.38 11.89
N ASN E 195 11.09 15.03 12.18
CA ASN E 195 11.44 13.89 13.03
C ASN E 195 12.06 14.44 14.31
N VAL E 196 11.30 14.36 15.41
CA VAL E 196 11.64 14.84 16.75
C VAL E 196 12.10 13.65 17.61
N ALA E 197 13.28 13.75 18.21
CA ALA E 197 13.75 12.68 19.10
C ALA E 197 14.01 13.24 20.51
N HIS E 198 13.48 12.58 21.56
CA HIS E 198 13.69 12.98 22.96
C HIS E 198 14.27 11.75 23.70
N PRO E 199 15.63 11.62 23.66
CA PRO E 199 16.28 10.42 24.25
C PRO E 199 15.95 10.13 25.72
N ALA E 200 15.77 11.19 26.51
CA ALA E 200 15.42 11.10 27.91
C ALA E 200 14.15 10.26 28.16
N SER E 201 13.15 10.38 27.25
CA SER E 201 11.92 9.59 27.34
C SER E 201 11.93 8.41 26.36
N SER E 202 13.03 8.21 25.60
CA SER E 202 13.23 7.13 24.62
C SER E 202 12.12 7.14 23.55
N THR E 203 11.75 8.36 23.10
CA THR E 203 10.67 8.62 22.16
C THR E 203 11.21 9.23 20.88
N LYS E 204 10.55 8.89 19.76
CA LYS E 204 10.80 9.44 18.43
C LYS E 204 9.42 9.75 17.91
N VAL E 205 9.17 10.99 17.54
CA VAL E 205 7.86 11.41 17.04
C VAL E 205 8.04 11.98 15.63
N ASP E 206 7.26 11.46 14.68
CA ASP E 206 7.28 11.95 13.31
C ASP E 206 5.93 12.60 13.07
N LYS E 207 5.94 13.85 12.59
CA LYS E 207 4.71 14.59 12.31
C LYS E 207 4.70 15.16 10.90
N LYS E 208 3.78 14.63 10.08
CA LYS E 208 3.57 15.02 8.70
C LYS E 208 2.86 16.37 8.69
N ILE E 209 3.44 17.31 7.92
CA ILE E 209 2.90 18.66 7.76
C ILE E 209 1.88 18.61 6.63
N VAL E 210 0.60 18.67 7.02
CA VAL E 210 -0.56 18.58 6.14
C VAL E 210 -1.14 20.00 5.90
N PRO E 211 -1.41 20.40 4.64
CA PRO E 211 -2.00 21.74 4.39
C PRO E 211 -3.34 21.93 5.08
N ARG E 212 -3.53 23.12 5.71
CA ARG E 212 -4.74 23.52 6.44
C ARG E 212 -5.97 23.67 5.52
N ASP F 3 31.61 43.99 45.71
CA ASP F 3 32.13 43.15 44.63
C ASP F 3 32.60 43.92 43.39
N ILE F 4 33.72 43.48 42.80
CA ILE F 4 34.33 44.10 41.62
C ILE F 4 33.59 43.73 40.34
N VAL F 5 33.22 44.77 39.58
CA VAL F 5 32.48 44.67 38.33
C VAL F 5 33.44 44.81 37.12
N LEU F 6 33.45 43.81 36.21
CA LEU F 6 34.27 43.81 34.96
C LEU F 6 33.41 44.09 33.70
N THR F 7 33.37 45.34 33.28
CA THR F 7 32.54 45.79 32.18
C THR F 7 33.17 45.58 30.81
N GLN F 8 32.45 44.83 29.96
CA GLN F 8 32.83 44.58 28.57
C GLN F 8 31.82 45.38 27.79
N THR F 9 32.13 46.67 27.57
CA THR F 9 31.26 47.65 26.88
C THR F 9 30.50 47.10 25.67
N THR F 10 31.24 46.46 24.76
CA THR F 10 30.66 45.88 23.58
C THR F 10 30.26 44.41 23.82
N PRO F 11 28.95 44.08 23.86
CA PRO F 11 28.54 42.67 24.02
C PRO F 11 28.74 41.83 22.74
N THR F 12 28.78 42.48 21.54
CA THR F 12 28.99 41.79 20.25
C THR F 12 29.97 42.52 19.39
N LEU F 13 30.83 41.77 18.68
CA LEU F 13 31.81 42.30 17.75
C LEU F 13 31.69 41.63 16.37
N SER F 14 31.57 42.43 15.29
CA SER F 14 31.44 41.95 13.92
C SER F 14 32.78 42.09 13.25
N ALA F 15 33.33 40.99 12.76
CA ALA F 15 34.64 41.02 12.16
C ALA F 15 34.67 40.41 10.78
N THR F 16 35.81 40.58 10.07
CA THR F 16 36.06 39.92 8.79
C THR F 16 37.34 39.14 8.98
N ILE F 17 37.41 37.95 8.35
CA ILE F 17 38.58 37.10 8.40
C ILE F 17 39.80 37.86 7.88
N GLY F 18 40.82 37.95 8.72
CA GLY F 18 42.09 38.61 8.39
C GLY F 18 42.24 39.99 8.99
N GLN F 19 41.11 40.61 9.35
CA GLN F 19 41.02 41.93 9.97
C GLN F 19 41.39 41.82 11.46
N SER F 20 42.00 42.87 12.02
CA SER F 20 42.44 43.01 13.41
C SER F 20 41.30 43.54 14.28
N VAL F 21 41.18 43.00 15.52
CA VAL F 21 40.13 43.37 16.46
C VAL F 21 40.68 43.57 17.88
N SER F 22 40.00 44.41 18.66
CA SER F 22 40.35 44.76 20.04
C SER F 22 39.12 44.64 20.91
N ILE F 23 39.23 43.83 21.97
CA ILE F 23 38.16 43.59 22.94
C ILE F 23 38.63 44.29 24.20
N SER F 24 37.75 45.11 24.80
CA SER F 24 38.05 45.88 26.00
C SER F 24 37.31 45.40 27.23
N CYS F 25 37.97 45.56 28.37
CA CYS F 25 37.45 45.23 29.69
C CYS F 25 37.80 46.39 30.60
N ARG F 26 36.84 46.86 31.37
CA ARG F 26 37.01 48.00 32.29
C ARG F 26 36.64 47.50 33.68
N SER F 27 37.43 47.87 34.69
CA SER F 27 37.22 47.43 36.07
C SER F 27 36.66 48.55 36.96
N SER F 28 35.73 48.23 37.88
CA SER F 28 35.17 49.20 38.82
C SER F 28 36.20 49.78 39.80
N GLN F 29 37.17 48.95 40.25
CA GLN F 29 38.26 49.37 41.13
C GLN F 29 39.60 48.89 40.53
N SER F 30 40.76 49.49 40.94
CA SER F 30 42.09 49.06 40.48
C SER F 30 42.32 47.56 40.75
N LEU F 31 42.87 46.87 39.73
CA LEU F 31 43.17 45.45 39.80
C LEU F 31 44.64 45.15 40.10
N LEU F 32 45.42 46.18 40.42
CA LEU F 32 46.81 46.00 40.80
C LEU F 32 46.84 45.54 42.28
N GLU F 33 47.39 44.34 42.51
CA GLU F 33 47.51 43.77 43.86
C GLU F 33 48.78 44.25 44.59
N SER F 34 48.79 44.13 45.93
CA SER F 34 49.91 44.45 46.85
C SER F 34 51.30 43.92 46.40
N ASP F 35 51.33 42.83 45.61
CA ASP F 35 52.54 42.16 45.15
C ASP F 35 53.09 42.72 43.84
N GLY F 36 52.44 43.77 43.34
CA GLY F 36 52.83 44.43 42.11
C GLY F 36 52.28 43.77 40.87
N ASN F 37 51.50 42.70 41.03
CA ASN F 37 50.89 42.01 39.89
C ASN F 37 49.42 42.35 39.76
N THR F 38 48.97 42.43 38.50
CA THR F 38 47.60 42.75 38.10
C THR F 38 47.01 41.47 37.56
N TYR F 39 46.08 40.92 38.35
CA TYR F 39 45.44 39.64 38.06
C TYR F 39 44.22 39.72 37.13
N LEU F 40 44.44 40.03 35.85
CA LEU F 40 43.41 40.10 34.84
C LEU F 40 43.79 39.03 33.81
N ASN F 41 42.84 38.10 33.53
CA ASN F 41 42.98 37.05 32.53
C ASN F 41 41.93 37.16 31.39
N TRP F 42 42.28 36.66 30.18
CA TRP F 42 41.41 36.65 29.02
C TRP F 42 41.17 35.23 28.58
N LEU F 43 39.88 34.85 28.46
CA LEU F 43 39.44 33.51 28.05
C LEU F 43 38.55 33.57 26.82
N LEU F 44 38.62 32.47 26.01
CA LEU F 44 37.82 32.21 24.82
C LEU F 44 36.96 30.95 25.05
N GLN F 45 35.67 31.06 24.69
CA GLN F 45 34.75 29.94 24.71
C GLN F 45 34.12 29.78 23.30
N ARG F 46 34.70 28.88 22.48
CA ARG F 46 34.23 28.57 21.13
C ARG F 46 32.91 27.81 21.23
N PRO F 47 31.99 27.91 20.23
CA PRO F 47 30.71 27.18 20.34
C PRO F 47 30.81 25.68 20.66
N GLY F 48 30.07 25.27 21.69
CA GLY F 48 30.02 23.89 22.16
C GLY F 48 31.23 23.40 22.94
N GLN F 49 32.19 24.30 23.24
CA GLN F 49 33.42 23.94 23.97
C GLN F 49 33.54 24.67 25.34
N SER F 50 34.53 24.28 26.15
CA SER F 50 34.74 24.85 27.48
C SER F 50 35.70 26.06 27.43
N PRO F 51 35.66 27.06 28.40
CA PRO F 51 36.61 28.20 28.32
C PRO F 51 38.06 27.75 28.19
N GLN F 52 38.83 28.53 27.46
CA GLN F 52 40.24 28.27 27.21
C GLN F 52 41.01 29.55 27.50
N LEU F 53 42.07 29.47 28.33
CA LEU F 53 42.91 30.62 28.68
C LEU F 53 43.76 31.08 27.47
N LEU F 54 43.59 32.36 27.11
CA LEU F 54 44.34 32.97 26.01
C LEU F 54 45.49 33.75 26.62
N ILE F 55 45.16 34.63 27.60
CA ILE F 55 46.09 35.53 28.27
C ILE F 55 45.86 35.61 29.78
N TYR F 56 46.96 35.48 30.52
CA TYR F 56 47.01 35.58 31.98
C TYR F 56 47.88 36.77 32.31
N SER F 57 47.67 37.37 33.49
CA SER F 57 48.44 38.51 34.00
C SER F 57 48.66 39.68 33.04
N VAL F 58 47.57 40.18 32.43
CA VAL F 58 47.51 41.34 31.51
C VAL F 58 48.09 41.12 30.10
N SER F 59 49.40 40.87 29.98
CA SER F 59 50.10 40.74 28.70
C SER F 59 50.75 39.38 28.42
N ASN F 60 50.66 38.44 29.37
CA ASN F 60 51.27 37.11 29.23
C ASN F 60 50.44 36.10 28.44
N LEU F 61 50.96 35.69 27.27
CA LEU F 61 50.32 34.71 26.40
C LEU F 61 50.56 33.31 26.97
N GLU F 62 49.57 32.43 26.86
CA GLU F 62 49.62 31.07 27.36
C GLU F 62 50.15 30.14 26.26
N SER F 63 50.86 29.08 26.65
CA SER F 63 51.46 28.08 25.77
C SER F 63 50.40 27.44 24.87
N GLY F 64 50.70 27.38 23.59
CA GLY F 64 49.81 26.80 22.59
C GLY F 64 48.88 27.78 21.91
N VAL F 65 48.82 29.04 22.44
CA VAL F 65 47.97 30.11 21.89
C VAL F 65 48.74 30.85 20.77
N PRO F 66 48.16 31.00 19.53
CA PRO F 66 48.88 31.70 18.44
C PRO F 66 49.20 33.17 18.75
N ASN F 67 50.38 33.62 18.26
CA ASN F 67 50.92 34.96 18.47
C ASN F 67 50.06 36.13 18.05
N ARG F 68 48.94 35.89 17.31
CA ARG F 68 47.99 36.94 16.88
C ARG F 68 47.20 37.50 18.07
N PHE F 69 47.28 36.80 19.24
CA PHE F 69 46.66 37.24 20.49
C PHE F 69 47.66 38.01 21.31
N SER F 70 47.22 39.12 21.90
CA SER F 70 48.05 39.99 22.74
C SER F 70 47.17 40.82 23.66
N GLY F 71 47.72 41.15 24.81
CA GLY F 71 47.05 41.93 25.83
C GLY F 71 47.86 43.09 26.36
N SER F 72 47.16 44.10 26.80
CA SER F 72 47.72 45.31 27.40
C SER F 72 46.70 45.83 28.39
N GLY F 73 47.10 46.78 29.22
CA GLY F 73 46.17 47.35 30.16
C GLY F 73 46.80 48.17 31.24
N SER F 74 46.02 49.11 31.77
CA SER F 74 46.40 49.96 32.88
C SER F 74 46.11 49.14 34.18
N GLU F 75 45.46 49.78 35.17
CA GLU F 75 45.07 49.22 36.45
C GLU F 75 43.57 49.03 36.46
N THR F 76 42.85 49.81 35.64
CA THR F 76 41.40 49.72 35.49
C THR F 76 40.93 49.48 34.06
N ASP F 77 41.80 49.67 33.04
CA ASP F 77 41.41 49.44 31.63
C ASP F 77 42.30 48.41 30.96
N PHE F 78 41.69 47.35 30.40
CA PHE F 78 42.43 46.23 29.79
C PHE F 78 41.96 45.97 28.37
N THR F 79 42.90 45.48 27.49
CA THR F 79 42.60 45.24 26.10
C THR F 79 43.21 43.96 25.49
N LEU F 80 42.33 43.12 24.86
CA LEU F 80 42.76 41.95 24.10
C LEU F 80 42.75 42.28 22.59
N LYS F 81 43.87 42.01 21.92
CA LYS F 81 44.01 42.28 20.50
C LYS F 81 44.27 40.99 19.71
N ILE F 82 43.48 40.80 18.65
CA ILE F 82 43.58 39.69 17.70
C ILE F 82 44.05 40.32 16.38
N SER F 83 45.30 40.03 15.99
CA SER F 83 45.90 40.60 14.78
C SER F 83 45.74 39.65 13.62
N GLY F 84 44.61 39.81 12.93
CA GLY F 84 44.21 38.98 11.81
C GLY F 84 43.38 37.82 12.33
N VAL F 85 42.06 38.06 12.49
CA VAL F 85 41.14 37.06 13.01
C VAL F 85 41.00 35.89 12.03
N GLU F 86 41.07 34.68 12.59
CA GLU F 86 40.90 33.40 11.91
C GLU F 86 39.55 32.80 12.38
N ALA F 87 38.89 31.97 11.52
CA ALA F 87 37.62 31.30 11.80
C ALA F 87 37.57 30.66 13.21
N GLU F 88 38.69 30.02 13.64
CA GLU F 88 38.84 29.40 14.96
C GLU F 88 38.79 30.42 16.13
N ASP F 89 38.77 31.72 15.84
CA ASP F 89 38.74 32.78 16.85
C ASP F 89 37.33 33.24 17.18
N LEU F 90 36.35 32.74 16.42
CA LEU F 90 34.95 33.06 16.64
C LEU F 90 34.44 32.36 17.89
N GLY F 91 33.78 33.16 18.70
CA GLY F 91 33.21 32.76 19.96
C GLY F 91 33.05 33.93 20.92
N VAL F 92 32.96 33.61 22.19
CA VAL F 92 32.82 34.62 23.19
C VAL F 92 34.06 34.68 24.03
N TYR F 93 34.58 35.90 24.19
CA TYR F 93 35.76 36.32 24.91
C TYR F 93 35.32 36.93 26.20
N TYR F 94 35.93 36.45 27.30
CA TYR F 94 35.65 36.88 28.65
C TYR F 94 36.90 37.41 29.31
N CYS F 95 36.80 38.59 29.94
CA CYS F 95 37.90 39.08 30.76
C CYS F 95 37.58 38.56 32.16
N MET F 96 38.58 38.47 33.03
CA MET F 96 38.39 37.91 34.37
C MET F 96 39.48 38.36 35.33
N GLN F 97 39.07 38.79 36.52
CA GLN F 97 40.02 39.21 37.54
C GLN F 97 40.05 38.23 38.70
N THR F 98 41.11 38.23 39.53
CA THR F 98 41.25 37.38 40.72
C THR F 98 42.00 38.12 41.85
N THR F 99 42.39 39.41 41.60
CA THR F 99 43.01 40.34 42.56
C THR F 99 42.12 40.39 43.79
N HIS F 100 40.81 40.62 43.58
CA HIS F 100 39.74 40.62 44.58
C HIS F 100 38.98 39.28 44.43
N ALA F 101 37.85 39.05 45.20
CA ALA F 101 37.02 37.83 45.12
C ALA F 101 36.74 37.66 43.64
N PRO F 102 37.04 36.48 43.05
CA PRO F 102 36.97 36.41 41.58
C PRO F 102 35.63 36.70 40.95
N THR F 103 35.65 37.52 39.87
CA THR F 103 34.51 37.92 39.02
C THR F 103 34.87 37.88 37.54
N PHE F 104 33.87 37.69 36.70
CA PHE F 104 34.02 37.60 35.24
C PHE F 104 33.28 38.74 34.54
N GLY F 105 33.69 39.02 33.31
CA GLY F 105 33.02 39.97 32.45
C GLY F 105 31.80 39.28 31.85
N ALA F 106 30.87 40.04 31.27
CA ALA F 106 29.69 39.37 30.70
C ALA F 106 29.95 38.68 29.38
N GLY F 107 31.17 38.81 28.88
CA GLY F 107 31.62 38.21 27.64
C GLY F 107 31.35 39.07 26.43
N THR F 108 32.23 38.96 25.42
CA THR F 108 32.09 39.66 24.16
C THR F 108 32.10 38.64 23.01
N LYS F 109 30.95 38.48 22.32
CA LYS F 109 30.77 37.58 21.20
C LYS F 109 31.46 38.06 19.93
N LEU F 110 32.50 37.34 19.50
CA LEU F 110 33.19 37.60 18.25
C LEU F 110 32.41 36.90 17.12
N GLU F 111 31.58 37.70 16.46
CA GLU F 111 30.63 37.43 15.38
C GLU F 111 31.28 37.68 14.00
N LEU F 112 30.63 37.24 12.92
CA LEU F 112 31.13 37.45 11.57
C LEU F 112 30.27 38.46 10.81
N LYS F 113 30.92 39.46 10.18
CA LYS F 113 30.28 40.50 9.38
C LYS F 113 29.96 39.93 8.00
N ARG F 114 28.80 40.35 7.49
CA ARG F 114 28.25 40.02 6.19
C ARG F 114 27.18 41.06 5.84
N ALA F 115 26.86 41.17 4.55
CA ALA F 115 25.89 42.10 4.03
C ALA F 115 24.51 41.98 4.72
N ASP F 116 23.88 43.12 4.98
CA ASP F 116 22.55 43.16 5.58
C ASP F 116 21.56 42.33 4.78
N ALA F 117 20.74 41.53 5.49
CA ALA F 117 19.73 40.67 4.90
C ALA F 117 18.40 40.91 5.61
N ALA F 118 17.31 40.95 4.83
CA ALA F 118 15.96 41.17 5.34
C ALA F 118 15.36 39.85 5.82
N PRO F 119 14.49 39.86 6.88
CA PRO F 119 13.91 38.60 7.34
C PRO F 119 12.82 38.08 6.43
N THR F 120 12.64 36.75 6.45
CA THR F 120 11.57 36.06 5.75
C THR F 120 10.56 35.76 6.86
N VAL F 121 9.43 36.45 6.84
CA VAL F 121 8.40 36.32 7.88
C VAL F 121 7.27 35.36 7.50
N SER F 122 6.92 34.48 8.44
CA SER F 122 5.87 33.46 8.31
C SER F 122 5.09 33.39 9.61
N ILE F 123 3.75 33.56 9.55
CA ILE F 123 2.86 33.44 10.71
C ILE F 123 2.06 32.12 10.55
N PHE F 124 1.95 31.38 11.67
CA PHE F 124 1.25 30.09 11.71
C PHE F 124 0.15 30.07 12.76
N PRO F 125 -1.12 29.77 12.36
CA PRO F 125 -2.21 29.67 13.35
C PRO F 125 -2.10 28.38 14.16
N PRO F 126 -2.67 28.27 15.38
CA PRO F 126 -2.56 27.01 16.13
C PRO F 126 -3.23 25.85 15.41
N SER F 127 -2.69 24.64 15.61
CA SER F 127 -3.30 23.47 14.98
C SER F 127 -4.61 23.12 15.69
N THR F 128 -5.51 22.44 14.98
CA THR F 128 -6.77 21.99 15.55
C THR F 128 -6.49 20.94 16.63
N GLU F 129 -5.47 20.06 16.44
CA GLU F 129 -5.10 19.06 17.45
C GLU F 129 -4.66 19.66 18.77
N GLN F 130 -4.05 20.87 18.74
CA GLN F 130 -3.63 21.58 19.94
C GLN F 130 -4.86 22.17 20.58
N LEU F 131 -5.67 22.91 19.79
CA LEU F 131 -6.94 23.51 20.21
C LEU F 131 -7.89 22.48 20.80
N ALA F 132 -7.74 21.20 20.40
CA ALA F 132 -8.50 20.06 20.90
C ALA F 132 -8.24 19.83 22.40
N THR F 133 -7.15 20.44 22.92
CA THR F 133 -6.76 20.48 24.33
C THR F 133 -7.09 21.93 24.79
N GLY F 134 -6.64 22.33 25.97
CA GLY F 134 -6.92 23.68 26.45
C GLY F 134 -6.13 24.80 25.79
N GLY F 135 -4.89 24.49 25.40
CA GLY F 135 -3.95 25.46 24.84
C GLY F 135 -4.01 25.75 23.37
N ALA F 136 -3.52 26.95 23.02
CA ALA F 136 -3.42 27.52 21.67
C ALA F 136 -2.11 28.33 21.56
N SER F 137 -1.27 28.02 20.56
CA SER F 137 -0.01 28.74 20.34
C SER F 137 0.09 29.28 18.91
N VAL F 138 0.35 30.58 18.78
CA VAL F 138 0.50 31.27 17.50
C VAL F 138 2.00 31.51 17.31
N VAL F 139 2.54 31.07 16.15
CA VAL F 139 3.98 31.14 15.90
C VAL F 139 4.34 32.08 14.76
N CYS F 140 5.35 32.93 14.99
CA CYS F 140 5.92 33.85 14.02
C CYS F 140 7.42 33.57 13.88
N LEU F 141 7.87 33.36 12.63
CA LEU F 141 9.27 33.10 12.35
C LEU F 141 9.85 34.23 11.51
N MET F 142 11.07 34.69 11.87
CA MET F 142 11.80 35.72 11.14
C MET F 142 13.09 35.07 10.73
N ASN F 143 13.20 34.70 9.46
CA ASN F 143 14.35 33.93 9.05
C ASN F 143 15.41 34.54 8.20
N ASN F 144 16.66 34.19 8.52
CA ASN F 144 17.89 34.59 7.84
C ASN F 144 18.07 36.08 7.66
N PHE F 145 17.91 36.82 8.77
CA PHE F 145 18.03 38.26 8.81
C PHE F 145 19.40 38.62 9.40
N TYR F 146 19.94 39.74 8.96
CA TYR F 146 21.20 40.29 9.45
C TYR F 146 21.14 41.82 9.37
N PRO F 147 21.52 42.61 10.41
CA PRO F 147 22.09 42.21 11.71
C PRO F 147 21.11 41.56 12.70
N ARG F 148 21.67 40.99 13.81
CA ARG F 148 21.00 40.36 14.95
C ARG F 148 19.83 41.21 15.46
N ASP F 149 20.00 42.55 15.52
CA ASP F 149 19.02 43.51 16.02
C ASP F 149 17.72 43.45 15.22
N ILE F 150 16.60 43.19 15.92
CA ILE F 150 15.25 43.05 15.38
C ILE F 150 14.21 43.25 16.50
N SER F 151 12.98 43.64 16.12
CA SER F 151 11.87 43.86 17.03
C SER F 151 10.60 43.27 16.46
N VAL F 152 9.96 42.37 17.19
CA VAL F 152 8.70 41.70 16.81
C VAL F 152 7.56 42.17 17.73
N LYS F 153 6.37 42.45 17.15
CA LYS F 153 5.20 42.90 17.91
C LYS F 153 3.95 42.10 17.56
N TRP F 154 3.25 41.55 18.56
CA TRP F 154 2.01 40.82 18.35
C TRP F 154 0.81 41.76 18.51
N LYS F 155 -0.01 41.87 17.47
CA LYS F 155 -1.25 42.65 17.50
C LYS F 155 -2.43 41.72 17.26
N ILE F 156 -3.38 41.69 18.21
CA ILE F 156 -4.59 40.86 18.13
C ILE F 156 -5.79 41.78 17.93
N ASP F 157 -6.35 41.77 16.70
CA ASP F 157 -7.46 42.64 16.27
C ASP F 157 -7.09 44.13 16.50
N GLY F 158 -5.86 44.49 16.10
CA GLY F 158 -5.31 45.84 16.24
C GLY F 158 -4.48 46.12 17.47
N THR F 159 -4.97 45.72 18.67
CA THR F 159 -4.27 45.99 19.94
C THR F 159 -3.14 45.03 20.27
N GLU F 160 -1.99 45.59 20.67
CA GLU F 160 -0.78 44.87 21.03
C GLU F 160 -0.96 43.95 22.24
N ARG F 161 -0.29 42.80 22.24
CA ARG F 161 -0.35 41.88 23.36
C ARG F 161 1.02 41.21 23.56
N ARG F 162 1.52 41.24 24.80
CA ARG F 162 2.81 40.66 25.21
C ARG F 162 2.62 39.58 26.28
N ASP F 163 1.37 39.46 26.77
CA ASP F 163 0.90 38.52 27.80
C ASP F 163 0.97 37.06 27.25
N GLY F 164 2.10 36.38 27.42
CA GLY F 164 2.26 35.00 26.94
C GLY F 164 3.17 34.85 25.72
N VAL F 165 3.99 35.87 25.44
CA VAL F 165 4.92 35.89 24.32
C VAL F 165 6.31 35.36 24.74
N LEU F 166 6.89 34.46 23.93
CA LEU F 166 8.22 33.92 24.18
C LEU F 166 9.05 33.94 22.92
N ASP F 167 10.27 34.51 23.02
CA ASP F 167 11.24 34.70 21.93
C ASP F 167 12.44 33.75 22.03
N SER F 168 13.05 33.48 20.88
CA SER F 168 14.21 32.61 20.75
C SER F 168 14.94 32.99 19.48
N VAL F 169 16.22 33.27 19.60
CA VAL F 169 17.11 33.67 18.52
C VAL F 169 18.16 32.61 18.37
N THR F 170 18.35 32.11 17.15
CA THR F 170 19.40 31.15 16.84
C THR F 170 20.74 31.87 16.87
N ASP F 171 21.82 31.10 17.04
CA ASP F 171 23.19 31.60 16.94
C ASP F 171 23.40 31.83 15.43
N GLN F 172 24.48 32.57 15.08
CA GLN F 172 24.88 32.83 13.70
C GLN F 172 25.13 31.50 12.97
N ASP F 173 24.63 31.39 11.75
CA ASP F 173 24.72 30.21 10.88
C ASP F 173 26.14 29.94 10.33
N SER F 174 26.52 28.67 10.37
CA SER F 174 27.78 28.11 9.87
C SER F 174 27.86 28.26 8.33
N LYS F 175 26.71 28.07 7.64
CA LYS F 175 26.62 28.17 6.19
C LYS F 175 26.54 29.60 5.66
N ASP F 176 25.45 30.35 6.02
CA ASP F 176 25.24 31.70 5.49
C ASP F 176 25.47 32.88 6.43
N SER F 177 25.78 32.58 7.70
CA SER F 177 26.04 33.56 8.76
C SER F 177 24.87 34.49 9.13
N THR F 178 23.62 34.08 8.85
CA THR F 178 22.51 34.96 9.22
C THR F 178 22.00 34.66 10.62
N TYR F 179 21.03 35.46 11.09
CA TYR F 179 20.35 35.25 12.37
C TYR F 179 18.89 34.90 12.14
N SER F 180 18.32 34.01 12.97
CA SER F 180 16.90 33.65 12.87
C SER F 180 16.19 33.88 14.21
N MET F 181 14.88 34.13 14.19
CA MET F 181 14.13 34.33 15.44
C MET F 181 12.74 33.70 15.36
N SER F 182 12.26 33.13 16.48
CA SER F 182 10.90 32.59 16.57
C SER F 182 10.18 33.16 17.79
N SER F 183 8.99 33.69 17.54
CA SER F 183 8.15 34.25 18.57
C SER F 183 6.81 33.48 18.66
N THR F 184 6.56 32.81 19.84
CA THR F 184 5.33 32.05 20.13
C THR F 184 4.45 32.83 21.11
N LEU F 185 3.17 32.99 20.78
CA LEU F 185 2.22 33.65 21.67
C LEU F 185 1.30 32.57 22.23
N SER F 186 1.54 32.15 23.49
CA SER F 186 0.70 31.15 24.13
C SER F 186 -0.60 31.78 24.66
N LEU F 187 -1.72 31.17 24.26
CA LEU F 187 -3.08 31.59 24.56
C LEU F 187 -3.91 30.37 25.00
N THR F 188 -5.14 30.60 25.51
CA THR F 188 -6.05 29.54 25.90
C THR F 188 -7.08 29.42 24.77
N LYS F 189 -7.62 28.18 24.49
CA LYS F 189 -8.58 27.90 23.40
C LYS F 189 -9.75 28.89 23.40
N ALA F 190 -10.29 29.18 24.59
CA ALA F 190 -11.39 30.12 24.78
C ALA F 190 -10.96 31.56 24.48
N ASP F 191 -9.74 31.96 24.94
CA ASP F 191 -9.17 33.29 24.70
C ASP F 191 -8.88 33.46 23.21
N TYR F 192 -8.24 32.45 22.57
CA TYR F 192 -7.92 32.47 21.14
C TYR F 192 -9.19 32.67 20.31
N GLU F 193 -10.28 31.98 20.69
CA GLU F 193 -11.57 32.05 20.01
C GLU F 193 -12.33 33.37 20.20
N SER F 194 -11.91 34.21 21.16
CA SER F 194 -12.50 35.52 21.48
C SER F 194 -12.05 36.62 20.50
N HIS F 195 -11.04 36.33 19.64
CA HIS F 195 -10.50 37.31 18.68
C HIS F 195 -10.58 36.82 17.21
N ASN F 196 -10.25 37.65 16.22
CA ASN F 196 -10.35 37.23 14.82
C ASN F 196 -9.11 37.48 14.00
N LEU F 197 -8.50 38.68 14.10
CA LEU F 197 -7.26 38.96 13.34
C LEU F 197 -5.99 38.91 14.18
N TYR F 198 -5.09 37.98 13.83
CA TYR F 198 -3.81 37.79 14.49
C TYR F 198 -2.71 38.32 13.59
N THR F 199 -1.88 39.22 14.13
CA THR F 199 -0.82 39.90 13.40
C THR F 199 0.51 39.84 14.18
N CYS F 200 1.63 39.48 13.52
CA CYS F 200 2.97 39.56 14.12
C CYS F 200 3.73 40.58 13.26
N GLU F 201 4.26 41.64 13.89
CA GLU F 201 4.92 42.68 13.11
C GLU F 201 6.37 42.92 13.45
N VAL F 202 7.19 42.82 12.42
CA VAL F 202 8.64 42.78 12.44
C VAL F 202 9.26 44.10 12.04
N VAL F 203 10.19 44.61 12.86
CA VAL F 203 10.95 45.82 12.61
C VAL F 203 12.44 45.47 12.57
N HIS F 204 13.05 45.70 11.41
CA HIS F 204 14.46 45.45 11.14
C HIS F 204 15.03 46.63 10.37
N LYS F 205 16.35 46.74 10.39
CA LYS F 205 17.19 47.73 9.72
C LYS F 205 16.87 47.83 8.23
N THR F 206 16.81 46.66 7.56
CA THR F 206 16.62 46.48 6.11
C THR F 206 15.32 47.03 5.50
N SER F 207 14.40 47.55 6.33
CA SER F 207 13.15 48.14 5.86
C SER F 207 12.73 49.33 6.71
N SER F 208 12.16 50.35 6.06
CA SER F 208 11.69 51.57 6.69
C SER F 208 10.35 51.29 7.38
N SER F 209 9.43 50.65 6.64
CA SER F 209 8.11 50.29 7.15
C SER F 209 8.19 48.86 7.74
N PRO F 210 7.47 48.54 8.86
CA PRO F 210 7.54 47.17 9.39
C PRO F 210 7.07 46.08 8.44
N VAL F 211 7.50 44.83 8.70
CA VAL F 211 7.04 43.68 7.91
C VAL F 211 5.83 43.11 8.66
N VAL F 212 4.65 43.12 7.99
CA VAL F 212 3.39 42.68 8.57
C VAL F 212 2.89 41.41 7.91
N LYS F 213 2.70 40.36 8.75
CA LYS F 213 2.15 39.06 8.38
C LYS F 213 1.01 38.77 9.35
N SER F 214 -0.16 38.47 8.80
CA SER F 214 -1.38 38.20 9.58
C SER F 214 -2.26 37.10 8.98
N PHE F 215 -3.25 36.61 9.75
CA PHE F 215 -4.23 35.62 9.28
C PHE F 215 -5.64 35.88 9.86
N ASN F 216 -6.69 35.52 9.08
CA ASN F 216 -8.07 35.67 9.54
C ASN F 216 -8.49 34.52 10.45
N ARG F 217 -8.20 33.26 10.05
CA ARG F 217 -8.54 31.96 10.70
C ARG F 217 -8.72 30.81 9.65
N VAL G 2 -35.84 -35.49 0.60
CA VAL G 2 -34.60 -36.06 0.07
C VAL G 2 -33.65 -34.95 -0.36
N LYS G 3 -32.35 -35.14 -0.09
CA LYS G 3 -31.26 -34.24 -0.49
C LYS G 3 -29.96 -35.05 -0.72
N LEU G 4 -29.22 -34.73 -1.79
CA LEU G 4 -27.95 -35.40 -2.16
C LEU G 4 -26.95 -34.38 -2.65
N GLN G 5 -25.73 -34.43 -2.12
CA GLN G 5 -24.72 -33.45 -2.45
C GLN G 5 -23.35 -34.03 -2.76
N GLU G 6 -22.98 -34.02 -4.03
CA GLU G 6 -21.68 -34.48 -4.50
C GLU G 6 -20.63 -33.45 -4.08
N SER G 7 -19.33 -33.87 -4.05
CA SER G 7 -18.11 -33.06 -3.82
C SER G 7 -16.93 -33.90 -4.31
N GLY G 8 -15.75 -33.30 -4.40
CA GLY G 8 -14.55 -34.03 -4.78
C GLY G 8 -14.03 -33.83 -6.19
N GLY G 9 -14.85 -33.22 -7.07
CA GLY G 9 -14.50 -32.93 -8.45
C GLY G 9 -13.42 -31.89 -8.60
N GLY G 10 -12.74 -31.92 -9.74
CA GLY G 10 -11.65 -31.02 -10.06
C GLY G 10 -10.78 -31.50 -11.22
N LEU G 11 -9.74 -30.73 -11.52
CA LEU G 11 -8.80 -31.01 -12.59
C LEU G 11 -7.63 -31.85 -12.07
N VAL G 12 -7.23 -32.86 -12.86
CA VAL G 12 -6.11 -33.75 -12.60
C VAL G 12 -5.45 -34.14 -13.92
N GLN G 13 -4.20 -34.57 -13.87
CA GLN G 13 -3.49 -35.11 -15.05
C GLN G 13 -3.79 -36.64 -15.11
N PRO G 14 -3.60 -37.30 -16.28
CA PRO G 14 -3.86 -38.75 -16.35
C PRO G 14 -3.00 -39.54 -15.36
N GLY G 15 -3.53 -40.68 -14.93
CA GLY G 15 -2.85 -41.56 -14.00
C GLY G 15 -3.11 -41.23 -12.55
N ARG G 16 -3.47 -39.97 -12.28
CA ARG G 16 -3.77 -39.47 -10.92
C ARG G 16 -5.06 -40.06 -10.38
N SER G 17 -5.28 -39.90 -9.09
CA SER G 17 -6.44 -40.44 -8.37
C SER G 17 -7.30 -39.32 -7.81
N LEU G 18 -8.58 -39.64 -7.56
CA LEU G 18 -9.53 -38.69 -6.99
C LEU G 18 -10.61 -39.44 -6.25
N LYS G 19 -11.11 -38.87 -5.14
CA LYS G 19 -12.18 -39.47 -4.36
C LYS G 19 -13.35 -38.52 -4.18
N LEU G 20 -14.48 -38.91 -4.77
CA LEU G 20 -15.68 -38.09 -4.65
C LEU G 20 -16.45 -38.52 -3.42
N SER G 21 -17.40 -37.73 -3.00
CA SER G 21 -18.28 -38.09 -1.89
C SER G 21 -19.70 -37.54 -2.11
N CYS G 22 -20.69 -38.16 -1.49
CA CYS G 22 -22.07 -37.71 -1.63
C CYS G 22 -22.76 -37.62 -0.28
N ALA G 23 -22.96 -36.38 0.20
CA ALA G 23 -23.64 -36.11 1.46
C ALA G 23 -25.12 -36.34 1.28
N ALA G 24 -25.74 -37.16 2.13
CA ALA G 24 -27.16 -37.44 2.01
C ALA G 24 -27.99 -37.05 3.25
N SER G 25 -29.18 -36.48 3.04
CA SER G 25 -30.10 -36.09 4.11
C SER G 25 -31.57 -36.13 3.62
N GLY G 26 -32.50 -36.08 4.57
CA GLY G 26 -33.92 -36.09 4.28
C GLY G 26 -34.53 -37.46 4.04
N PHE G 27 -33.71 -38.52 4.10
CA PHE G 27 -34.19 -39.90 3.90
C PHE G 27 -33.38 -40.92 4.71
N THR G 28 -33.87 -42.17 4.78
CA THR G 28 -33.15 -43.23 5.46
C THR G 28 -32.16 -43.83 4.46
N PHE G 29 -30.92 -43.28 4.49
CA PHE G 29 -29.79 -43.64 3.65
C PHE G 29 -29.46 -45.14 3.60
N SER G 30 -29.58 -45.83 4.76
CA SER G 30 -29.32 -47.25 4.94
C SER G 30 -30.31 -48.20 4.24
N ASP G 31 -31.46 -47.68 3.79
CA ASP G 31 -32.49 -48.46 3.10
C ASP G 31 -32.43 -48.23 1.59
N SER G 32 -31.71 -47.17 1.15
CA SER G 32 -31.61 -46.75 -0.24
C SER G 32 -30.44 -47.35 -1.01
N TYR G 33 -30.73 -47.76 -2.27
CA TYR G 33 -29.75 -48.25 -3.26
C TYR G 33 -29.28 -46.98 -3.97
N LEU G 34 -27.96 -46.82 -4.15
CA LEU G 34 -27.40 -45.62 -4.81
C LEU G 34 -26.58 -45.96 -6.08
N ALA G 35 -26.30 -44.91 -6.91
CA ALA G 35 -25.51 -45.00 -8.14
C ALA G 35 -24.69 -43.75 -8.41
N TRP G 36 -23.62 -43.92 -9.19
CA TRP G 36 -22.79 -42.88 -9.68
C TRP G 36 -22.98 -42.93 -11.18
N VAL G 37 -23.47 -41.81 -11.75
CA VAL G 37 -23.78 -41.63 -13.17
C VAL G 37 -22.99 -40.44 -13.69
N ARG G 38 -22.20 -40.64 -14.78
CA ARG G 38 -21.43 -39.55 -15.36
C ARG G 38 -21.99 -39.00 -16.71
N GLN G 39 -21.73 -37.73 -17.01
CA GLN G 39 -22.17 -37.12 -18.26
C GLN G 39 -21.06 -36.36 -18.98
N ALA G 40 -20.55 -36.99 -20.04
CA ALA G 40 -19.52 -36.56 -20.95
C ALA G 40 -20.19 -35.93 -22.16
N PRO G 41 -19.52 -35.08 -22.96
CA PRO G 41 -20.23 -34.50 -24.13
C PRO G 41 -20.48 -35.54 -25.21
N THR G 42 -19.40 -36.16 -25.68
CA THR G 42 -19.28 -37.19 -26.73
C THR G 42 -19.85 -38.58 -26.37
N LYS G 43 -19.80 -38.97 -25.06
CA LYS G 43 -20.25 -40.29 -24.57
C LYS G 43 -21.73 -40.36 -24.08
N GLY G 44 -22.26 -39.22 -23.65
CA GLY G 44 -23.61 -39.08 -23.12
C GLY G 44 -23.71 -39.50 -21.67
N LEU G 45 -24.94 -39.88 -21.23
CA LEU G 45 -25.11 -40.37 -19.85
C LEU G 45 -24.58 -41.80 -19.73
N GLU G 46 -23.96 -42.13 -18.60
CA GLU G 46 -23.36 -43.44 -18.36
C GLU G 46 -23.48 -43.87 -16.92
N TRP G 47 -23.73 -45.16 -16.71
CA TRP G 47 -23.79 -45.75 -15.38
C TRP G 47 -22.34 -46.11 -15.00
N VAL G 48 -21.84 -45.54 -13.92
CA VAL G 48 -20.47 -45.81 -13.59
C VAL G 48 -20.40 -46.98 -12.61
N ALA G 49 -20.93 -46.79 -11.40
CA ALA G 49 -20.95 -47.77 -10.34
C ALA G 49 -22.20 -47.61 -9.53
N SER G 50 -22.66 -48.73 -8.94
CA SER G 50 -23.81 -48.77 -8.07
C SER G 50 -23.54 -49.81 -7.00
N ILE G 51 -24.24 -49.65 -5.86
CA ILE G 51 -24.10 -50.48 -4.68
C ILE G 51 -25.46 -50.68 -4.00
N THR G 52 -25.52 -51.69 -3.11
CA THR G 52 -26.73 -52.06 -2.40
C THR G 52 -26.88 -51.45 -1.00
N ASN G 53 -28.15 -51.24 -0.57
CA ASN G 53 -28.52 -50.59 0.70
C ASN G 53 -27.68 -50.86 1.94
N SER G 54 -27.25 -52.13 2.11
CA SER G 54 -26.45 -52.63 3.25
C SER G 54 -25.06 -53.07 2.80
N GLY G 55 -24.81 -52.91 1.51
CA GLY G 55 -23.66 -53.45 0.81
C GLY G 55 -24.04 -54.88 0.38
N GLY G 56 -23.07 -55.63 -0.08
CA GLY G 56 -23.28 -57.02 -0.47
C GLY G 56 -23.17 -57.25 -1.96
N ARG G 57 -23.82 -56.37 -2.73
CA ARG G 57 -23.77 -56.36 -4.19
C ARG G 57 -23.44 -54.98 -4.72
N PHE G 58 -22.66 -54.96 -5.80
CA PHE G 58 -22.19 -53.74 -6.42
C PHE G 58 -22.08 -53.93 -7.91
N TYR G 59 -21.76 -52.85 -8.66
CA TYR G 59 -21.62 -52.92 -10.11
C TYR G 59 -20.65 -51.83 -10.57
N TYR G 60 -19.78 -52.17 -11.55
CA TYR G 60 -18.84 -51.25 -12.18
C TYR G 60 -18.92 -51.51 -13.66
N ARG G 61 -19.12 -50.46 -14.48
CA ARG G 61 -19.16 -50.64 -15.93
C ARG G 61 -17.77 -51.10 -16.42
N ASP G 62 -17.72 -51.89 -17.51
CA ASP G 62 -16.48 -52.43 -18.07
C ASP G 62 -15.35 -51.44 -18.16
N SER G 63 -15.63 -50.17 -18.53
CA SER G 63 -14.65 -49.05 -18.64
C SER G 63 -13.95 -48.69 -17.33
N VAL G 64 -14.61 -48.90 -16.17
CA VAL G 64 -14.09 -48.47 -14.87
C VAL G 64 -13.63 -49.60 -13.91
N LYS G 65 -13.80 -50.88 -14.32
CA LYS G 65 -13.42 -52.09 -13.58
C LYS G 65 -11.92 -52.10 -13.35
N GLY G 66 -11.51 -52.32 -12.09
CA GLY G 66 -10.11 -52.34 -11.69
C GLY G 66 -9.56 -50.99 -11.23
N ARG G 67 -10.09 -49.88 -11.76
CA ARG G 67 -9.65 -48.53 -11.44
C ARG G 67 -10.57 -47.82 -10.43
N PHE G 68 -11.89 -48.03 -10.54
CA PHE G 68 -12.85 -47.37 -9.66
C PHE G 68 -13.32 -48.25 -8.50
N THR G 69 -13.69 -47.62 -7.38
CA THR G 69 -14.19 -48.30 -6.21
C THR G 69 -15.36 -47.55 -5.57
N ILE G 70 -16.51 -48.20 -5.48
CA ILE G 70 -17.70 -47.65 -4.82
C ILE G 70 -17.77 -48.18 -3.38
N SER G 71 -18.23 -47.35 -2.44
CA SER G 71 -18.37 -47.66 -1.02
C SER G 71 -19.34 -46.69 -0.35
N ARG G 72 -19.78 -47.00 0.86
CA ARG G 72 -20.70 -46.17 1.63
C ARG G 72 -20.51 -46.34 3.14
N ASP G 73 -20.77 -45.26 3.89
CA ASP G 73 -20.72 -45.20 5.34
C ASP G 73 -22.13 -44.83 5.75
N ASN G 74 -22.93 -45.83 6.12
CA ASN G 74 -24.34 -45.68 6.50
C ASN G 74 -24.52 -44.86 7.79
N ALA G 75 -23.53 -44.91 8.68
CA ALA G 75 -23.49 -44.19 9.95
C ALA G 75 -23.27 -42.69 9.70
N LYS G 76 -22.53 -42.37 8.62
CA LYS G 76 -22.19 -41.01 8.21
C LYS G 76 -23.06 -40.47 7.06
N SER G 77 -23.99 -41.29 6.51
CA SER G 77 -24.86 -40.91 5.39
C SER G 77 -24.06 -40.40 4.18
N THR G 78 -22.94 -41.09 3.85
CA THR G 78 -22.12 -40.69 2.73
C THR G 78 -21.86 -41.83 1.76
N LEU G 79 -21.92 -41.54 0.45
CA LEU G 79 -21.60 -42.47 -0.63
C LEU G 79 -20.26 -41.99 -1.21
N TYR G 80 -19.41 -42.92 -1.70
CA TYR G 80 -18.07 -42.60 -2.20
C TYR G 80 -17.74 -43.29 -3.50
N LEU G 81 -16.81 -42.68 -4.25
CA LEU G 81 -16.27 -43.24 -5.48
C LEU G 81 -14.80 -42.92 -5.54
N GLN G 82 -13.97 -43.94 -5.40
CA GLN G 82 -12.53 -43.76 -5.50
C GLN G 82 -12.19 -43.96 -6.96
N MET G 83 -11.69 -42.93 -7.58
CA MET G 83 -11.32 -43.03 -8.98
C MET G 83 -9.80 -42.99 -9.05
N ASP G 84 -9.18 -44.13 -9.32
CA ASP G 84 -7.73 -44.21 -9.42
C ASP G 84 -7.38 -44.37 -10.88
N SER G 85 -6.12 -44.09 -11.27
CA SER G 85 -5.63 -44.21 -12.66
C SER G 85 -6.57 -43.56 -13.69
N LEU G 86 -6.94 -42.30 -13.42
CA LEU G 86 -7.87 -41.51 -14.24
C LEU G 86 -7.38 -41.29 -15.64
N ARG G 87 -8.30 -41.36 -16.62
CA ARG G 87 -8.07 -41.16 -18.06
C ARG G 87 -8.89 -39.99 -18.59
N SER G 88 -8.57 -39.49 -19.80
CA SER G 88 -9.29 -38.37 -20.44
C SER G 88 -10.74 -38.77 -20.70
N GLU G 89 -10.93 -40.08 -21.04
CA GLU G 89 -12.19 -40.80 -21.26
C GLU G 89 -13.14 -40.61 -20.02
N ASP G 90 -12.59 -40.48 -18.81
CA ASP G 90 -13.40 -40.30 -17.60
C ASP G 90 -13.92 -38.90 -17.40
N THR G 91 -13.43 -37.93 -18.25
CA THR G 91 -13.87 -36.53 -18.19
C THR G 91 -15.37 -36.52 -18.40
N ALA G 92 -16.09 -35.89 -17.45
CA ALA G 92 -17.54 -35.81 -17.40
C ALA G 92 -17.96 -35.14 -16.08
N THR G 93 -19.25 -34.85 -15.92
CA THR G 93 -19.81 -34.35 -14.66
C THR G 93 -20.43 -35.56 -13.91
N TYR G 94 -20.09 -35.74 -12.58
CA TYR G 94 -20.47 -36.87 -11.74
C TYR G 94 -21.70 -36.71 -10.84
N TYR G 95 -22.71 -37.55 -11.10
CA TYR G 95 -23.94 -37.53 -10.37
C TYR G 95 -24.06 -38.70 -9.44
N CYS G 96 -24.47 -38.38 -8.20
CA CYS G 96 -24.74 -39.34 -7.13
C CYS G 96 -26.24 -39.41 -7.18
N THR G 97 -26.79 -40.62 -7.37
CA THR G 97 -28.24 -40.74 -7.53
C THR G 97 -28.90 -41.98 -6.91
N ARG G 98 -30.22 -41.85 -6.60
CA ARG G 98 -31.14 -42.85 -6.03
C ARG G 98 -32.29 -43.01 -7.07
N MET G 99 -32.02 -42.51 -8.30
CA MET G 99 -32.90 -42.46 -9.47
C MET G 99 -34.00 -41.42 -9.35
N ASP G 100 -34.76 -41.47 -8.23
CA ASP G 100 -35.85 -40.54 -7.95
C ASP G 100 -35.30 -39.19 -7.52
N TYR G 101 -34.08 -39.19 -6.99
CA TYR G 101 -33.39 -37.99 -6.55
C TYR G 101 -31.93 -38.02 -6.99
N TRP G 102 -31.50 -36.91 -7.61
CA TRP G 102 -30.15 -36.71 -8.15
C TRP G 102 -29.55 -35.51 -7.45
N GLY G 103 -28.24 -35.50 -7.38
CA GLY G 103 -27.51 -34.37 -6.84
C GLY G 103 -27.21 -33.38 -7.96
N GLN G 104 -26.62 -32.23 -7.59
CA GLN G 104 -26.28 -31.12 -8.50
C GLN G 104 -25.06 -31.50 -9.40
N GLY G 105 -24.28 -32.50 -8.96
CA GLY G 105 -23.10 -32.97 -9.68
C GLY G 105 -21.78 -32.38 -9.18
N THR G 106 -20.68 -32.94 -9.68
CA THR G 106 -19.30 -32.54 -9.41
C THR G 106 -18.52 -32.85 -10.67
N THR G 107 -17.86 -31.83 -11.26
CA THR G 107 -17.17 -32.04 -12.54
C THR G 107 -15.76 -32.55 -12.36
N VAL G 108 -15.41 -33.58 -13.14
CA VAL G 108 -14.08 -34.19 -13.10
C VAL G 108 -13.41 -34.02 -14.47
N THR G 109 -12.31 -33.27 -14.50
CA THR G 109 -11.54 -32.99 -15.72
C THR G 109 -10.19 -33.68 -15.65
N VAL G 110 -9.85 -34.46 -16.69
CA VAL G 110 -8.59 -35.20 -16.75
C VAL G 110 -7.90 -34.81 -18.03
N SER G 111 -6.69 -34.21 -17.91
CA SER G 111 -5.93 -33.74 -19.07
C SER G 111 -4.47 -33.51 -18.79
N SER G 112 -3.63 -33.60 -19.83
CA SER G 112 -2.19 -33.36 -19.76
C SER G 112 -1.88 -31.83 -19.85
N ALA G 113 -2.86 -31.02 -20.34
CA ALA G 113 -2.76 -29.56 -20.47
C ALA G 113 -2.74 -28.91 -19.06
N GLU G 114 -2.09 -27.74 -18.91
CA GLU G 114 -1.99 -27.06 -17.61
C GLU G 114 -2.76 -25.75 -17.64
N THR G 115 -3.15 -25.21 -16.45
CA THR G 115 -3.88 -23.95 -16.31
C THR G 115 -3.16 -22.81 -17.00
N THR G 116 -3.74 -22.40 -18.14
CA THR G 116 -3.31 -21.33 -19.06
C THR G 116 -4.41 -20.23 -19.07
N ALA G 117 -4.01 -18.96 -19.05
CA ALA G 117 -4.95 -17.81 -19.12
C ALA G 117 -5.24 -17.51 -20.62
N PRO G 118 -6.43 -16.97 -20.98
CA PRO G 118 -6.68 -16.67 -22.42
C PRO G 118 -5.91 -15.47 -22.99
N SER G 119 -5.72 -15.48 -24.28
CA SER G 119 -5.16 -14.39 -25.06
C SER G 119 -6.44 -13.81 -25.74
N VAL G 120 -6.73 -12.53 -25.52
CA VAL G 120 -7.95 -11.90 -26.07
C VAL G 120 -7.70 -10.99 -27.27
N TYR G 121 -8.31 -11.31 -28.40
CA TYR G 121 -8.16 -10.53 -29.62
C TYR G 121 -9.47 -9.86 -30.03
N PRO G 122 -9.45 -8.65 -30.62
CA PRO G 122 -10.73 -8.03 -30.98
C PRO G 122 -11.27 -8.47 -32.33
N LEU G 123 -12.60 -8.46 -32.44
CA LEU G 123 -13.31 -8.74 -33.67
C LEU G 123 -14.06 -7.43 -33.99
N ALA G 124 -13.52 -6.70 -34.95
CA ALA G 124 -14.02 -5.41 -35.44
C ALA G 124 -14.24 -5.46 -36.97
N PRO G 125 -15.21 -4.66 -37.53
CA PRO G 125 -15.44 -4.67 -39.00
C PRO G 125 -14.24 -4.26 -39.84
N SER G 133 -27.18 0.26 -39.72
CA SER G 133 -28.06 0.48 -38.57
C SER G 133 -27.48 -0.14 -37.27
N MET G 134 -27.09 -1.43 -37.37
CA MET G 134 -26.51 -2.16 -36.24
C MET G 134 -25.07 -2.55 -36.56
N VAL G 135 -24.24 -2.64 -35.52
CA VAL G 135 -22.85 -3.09 -35.64
C VAL G 135 -22.68 -4.30 -34.76
N THR G 136 -22.00 -5.33 -35.29
CA THR G 136 -21.67 -6.53 -34.54
C THR G 136 -20.17 -6.50 -34.31
N LEU G 137 -19.77 -6.44 -33.04
CA LEU G 137 -18.36 -6.42 -32.61
C LEU G 137 -18.15 -7.72 -31.82
N GLY G 138 -16.90 -8.13 -31.67
CA GLY G 138 -16.61 -9.35 -30.93
C GLY G 138 -15.27 -9.42 -30.25
N CYS G 139 -15.06 -10.52 -29.52
CA CYS G 139 -13.84 -10.88 -28.82
C CYS G 139 -13.53 -12.33 -29.13
N LEU G 140 -12.32 -12.61 -29.61
CA LEU G 140 -11.86 -13.98 -29.83
C LEU G 140 -11.03 -14.34 -28.58
N VAL G 141 -11.51 -15.30 -27.79
CA VAL G 141 -10.89 -15.74 -26.53
C VAL G 141 -10.12 -17.04 -26.83
N LYS G 142 -8.84 -16.93 -27.15
CA LYS G 142 -8.01 -18.06 -27.57
C LYS G 142 -6.94 -18.54 -26.55
N GLY G 143 -6.62 -19.83 -26.63
CA GLY G 143 -5.59 -20.48 -25.84
C GLY G 143 -5.77 -20.53 -24.35
N TYR G 144 -6.96 -20.89 -23.86
CA TYR G 144 -7.16 -21.01 -22.41
C TYR G 144 -7.48 -22.45 -22.02
N PHE G 145 -7.25 -22.78 -20.71
CA PHE G 145 -7.51 -24.07 -20.12
C PHE G 145 -7.46 -24.00 -18.58
N PRO G 146 -8.40 -24.65 -17.82
CA PRO G 146 -9.59 -25.40 -18.25
C PRO G 146 -10.78 -24.48 -18.51
N GLU G 147 -11.98 -25.05 -18.54
CA GLU G 147 -13.20 -24.28 -18.67
C GLU G 147 -13.62 -23.92 -17.23
N PRO G 148 -14.43 -22.88 -16.97
CA PRO G 148 -15.08 -21.94 -17.89
C PRO G 148 -14.47 -20.53 -17.90
N VAL G 149 -14.94 -19.71 -18.87
CA VAL G 149 -14.61 -18.28 -18.97
C VAL G 149 -15.92 -17.51 -18.93
N THR G 150 -15.94 -16.38 -18.23
CA THR G 150 -17.12 -15.51 -18.15
C THR G 150 -16.84 -14.29 -19.03
N VAL G 151 -17.70 -14.02 -20.02
CA VAL G 151 -17.55 -12.86 -20.88
C VAL G 151 -18.68 -11.87 -20.62
N THR G 152 -18.32 -10.62 -20.35
CA THR G 152 -19.28 -9.51 -20.23
C THR G 152 -18.94 -8.39 -21.24
N TRP G 153 -19.88 -7.51 -21.50
CA TRP G 153 -19.65 -6.35 -22.35
C TRP G 153 -19.98 -5.14 -21.51
N ASN G 154 -18.94 -4.27 -21.32
CA ASN G 154 -19.00 -3.02 -20.58
C ASN G 154 -19.49 -3.14 -19.10
N SER G 155 -19.42 -4.34 -18.45
CA SER G 155 -19.83 -4.51 -17.05
C SER G 155 -18.86 -3.83 -16.11
N ALA G 157 -23.26 -4.30 -18.22
CA ALA G 157 -23.94 -3.05 -18.60
C ALA G 157 -24.57 -3.25 -19.92
N LEU G 158 -23.81 -3.74 -20.91
CA LEU G 158 -24.33 -4.11 -22.22
C LEU G 158 -24.69 -5.61 -22.20
N SER G 159 -26.00 -5.98 -22.12
CA SER G 159 -26.46 -7.39 -22.10
C SER G 159 -27.27 -7.85 -23.31
N SER G 160 -28.10 -6.94 -23.85
CA SER G 160 -28.96 -7.21 -24.99
C SER G 160 -28.16 -7.09 -26.27
N GLY G 161 -28.01 -8.20 -26.97
CA GLY G 161 -27.24 -8.28 -28.20
C GLY G 161 -25.99 -9.11 -28.07
N VAL G 162 -25.73 -9.63 -26.84
CA VAL G 162 -24.58 -10.47 -26.42
C VAL G 162 -24.76 -11.97 -26.79
N HIS G 163 -23.84 -12.54 -27.58
CA HIS G 163 -23.85 -13.96 -27.95
C HIS G 163 -22.52 -14.60 -27.58
N THR G 164 -22.47 -15.40 -26.50
CA THR G 164 -21.25 -16.12 -26.10
C THR G 164 -21.33 -17.54 -26.64
N PHE G 165 -20.51 -17.84 -27.64
CA PHE G 165 -20.51 -19.16 -28.30
C PHE G 165 -19.77 -20.23 -27.52
N PRO G 166 -20.21 -21.51 -27.53
CA PRO G 166 -19.51 -22.53 -26.70
C PRO G 166 -18.06 -22.73 -27.08
N ALA G 167 -17.20 -23.08 -26.12
CA ALA G 167 -15.78 -23.27 -26.42
C ALA G 167 -15.51 -24.53 -27.25
N VAL G 168 -14.44 -24.54 -28.00
CA VAL G 168 -14.02 -25.67 -28.84
C VAL G 168 -12.55 -25.97 -28.52
N LEU G 169 -12.21 -27.25 -28.34
CA LEU G 169 -10.83 -27.66 -28.04
C LEU G 169 -9.95 -27.65 -29.28
N GLN G 170 -8.86 -26.89 -29.21
CA GLN G 170 -7.84 -26.72 -30.25
C GLN G 170 -6.44 -26.94 -29.61
N SER G 171 -5.72 -27.99 -30.06
CA SER G 171 -4.38 -28.37 -29.58
C SER G 171 -4.27 -28.39 -28.05
N GLY G 172 -5.26 -28.99 -27.41
CA GLY G 172 -5.35 -29.09 -25.95
C GLY G 172 -5.81 -27.83 -25.25
N LEU G 173 -6.16 -26.77 -26.01
CA LEU G 173 -6.61 -25.50 -25.42
C LEU G 173 -7.94 -25.02 -25.96
N TYR G 174 -8.77 -24.41 -25.10
CA TYR G 174 -10.08 -23.88 -25.48
C TYR G 174 -10.05 -22.52 -26.20
N THR G 175 -10.97 -22.34 -27.14
CA THR G 175 -11.18 -21.14 -27.95
C THR G 175 -12.68 -20.82 -28.03
N LEU G 176 -13.08 -19.58 -27.69
CA LEU G 176 -14.44 -19.14 -27.89
C LEU G 176 -14.54 -17.75 -28.51
N THR G 177 -15.76 -17.36 -28.89
CA THR G 177 -16.07 -16.04 -29.42
C THR G 177 -17.28 -15.50 -28.66
N SER G 178 -17.28 -14.19 -28.41
CA SER G 178 -18.38 -13.46 -27.78
C SER G 178 -18.68 -12.27 -28.68
N SER G 179 -19.95 -12.06 -29.07
CA SER G 179 -20.32 -10.92 -29.91
C SER G 179 -21.35 -10.00 -29.26
N VAL G 180 -21.37 -8.74 -29.71
CA VAL G 180 -22.31 -7.74 -29.23
C VAL G 180 -22.83 -6.92 -30.40
N THR G 181 -24.16 -6.84 -30.49
CA THR G 181 -24.80 -6.03 -31.52
C THR G 181 -25.32 -4.77 -30.87
N VAL G 182 -24.75 -3.63 -31.32
CA VAL G 182 -25.04 -2.27 -30.83
C VAL G 182 -25.51 -1.37 -31.99
N PRO G 183 -26.28 -0.29 -31.74
CA PRO G 183 -26.66 0.60 -32.86
C PRO G 183 -25.43 1.35 -33.38
N SER G 184 -25.39 1.63 -34.70
CA SER G 184 -24.27 2.29 -35.37
C SER G 184 -23.85 3.62 -34.76
N SER G 185 -24.80 4.31 -34.10
CA SER G 185 -24.58 5.59 -33.42
C SER G 185 -23.63 5.43 -32.21
N THR G 186 -23.87 4.40 -31.38
CA THR G 186 -23.11 4.01 -30.17
C THR G 186 -21.59 3.91 -30.40
N TRP G 187 -21.17 3.02 -31.28
CA TRP G 187 -19.76 2.75 -31.54
C TRP G 187 -19.24 3.34 -32.85
N PRO G 188 -18.03 3.97 -32.89
CA PRO G 188 -17.03 4.17 -31.82
C PRO G 188 -17.20 5.37 -30.88
N SER G 189 -18.26 6.20 -31.04
CA SER G 189 -18.54 7.37 -30.19
C SER G 189 -18.42 7.01 -28.72
N GLN G 190 -18.91 5.82 -28.37
CA GLN G 190 -18.85 5.23 -27.03
C GLN G 190 -17.93 4.01 -27.03
N THR G 191 -17.31 3.76 -25.88
CA THR G 191 -16.38 2.66 -25.63
C THR G 191 -17.13 1.34 -25.56
N VAL G 192 -16.71 0.36 -26.40
CA VAL G 192 -17.23 -1.01 -26.39
C VAL G 192 -16.06 -1.93 -26.05
N THR G 193 -16.16 -2.58 -24.88
CA THR G 193 -15.15 -3.45 -24.29
C THR G 193 -15.73 -4.73 -23.78
N CYS G 194 -15.02 -5.83 -24.01
CA CYS G 194 -15.42 -7.12 -23.43
C CYS G 194 -14.56 -7.44 -22.23
N ASN G 195 -15.18 -7.99 -21.22
CA ASN G 195 -14.49 -8.34 -20.00
C ASN G 195 -14.53 -9.86 -19.88
N VAL G 196 -13.37 -10.48 -20.12
CA VAL G 196 -13.12 -11.94 -20.12
C VAL G 196 -12.49 -12.34 -18.79
N ALA G 197 -13.11 -13.26 -18.06
CA ALA G 197 -12.56 -13.73 -16.79
C ALA G 197 -12.31 -15.23 -16.84
N HIS G 198 -11.13 -15.65 -16.34
CA HIS G 198 -10.75 -17.05 -16.28
C HIS G 198 -10.41 -17.34 -14.85
N PRO G 199 -11.39 -17.78 -14.04
CA PRO G 199 -11.13 -18.02 -12.60
C PRO G 199 -9.99 -18.97 -12.32
N ALA G 200 -9.86 -20.03 -13.12
CA ALA G 200 -8.82 -21.05 -12.97
C ALA G 200 -7.42 -20.44 -12.93
N SER G 201 -7.16 -19.38 -13.74
CA SER G 201 -5.87 -18.68 -13.75
C SER G 201 -5.92 -17.37 -12.94
N SER G 202 -7.08 -17.04 -12.34
CA SER G 202 -7.30 -15.83 -11.52
C SER G 202 -6.97 -14.55 -12.35
N THR G 203 -7.37 -14.56 -13.63
CA THR G 203 -7.13 -13.50 -14.60
C THR G 203 -8.43 -12.83 -15.03
N LYS G 204 -8.33 -11.53 -15.36
CA LYS G 204 -9.43 -10.78 -15.97
C LYS G 204 -8.76 -10.03 -17.06
N VAL G 205 -9.27 -10.13 -18.27
CA VAL G 205 -8.72 -9.39 -19.41
C VAL G 205 -9.83 -8.51 -19.97
N ASP G 206 -9.53 -7.22 -20.15
CA ASP G 206 -10.47 -6.26 -20.76
C ASP G 206 -9.90 -5.85 -22.08
N LYS G 207 -10.67 -5.98 -23.17
CA LYS G 207 -10.17 -5.60 -24.49
C LYS G 207 -11.12 -4.64 -25.18
N LYS G 208 -10.65 -3.41 -25.38
CA LYS G 208 -11.38 -2.35 -26.05
C LYS G 208 -11.40 -2.63 -27.55
N ILE G 209 -12.61 -2.63 -28.12
CA ILE G 209 -12.85 -2.86 -29.54
C ILE G 209 -12.67 -1.52 -30.24
N VAL G 210 -11.55 -1.37 -30.93
CA VAL G 210 -11.11 -0.17 -31.64
C VAL G 210 -11.34 -0.35 -33.15
N PRO G 211 -12.00 0.63 -33.82
CA PRO G 211 -12.22 0.49 -35.28
C PRO G 211 -10.91 0.34 -36.05
N ARG G 212 -10.88 -0.60 -37.02
CA ARG G 212 -9.73 -0.95 -37.88
C ARG G 212 -8.99 0.21 -38.58
N ASP H 3 -24.37 -55.83 -24.62
CA ASP H 3 -24.94 -54.60 -24.06
C ASP H 3 -26.25 -54.15 -24.73
N ILE H 4 -27.20 -53.66 -23.90
CA ILE H 4 -28.46 -53.17 -24.43
C ILE H 4 -28.34 -51.78 -25.04
N VAL H 5 -28.86 -51.64 -26.27
CA VAL H 5 -28.88 -50.39 -27.01
C VAL H 5 -30.27 -49.78 -26.94
N LEU H 6 -30.35 -48.58 -26.39
CA LEU H 6 -31.62 -47.83 -26.36
C LEU H 6 -31.54 -46.79 -27.47
N THR H 7 -32.44 -46.89 -28.44
CA THR H 7 -32.48 -45.98 -29.59
C THR H 7 -33.62 -44.99 -29.51
N GLN H 8 -33.29 -43.67 -29.54
CA GLN H 8 -34.27 -42.59 -29.59
C GLN H 8 -34.26 -42.03 -31.04
N THR H 9 -35.05 -42.63 -31.93
CA THR H 9 -35.12 -42.32 -33.38
C THR H 9 -35.01 -40.83 -33.77
N THR H 10 -35.87 -39.99 -33.15
CA THR H 10 -35.85 -38.55 -33.37
C THR H 10 -34.94 -37.87 -32.31
N PRO H 11 -33.78 -37.32 -32.72
CA PRO H 11 -32.91 -36.65 -31.72
C PRO H 11 -33.42 -35.25 -31.35
N THR H 12 -34.27 -34.62 -32.21
CA THR H 12 -34.82 -33.27 -31.96
C THR H 12 -36.29 -33.21 -32.31
N LEU H 13 -37.06 -32.56 -31.42
CA LEU H 13 -38.49 -32.36 -31.51
C LEU H 13 -38.82 -30.90 -31.28
N SER H 14 -39.62 -30.30 -32.22
CA SER H 14 -40.03 -28.91 -32.16
C SER H 14 -41.49 -28.85 -31.79
N ALA H 15 -41.85 -28.09 -30.78
CA ALA H 15 -43.24 -28.02 -30.36
C ALA H 15 -43.65 -26.62 -29.93
N THR H 16 -44.95 -26.31 -30.00
CA THR H 16 -45.49 -25.04 -29.54
C THR H 16 -46.09 -25.30 -28.15
N ILE H 17 -46.12 -24.26 -27.31
CA ILE H 17 -46.71 -24.35 -25.96
C ILE H 17 -48.17 -24.76 -26.08
N GLY H 18 -48.51 -25.88 -25.47
CA GLY H 18 -49.87 -26.42 -25.49
C GLY H 18 -50.07 -27.65 -26.38
N GLN H 19 -49.11 -27.92 -27.27
CA GLN H 19 -49.14 -29.05 -28.20
C GLN H 19 -48.80 -30.36 -27.45
N SER H 20 -49.36 -31.49 -27.93
CA SER H 20 -49.07 -32.81 -27.38
C SER H 20 -47.92 -33.42 -28.17
N VAL H 21 -46.99 -34.07 -27.46
CA VAL H 21 -45.77 -34.65 -28.05
C VAL H 21 -45.50 -36.05 -27.50
N SER H 22 -44.85 -36.90 -28.33
CA SER H 22 -44.50 -38.27 -28.02
C SER H 22 -43.03 -38.50 -28.36
N ILE H 23 -42.25 -38.95 -27.33
CA ILE H 23 -40.82 -39.23 -27.44
C ILE H 23 -40.74 -40.72 -27.38
N SER H 24 -40.07 -41.34 -28.37
CA SER H 24 -39.96 -42.79 -28.46
C SER H 24 -38.59 -43.33 -28.16
N CYS H 25 -38.55 -44.52 -27.63
CA CYS H 25 -37.38 -45.27 -27.27
C CYS H 25 -37.63 -46.72 -27.74
N ARG H 26 -36.63 -47.29 -28.41
CA ARG H 26 -36.68 -48.67 -28.89
C ARG H 26 -35.50 -49.39 -28.25
N SER H 27 -35.72 -50.62 -27.73
CA SER H 27 -34.67 -51.43 -27.09
C SER H 27 -34.19 -52.56 -28.03
N SER H 28 -32.89 -52.86 -28.04
CA SER H 28 -32.35 -53.93 -28.89
C SER H 28 -32.82 -55.35 -28.49
N GLN H 29 -33.09 -55.58 -27.18
CA GLN H 29 -33.59 -56.85 -26.65
C GLN H 29 -34.72 -56.54 -25.66
N SER H 30 -35.59 -57.54 -25.34
CA SER H 30 -36.69 -57.36 -24.39
C SER H 30 -36.21 -56.87 -23.02
N LEU H 31 -36.93 -55.89 -22.47
CA LEU H 31 -36.62 -55.32 -21.17
C LEU H 31 -37.47 -55.86 -20.06
N LEU H 32 -38.28 -56.90 -20.33
CA LEU H 32 -39.09 -57.56 -19.31
C LEU H 32 -38.20 -58.51 -18.48
N GLU H 33 -38.09 -58.25 -17.17
CA GLU H 33 -37.30 -59.04 -16.24
C GLU H 33 -38.10 -60.23 -15.66
N SER H 34 -37.36 -61.24 -15.12
CA SER H 34 -37.87 -62.47 -14.49
C SER H 34 -39.00 -62.26 -13.46
N ASP H 35 -39.06 -61.06 -12.84
CA ASP H 35 -40.03 -60.70 -11.81
C ASP H 35 -41.32 -60.11 -12.35
N GLY H 36 -41.43 -60.08 -13.69
CA GLY H 36 -42.60 -59.56 -14.39
C GLY H 36 -42.58 -58.06 -14.58
N ASN H 37 -41.50 -57.39 -14.13
CA ASN H 37 -41.39 -55.95 -14.29
C ASN H 37 -40.43 -55.59 -15.38
N THR H 38 -40.76 -54.49 -16.09
CA THR H 38 -39.99 -53.93 -17.21
C THR H 38 -39.37 -52.64 -16.71
N TYR H 39 -38.04 -52.68 -16.53
CA TYR H 39 -37.23 -51.63 -15.96
C TYR H 39 -36.80 -50.56 -16.92
N LEU H 40 -37.75 -49.75 -17.42
CA LEU H 40 -37.53 -48.61 -18.33
C LEU H 40 -37.98 -47.34 -17.59
N ASN H 41 -37.07 -46.36 -17.52
CA ASN H 41 -37.31 -45.06 -16.89
C ASN H 41 -37.15 -43.90 -17.88
N TRP H 42 -37.89 -42.84 -17.62
CA TRP H 42 -37.81 -41.63 -18.45
C TRP H 42 -37.37 -40.45 -17.58
N LEU H 43 -36.30 -39.77 -18.02
CA LEU H 43 -35.72 -38.59 -17.36
C LEU H 43 -35.71 -37.37 -18.28
N LEU H 44 -35.90 -36.18 -17.66
CA LEU H 44 -35.83 -34.84 -18.28
C LEU H 44 -34.63 -34.09 -17.71
N GLN H 45 -33.72 -33.54 -18.57
CA GLN H 45 -32.59 -32.67 -18.18
C GLN H 45 -32.80 -31.23 -18.73
N ARG H 46 -33.32 -30.32 -17.88
CA ARG H 46 -33.57 -28.92 -18.26
C ARG H 46 -32.24 -28.17 -18.41
N PRO H 47 -32.13 -27.11 -19.26
CA PRO H 47 -30.81 -26.46 -19.43
C PRO H 47 -30.12 -26.01 -18.14
N GLY H 48 -28.85 -26.42 -17.98
CA GLY H 48 -28.04 -26.09 -16.83
C GLY H 48 -28.38 -26.83 -15.53
N GLN H 49 -29.30 -27.81 -15.58
CA GLN H 49 -29.68 -28.61 -14.42
C GLN H 49 -29.32 -30.12 -14.59
N SER H 50 -29.46 -30.90 -13.50
CA SER H 50 -29.15 -32.32 -13.50
C SER H 50 -30.38 -33.18 -13.88
N PRO H 51 -30.24 -34.43 -14.43
CA PRO H 51 -31.42 -35.24 -14.78
C PRO H 51 -32.45 -35.33 -13.66
N GLN H 52 -33.72 -35.40 -14.00
CA GLN H 52 -34.84 -35.49 -13.08
C GLN H 52 -35.75 -36.64 -13.54
N LEU H 53 -36.13 -37.56 -12.63
CA LEU H 53 -37.03 -38.69 -12.96
C LEU H 53 -38.47 -38.25 -13.17
N LEU H 54 -39.01 -38.66 -14.32
CA LEU H 54 -40.38 -38.36 -14.67
C LEU H 54 -41.24 -39.60 -14.47
N ILE H 55 -40.85 -40.73 -15.10
CA ILE H 55 -41.62 -41.99 -15.11
C ILE H 55 -40.73 -43.21 -14.93
N TYR H 56 -41.17 -44.13 -14.07
CA TYR H 56 -40.45 -45.35 -13.82
C TYR H 56 -41.28 -46.58 -14.21
N SER H 57 -40.59 -47.71 -14.55
CA SER H 57 -41.24 -48.97 -14.96
C SER H 57 -42.25 -48.75 -16.08
N VAL H 58 -41.79 -48.07 -17.13
CA VAL H 58 -42.54 -47.76 -18.36
C VAL H 58 -43.65 -46.71 -18.19
N SER H 59 -44.49 -46.84 -17.17
CA SER H 59 -45.72 -46.04 -17.06
C SER H 59 -46.05 -45.40 -15.70
N ASN H 60 -45.22 -45.62 -14.69
CA ASN H 60 -45.51 -45.07 -13.38
C ASN H 60 -44.97 -43.65 -13.16
N LEU H 61 -45.89 -42.72 -12.93
CA LEU H 61 -45.63 -41.30 -12.70
C LEU H 61 -45.00 -41.12 -11.33
N GLU H 62 -43.88 -40.41 -11.28
CA GLU H 62 -43.15 -40.11 -10.05
C GLU H 62 -43.90 -38.95 -9.35
N SER H 63 -43.90 -38.97 -7.99
CA SER H 63 -44.53 -37.97 -7.12
C SER H 63 -44.02 -36.59 -7.46
N GLY H 64 -44.95 -35.65 -7.61
CA GLY H 64 -44.67 -34.26 -7.93
C GLY H 64 -44.56 -33.91 -9.39
N VAL H 65 -44.62 -34.94 -10.29
CA VAL H 65 -44.54 -34.78 -11.74
C VAL H 65 -45.98 -34.50 -12.29
N PRO H 66 -46.20 -33.40 -13.05
CA PRO H 66 -47.56 -33.11 -13.55
C PRO H 66 -48.17 -34.19 -14.44
N ASN H 67 -49.49 -34.38 -14.31
CA ASN H 67 -50.26 -35.38 -15.03
C ASN H 67 -50.19 -35.38 -16.55
N ARG H 68 -49.60 -34.30 -17.16
CA ARG H 68 -49.46 -34.19 -18.62
C ARG H 68 -48.41 -35.21 -19.16
N PHE H 69 -47.61 -35.79 -18.21
CA PHE H 69 -46.61 -36.79 -18.53
C PHE H 69 -47.23 -38.15 -18.38
N SER H 70 -46.93 -39.05 -19.33
CA SER H 70 -47.40 -40.44 -19.32
C SER H 70 -46.48 -41.32 -20.16
N GLY H 71 -46.37 -42.57 -19.75
CA GLY H 71 -45.51 -43.55 -20.38
C GLY H 71 -46.29 -44.78 -20.74
N SER H 72 -45.87 -45.43 -21.81
CA SER H 72 -46.49 -46.67 -22.29
C SER H 72 -45.42 -47.46 -23.02
N GLY H 73 -45.67 -48.73 -23.21
CA GLY H 73 -44.74 -49.53 -23.96
C GLY H 73 -45.01 -51.01 -24.00
N SER H 74 -44.38 -51.68 -24.95
CA SER H 74 -44.38 -53.12 -25.05
C SER H 74 -43.18 -53.64 -24.15
N GLU H 75 -42.38 -54.56 -24.70
CA GLU H 75 -41.20 -55.15 -24.04
C GLU H 75 -39.96 -54.58 -24.71
N THR H 76 -40.10 -54.10 -25.96
CA THR H 76 -39.01 -53.49 -26.73
C THR H 76 -39.31 -52.08 -27.25
N ASP H 77 -40.59 -51.65 -27.25
CA ASP H 77 -40.96 -50.31 -27.73
C ASP H 77 -41.65 -49.49 -26.64
N PHE H 78 -41.11 -48.28 -26.33
CA PHE H 78 -41.45 -47.38 -25.20
C PHE H 78 -41.69 -45.99 -25.61
N THR H 79 -42.76 -45.37 -25.07
CA THR H 79 -43.14 -44.01 -25.46
C THR H 79 -43.51 -43.08 -24.30
N LEU H 80 -42.87 -41.88 -24.26
CA LEU H 80 -43.19 -40.82 -23.31
C LEU H 80 -44.09 -39.79 -24.02
N LYS H 81 -45.22 -39.47 -23.38
CA LYS H 81 -46.20 -38.54 -23.91
C LYS H 81 -46.38 -37.34 -23.00
N ILE H 82 -46.28 -36.13 -23.59
CA ILE H 82 -46.49 -34.83 -22.92
C ILE H 82 -47.75 -34.26 -23.54
N SER H 83 -48.85 -34.21 -22.75
CA SER H 83 -50.15 -33.71 -23.23
C SER H 83 -50.30 -32.23 -22.91
N GLY H 84 -49.81 -31.42 -23.83
CA GLY H 84 -49.80 -29.98 -23.72
C GLY H 84 -48.50 -29.55 -23.10
N VAL H 85 -47.45 -29.36 -23.93
CA VAL H 85 -46.13 -28.97 -23.48
C VAL H 85 -46.14 -27.57 -22.87
N GLU H 86 -45.37 -27.40 -21.80
CA GLU H 86 -45.20 -26.14 -21.11
C GLU H 86 -43.74 -25.75 -21.20
N ALA H 87 -43.43 -24.47 -20.93
CA ALA H 87 -42.06 -23.94 -20.99
C ALA H 87 -41.07 -24.75 -20.13
N GLU H 88 -41.50 -25.15 -18.91
CA GLU H 88 -40.73 -25.95 -17.98
C GLU H 88 -40.42 -27.39 -18.49
N ASP H 89 -41.02 -27.79 -19.64
CA ASP H 89 -40.81 -29.13 -20.20
C ASP H 89 -39.71 -29.18 -21.22
N LEU H 90 -39.20 -28.01 -21.60
CA LEU H 90 -38.10 -27.88 -22.55
C LEU H 90 -36.81 -28.37 -21.93
N GLY H 91 -36.14 -29.25 -22.66
CA GLY H 91 -34.90 -29.88 -22.25
C GLY H 91 -34.65 -31.06 -23.14
N VAL H 92 -33.93 -32.04 -22.60
CA VAL H 92 -33.55 -33.29 -23.25
C VAL H 92 -34.13 -34.35 -22.41
N TYR H 93 -34.81 -35.31 -23.06
CA TYR H 93 -35.50 -36.46 -22.52
C TYR H 93 -34.72 -37.73 -22.85
N TYR H 94 -34.38 -38.47 -21.79
CA TYR H 94 -33.61 -39.69 -21.88
C TYR H 94 -34.41 -40.86 -21.41
N CYS H 95 -34.45 -41.94 -22.23
CA CYS H 95 -35.06 -43.21 -21.79
C CYS H 95 -33.86 -43.92 -21.16
N MET H 96 -34.14 -44.92 -20.30
CA MET H 96 -33.08 -45.62 -19.55
C MET H 96 -33.59 -46.94 -18.97
N GLN H 97 -32.73 -48.00 -18.97
CA GLN H 97 -33.11 -49.33 -18.47
C GLN H 97 -32.14 -49.89 -17.41
N THR H 98 -32.59 -50.78 -16.57
CA THR H 98 -31.73 -51.45 -15.60
C THR H 98 -32.01 -52.94 -15.57
N THR H 99 -32.93 -53.47 -16.42
CA THR H 99 -33.23 -54.91 -16.51
C THR H 99 -31.88 -55.67 -16.69
N HIS H 100 -31.06 -55.20 -17.67
CA HIS H 100 -29.70 -55.65 -18.00
C HIS H 100 -28.72 -54.59 -17.44
N ALA H 101 -27.36 -54.73 -17.68
CA ALA H 101 -26.33 -53.74 -17.23
C ALA H 101 -26.85 -52.40 -17.66
N PRO H 102 -26.99 -51.42 -16.73
CA PRO H 102 -27.70 -50.18 -17.10
C PRO H 102 -27.11 -49.39 -18.26
N THR H 103 -27.99 -48.92 -19.17
CA THR H 103 -27.67 -48.07 -20.33
C THR H 103 -28.71 -46.98 -20.52
N PHE H 104 -28.32 -45.89 -21.18
CA PHE H 104 -29.17 -44.72 -21.47
C PHE H 104 -29.31 -44.57 -23.01
N GLY H 105 -30.43 -44.00 -23.49
CA GLY H 105 -30.60 -43.63 -24.89
C GLY H 105 -29.80 -42.36 -25.14
N ALA H 106 -29.69 -41.92 -26.40
CA ALA H 106 -28.87 -40.72 -26.68
C ALA H 106 -29.56 -39.38 -26.47
N GLY H 107 -30.87 -39.38 -26.23
CA GLY H 107 -31.59 -38.17 -25.90
C GLY H 107 -32.37 -37.53 -27.04
N THR H 108 -33.45 -36.90 -26.65
CA THR H 108 -34.33 -36.20 -27.57
C THR H 108 -34.38 -34.79 -27.05
N LYS H 109 -33.98 -33.90 -27.89
CA LYS H 109 -34.02 -32.51 -27.55
C LYS H 109 -35.46 -32.03 -27.86
N LEU H 110 -36.15 -31.48 -26.83
CA LEU H 110 -37.44 -30.84 -26.98
C LEU H 110 -37.18 -29.29 -26.88
N GLU H 111 -37.11 -28.69 -28.07
CA GLU H 111 -36.94 -27.30 -28.35
C GLU H 111 -38.29 -26.68 -28.66
N LEU H 112 -38.36 -25.36 -28.67
CA LEU H 112 -39.60 -24.67 -28.94
C LEU H 112 -39.72 -24.17 -30.40
N LYS H 113 -40.84 -24.53 -31.07
CA LYS H 113 -41.17 -24.09 -32.43
C LYS H 113 -41.61 -22.67 -32.36
N ARG H 114 -40.99 -21.86 -33.22
CA ARG H 114 -41.24 -20.44 -33.40
C ARG H 114 -41.17 -20.13 -34.90
N ALA H 115 -41.55 -18.89 -35.30
CA ALA H 115 -41.55 -18.43 -36.69
C ALA H 115 -40.13 -18.42 -37.26
N ASP H 116 -39.95 -18.89 -38.50
CA ASP H 116 -38.63 -18.91 -39.13
C ASP H 116 -38.00 -17.53 -39.13
N ALA H 117 -36.71 -17.45 -38.78
CA ALA H 117 -35.91 -16.23 -38.73
C ALA H 117 -34.62 -16.43 -39.51
N ALA H 118 -34.23 -15.43 -40.31
CA ALA H 118 -33.04 -15.47 -41.16
C ALA H 118 -31.82 -15.04 -40.35
N PRO H 119 -30.61 -15.58 -40.64
CA PRO H 119 -29.43 -15.16 -39.89
C PRO H 119 -28.91 -13.78 -40.26
N THR H 120 -28.25 -13.14 -39.30
CA THR H 120 -27.55 -11.87 -39.48
C THR H 120 -26.09 -12.28 -39.57
N VAL H 121 -25.51 -12.19 -40.75
CA VAL H 121 -24.12 -12.62 -41.01
C VAL H 121 -23.10 -11.46 -40.92
N SER H 122 -21.99 -11.73 -40.19
CA SER H 122 -20.90 -10.80 -39.96
C SER H 122 -19.60 -11.54 -40.11
N ILE H 123 -18.74 -11.06 -41.05
CA ILE H 123 -17.40 -11.58 -41.27
C ILE H 123 -16.40 -10.68 -40.51
N PHE H 124 -15.34 -11.30 -39.95
CA PHE H 124 -14.29 -10.57 -39.26
C PHE H 124 -12.89 -11.07 -39.67
N PRO H 125 -12.03 -10.15 -40.17
CA PRO H 125 -10.63 -10.55 -40.49
C PRO H 125 -9.80 -10.74 -39.22
N PRO H 126 -8.69 -11.51 -39.24
CA PRO H 126 -7.87 -11.63 -38.02
C PRO H 126 -7.28 -10.29 -37.57
N SER H 127 -7.11 -10.15 -36.25
CA SER H 127 -6.50 -8.93 -35.71
C SER H 127 -4.99 -8.97 -36.02
N THR H 128 -4.39 -7.77 -36.11
CA THR H 128 -2.95 -7.61 -36.33
C THR H 128 -2.21 -8.17 -35.12
N GLU H 129 -2.74 -7.97 -33.87
CA GLU H 129 -2.09 -8.53 -32.66
C GLU H 129 -1.97 -10.03 -32.67
N GLN H 130 -2.94 -10.74 -33.31
CA GLN H 130 -2.94 -12.19 -33.44
C GLN H 130 -1.90 -12.56 -34.47
N LEU H 131 -2.00 -11.92 -35.68
CA LEU H 131 -1.06 -12.10 -36.80
C LEU H 131 0.38 -11.83 -36.37
N ALA H 132 0.58 -11.02 -35.30
CA ALA H 132 1.87 -10.70 -34.70
C ALA H 132 2.52 -11.97 -34.11
N THR H 133 1.72 -13.02 -33.93
CA THR H 133 2.13 -14.36 -33.51
C THR H 133 2.00 -15.24 -34.78
N GLY H 134 2.18 -16.54 -34.67
CA GLY H 134 2.12 -17.42 -35.83
C GLY H 134 0.74 -17.61 -36.44
N GLY H 135 -0.27 -17.58 -35.57
CA GLY H 135 -1.67 -17.82 -35.92
C GLY H 135 -2.45 -16.69 -36.57
N ALA H 136 -3.55 -17.07 -37.22
CA ALA H 136 -4.52 -16.21 -37.89
C ALA H 136 -5.88 -16.91 -37.86
N SER H 137 -6.93 -16.23 -37.35
CA SER H 137 -8.28 -16.78 -37.26
C SER H 137 -9.29 -15.84 -37.93
N VAL H 138 -10.08 -16.40 -38.87
CA VAL H 138 -11.13 -15.67 -39.59
C VAL H 138 -12.46 -16.12 -38.98
N VAL H 139 -13.30 -15.15 -38.56
CA VAL H 139 -14.54 -15.45 -37.85
C VAL H 139 -15.78 -15.04 -38.62
N CYS H 140 -16.75 -15.93 -38.66
CA CYS H 140 -18.05 -15.72 -39.26
C CYS H 140 -19.13 -16.01 -38.22
N LEU H 141 -20.03 -15.06 -38.00
CA LEU H 141 -21.14 -15.21 -37.06
C LEU H 141 -22.47 -15.21 -37.81
N MET H 142 -23.37 -16.12 -37.45
CA MET H 142 -24.71 -16.23 -38.00
C MET H 142 -25.64 -16.03 -36.81
N ASN H 143 -26.07 -14.81 -36.57
CA ASN H 143 -26.88 -14.59 -35.38
C ASN H 143 -28.37 -14.61 -35.57
N ASN H 144 -29.09 -14.92 -34.46
CA ASN H 144 -30.54 -14.98 -34.32
C ASN H 144 -31.30 -15.63 -35.52
N PHE H 145 -31.08 -16.94 -35.72
CA PHE H 145 -31.70 -17.66 -36.83
C PHE H 145 -32.50 -18.93 -36.34
N TYR H 146 -33.61 -19.23 -37.02
CA TYR H 146 -34.49 -20.36 -36.72
C TYR H 146 -35.04 -20.93 -38.05
N PRO H 147 -35.06 -22.26 -38.29
CA PRO H 147 -34.66 -23.37 -37.41
C PRO H 147 -33.15 -23.52 -37.20
N ARG H 148 -32.76 -24.43 -36.24
CA ARG H 148 -31.37 -24.79 -35.88
C ARG H 148 -30.53 -25.15 -37.11
N ASP H 149 -31.14 -25.88 -38.07
CA ASP H 149 -30.51 -26.35 -39.30
C ASP H 149 -29.95 -25.18 -40.14
N ILE H 150 -28.63 -25.24 -40.42
CA ILE H 150 -27.88 -24.26 -41.17
C ILE H 150 -26.60 -24.90 -41.74
N SER H 151 -26.04 -24.29 -42.81
CA SER H 151 -24.82 -24.74 -43.45
C SER H 151 -23.94 -23.55 -43.77
N VAL H 152 -22.71 -23.53 -43.21
CA VAL H 152 -21.70 -22.50 -43.45
C VAL H 152 -20.55 -23.08 -44.29
N LYS H 153 -20.09 -22.34 -45.32
CA LYS H 153 -19.02 -22.76 -46.21
C LYS H 153 -17.96 -21.67 -46.36
N TRP H 154 -16.70 -22.04 -46.12
CA TRP H 154 -15.58 -21.10 -46.26
C TRP H 154 -14.95 -21.24 -47.63
N LYS H 155 -14.90 -20.14 -48.38
CA LYS H 155 -14.26 -20.09 -49.69
C LYS H 155 -13.10 -19.07 -49.63
N ILE H 156 -11.88 -19.52 -49.97
CA ILE H 156 -10.69 -18.65 -49.99
C ILE H 156 -10.26 -18.49 -51.43
N ASP H 157 -10.49 -17.28 -52.00
CA ASP H 157 -10.22 -16.93 -53.40
C ASP H 157 -10.95 -17.92 -54.34
N GLY H 158 -12.22 -18.19 -54.02
CA GLY H 158 -13.10 -19.09 -54.76
C GLY H 158 -13.17 -20.52 -54.27
N THR H 159 -12.02 -21.15 -54.00
CA THR H 159 -11.98 -22.55 -53.57
C THR H 159 -12.29 -22.78 -52.08
N GLU H 160 -13.18 -23.75 -51.81
CA GLU H 160 -13.64 -24.16 -50.49
C GLU H 160 -12.49 -24.71 -49.64
N ARG H 161 -12.49 -24.34 -48.35
CA ARG H 161 -11.52 -24.82 -47.38
C ARG H 161 -12.25 -25.54 -46.25
N ARG H 162 -11.99 -26.83 -46.10
CA ARG H 162 -12.62 -27.67 -45.09
C ARG H 162 -11.77 -27.66 -43.80
N ASP H 163 -10.44 -27.80 -43.96
CA ASP H 163 -9.46 -27.84 -42.88
C ASP H 163 -9.38 -26.58 -42.03
N GLY H 164 -9.21 -26.79 -40.73
CA GLY H 164 -9.06 -25.75 -39.72
C GLY H 164 -10.31 -24.99 -39.37
N VAL H 165 -11.49 -25.50 -39.79
CA VAL H 165 -12.77 -24.87 -39.50
C VAL H 165 -13.37 -25.45 -38.21
N LEU H 166 -13.85 -24.58 -37.31
CA LEU H 166 -14.48 -25.00 -36.07
C LEU H 166 -15.76 -24.25 -35.83
N ASP H 167 -16.85 -25.00 -35.57
CA ASP H 167 -18.21 -24.50 -35.38
C ASP H 167 -18.66 -24.55 -33.91
N SER H 168 -19.62 -23.68 -33.58
CA SER H 168 -20.21 -23.60 -32.26
C SER H 168 -21.58 -22.97 -32.43
N VAL H 169 -22.61 -23.67 -31.96
CA VAL H 169 -23.99 -23.26 -31.96
C VAL H 169 -24.42 -23.13 -30.52
N THR H 170 -24.98 -21.97 -30.21
CA THR H 170 -25.52 -21.68 -28.87
C THR H 170 -26.78 -22.55 -28.65
N ASP H 171 -27.17 -22.70 -27.39
CA ASP H 171 -28.43 -23.31 -27.00
C ASP H 171 -29.54 -22.33 -27.50
N GLN H 172 -30.75 -22.80 -27.71
CA GLN H 172 -31.87 -21.97 -28.12
C GLN H 172 -32.02 -20.82 -27.13
N ASP H 173 -32.07 -19.58 -27.65
CA ASP H 173 -32.19 -18.34 -26.89
C ASP H 173 -33.33 -18.29 -25.85
N SER H 174 -33.06 -17.61 -24.74
CA SER H 174 -33.97 -17.41 -23.61
C SER H 174 -35.08 -16.43 -23.98
N LYS H 175 -34.75 -15.33 -24.66
CA LYS H 175 -35.68 -14.28 -25.05
C LYS H 175 -36.48 -14.59 -26.33
N ASP H 176 -35.79 -14.82 -27.48
CA ASP H 176 -36.44 -15.02 -28.78
C ASP H 176 -36.50 -16.45 -29.35
N SER H 177 -36.00 -17.45 -28.62
CA SER H 177 -36.02 -18.85 -29.09
C SER H 177 -35.20 -19.10 -30.42
N THR H 178 -34.20 -18.31 -30.66
CA THR H 178 -33.42 -18.50 -31.87
C THR H 178 -32.10 -19.16 -31.55
N TYR H 179 -31.39 -19.49 -32.60
CA TYR H 179 -30.05 -20.01 -32.53
C TYR H 179 -29.09 -18.99 -33.13
N SER H 180 -27.86 -19.06 -32.69
CA SER H 180 -26.77 -18.24 -33.17
C SER H 180 -25.56 -19.17 -33.27
N MET H 181 -24.86 -19.14 -34.43
CA MET H 181 -23.67 -19.95 -34.73
C MET H 181 -22.42 -19.11 -34.98
N SER H 182 -21.23 -19.63 -34.58
CA SER H 182 -19.95 -19.00 -34.91
C SER H 182 -19.00 -20.01 -35.55
N SER H 183 -18.41 -19.60 -36.68
CA SER H 183 -17.48 -20.40 -37.44
C SER H 183 -16.16 -19.68 -37.50
N THR H 184 -15.09 -20.33 -36.97
CA THR H 184 -13.71 -19.82 -37.00
C THR H 184 -12.85 -20.70 -37.93
N LEU H 185 -12.14 -20.08 -38.87
CA LEU H 185 -11.21 -20.77 -39.75
C LEU H 185 -9.80 -20.45 -39.29
N SER H 186 -9.17 -21.39 -38.58
CA SER H 186 -7.80 -21.21 -38.10
C SER H 186 -6.80 -21.49 -39.23
N LEU H 187 -5.91 -20.52 -39.46
CA LEU H 187 -4.89 -20.48 -40.48
C LEU H 187 -3.55 -20.04 -39.84
N THR H 188 -2.45 -20.07 -40.61
CA THR H 188 -1.15 -19.58 -40.15
C THR H 188 -0.99 -18.19 -40.82
N LYS H 189 -0.13 -17.32 -40.24
CA LYS H 189 0.12 -15.96 -40.72
C LYS H 189 0.61 -15.97 -42.18
N ALA H 190 1.54 -16.89 -42.50
CA ALA H 190 2.11 -17.00 -43.85
C ALA H 190 1.06 -17.53 -44.84
N ASP H 191 0.23 -18.53 -44.42
CA ASP H 191 -0.85 -19.10 -45.22
C ASP H 191 -1.92 -18.04 -45.46
N TYR H 192 -2.35 -17.31 -44.40
CA TYR H 192 -3.35 -16.24 -44.51
C TYR H 192 -2.91 -15.18 -45.51
N GLU H 193 -1.62 -14.81 -45.48
CA GLU H 193 -1.04 -13.80 -46.37
C GLU H 193 -0.86 -14.24 -47.83
N SER H 194 -1.00 -15.56 -48.10
CA SER H 194 -0.89 -16.17 -49.44
C SER H 194 -2.18 -15.99 -50.26
N HIS H 195 -3.28 -15.54 -49.64
CA HIS H 195 -4.57 -15.38 -50.32
C HIS H 195 -5.07 -13.94 -50.31
N ASN H 196 -6.04 -13.65 -51.19
CA ASN H 196 -6.60 -12.33 -51.45
C ASN H 196 -8.04 -12.12 -50.93
N LEU H 197 -9.02 -13.00 -51.30
CA LEU H 197 -10.44 -12.90 -50.93
C LEU H 197 -10.93 -14.03 -50.02
N TYR H 198 -11.44 -13.62 -48.83
CA TYR H 198 -11.99 -14.53 -47.84
C TYR H 198 -13.49 -14.41 -47.85
N THR H 199 -14.17 -15.56 -48.01
CA THR H 199 -15.63 -15.62 -48.12
C THR H 199 -16.22 -16.66 -47.16
N CYS H 200 -17.30 -16.25 -46.48
CA CYS H 200 -18.11 -17.09 -45.63
C CYS H 200 -19.50 -17.12 -46.32
N GLU H 201 -19.97 -18.32 -46.73
CA GLU H 201 -21.30 -18.53 -47.34
C GLU H 201 -22.23 -19.42 -46.52
N VAL H 202 -23.32 -18.79 -46.07
CA VAL H 202 -24.36 -19.30 -45.18
C VAL H 202 -25.55 -19.75 -45.99
N VAL H 203 -26.04 -20.97 -45.73
CA VAL H 203 -27.22 -21.55 -46.35
C VAL H 203 -28.21 -21.91 -45.22
N HIS H 204 -29.40 -21.31 -45.28
CA HIS H 204 -30.47 -21.51 -44.32
C HIS H 204 -31.77 -21.62 -45.10
N LYS H 205 -32.82 -22.24 -44.50
CA LYS H 205 -34.13 -22.43 -45.16
C LYS H 205 -34.87 -21.12 -45.48
N THR H 206 -34.59 -20.02 -44.73
CA THR H 206 -35.23 -18.71 -44.93
C THR H 206 -34.83 -17.99 -46.28
N SER H 207 -33.93 -18.60 -47.09
CA SER H 207 -33.46 -18.05 -48.36
C SER H 207 -33.09 -19.15 -49.33
N SER H 208 -33.37 -18.93 -50.63
CA SER H 208 -33.06 -19.89 -51.69
C SER H 208 -31.56 -19.81 -52.04
N SER H 209 -31.06 -18.57 -52.21
CA SER H 209 -29.67 -18.29 -52.55
C SER H 209 -28.87 -18.12 -51.24
N PRO H 210 -27.58 -18.54 -51.19
CA PRO H 210 -26.80 -18.37 -49.96
C PRO H 210 -26.57 -16.92 -49.54
N VAL H 211 -26.27 -16.71 -48.24
CA VAL H 211 -25.92 -15.39 -47.73
C VAL H 211 -24.37 -15.34 -47.76
N VAL H 212 -23.84 -14.40 -48.54
CA VAL H 212 -22.40 -14.26 -48.75
C VAL H 212 -21.83 -13.00 -48.13
N LYS H 213 -20.86 -13.17 -47.21
CA LYS H 213 -20.14 -12.10 -46.53
C LYS H 213 -18.64 -12.31 -46.81
N SER H 214 -18.02 -11.25 -47.37
CA SER H 214 -16.62 -11.27 -47.77
C SER H 214 -15.84 -10.04 -47.34
N PHE H 215 -14.51 -10.16 -47.50
CA PHE H 215 -13.50 -9.13 -47.32
C PHE H 215 -12.26 -9.54 -48.14
N ASN H 216 -11.41 -8.56 -48.47
CA ASN H 216 -10.17 -8.79 -49.20
C ASN H 216 -9.04 -8.65 -48.18
N ARG H 217 -8.80 -7.40 -47.70
CA ARG H 217 -7.80 -6.97 -46.72
C ARG H 217 -7.83 -5.45 -46.59
N VAL I 2 -17.58 -12.59 -10.79
CA VAL I 2 -18.44 -11.64 -10.08
C VAL I 2 -17.69 -10.98 -8.93
N LYS I 3 -17.59 -9.63 -8.99
CA LYS I 3 -16.91 -8.79 -8.02
C LYS I 3 -17.70 -7.52 -7.78
N LEU I 4 -17.64 -7.05 -6.54
CA LEU I 4 -18.28 -5.84 -6.04
C LEU I 4 -17.23 -5.12 -5.17
N GLN I 5 -16.96 -3.84 -5.45
CA GLN I 5 -16.02 -3.07 -4.63
C GLN I 5 -16.67 -1.78 -4.16
N GLU I 6 -16.78 -1.56 -2.83
CA GLU I 6 -17.36 -0.36 -2.24
C GLU I 6 -16.27 0.67 -1.92
N SER I 7 -16.58 1.97 -2.06
CA SER I 7 -15.72 3.13 -1.78
C SER I 7 -16.59 4.19 -1.12
N GLY I 8 -15.99 5.26 -0.62
CA GLY I 8 -16.72 6.39 -0.06
C GLY I 8 -16.76 6.54 1.44
N GLY I 9 -16.37 5.48 2.15
CA GLY I 9 -16.34 5.49 3.61
C GLY I 9 -15.25 6.40 4.19
N GLY I 10 -15.43 6.80 5.44
CA GLY I 10 -14.51 7.67 6.16
C GLY I 10 -15.13 8.27 7.41
N LEU I 11 -14.37 9.14 8.09
CA LEU I 11 -14.81 9.86 9.29
C LEU I 11 -15.58 11.14 8.91
N VAL I 12 -16.80 11.29 9.44
CA VAL I 12 -17.70 12.43 9.24
C VAL I 12 -18.37 12.84 10.53
N GLN I 13 -18.80 14.09 10.59
CA GLN I 13 -19.44 14.64 11.79
C GLN I 13 -20.95 14.45 11.71
N PRO I 14 -21.70 14.44 12.86
CA PRO I 14 -23.16 14.32 12.76
C PRO I 14 -23.76 15.47 11.96
N GLY I 15 -24.84 15.17 11.26
CA GLY I 15 -25.51 16.14 10.39
C GLY I 15 -24.94 16.24 8.99
N ARG I 16 -23.65 15.87 8.83
CA ARG I 16 -22.95 15.89 7.54
C ARG I 16 -23.47 14.79 6.60
N SER I 17 -23.05 14.87 5.33
CA SER I 17 -23.49 13.94 4.30
C SER I 17 -22.31 13.16 3.73
N LEU I 18 -22.61 11.96 3.17
CA LEU I 18 -21.60 11.10 2.57
C LEU I 18 -22.22 10.26 1.48
N LYS I 19 -21.47 10.01 0.39
CA LYS I 19 -21.99 9.16 -0.68
C LYS I 19 -21.06 7.94 -0.96
N LEU I 20 -21.61 6.72 -0.75
CA LEU I 20 -20.90 5.46 -0.99
C LEU I 20 -21.20 4.93 -2.38
N SER I 21 -20.20 4.37 -3.05
CA SER I 21 -20.41 3.77 -4.37
C SER I 21 -19.95 2.31 -4.43
N CYS I 22 -20.50 1.54 -5.36
CA CYS I 22 -20.14 0.13 -5.49
C CYS I 22 -19.87 -0.24 -6.94
N ALA I 23 -18.58 -0.41 -7.27
CA ALA I 23 -18.14 -0.83 -8.62
C ALA I 23 -18.48 -2.30 -8.83
N ALA I 24 -19.23 -2.64 -9.88
CA ALA I 24 -19.61 -4.04 -10.16
C ALA I 24 -19.04 -4.60 -11.48
N SER I 25 -18.63 -5.87 -11.47
CA SER I 25 -18.08 -6.57 -12.64
C SER I 25 -18.36 -8.08 -12.57
N GLY I 26 -18.18 -8.75 -13.71
CA GLY I 26 -18.33 -10.20 -13.84
C GLY I 26 -19.74 -10.71 -13.98
N PHE I 27 -20.72 -9.79 -14.02
CA PHE I 27 -22.13 -10.14 -14.16
C PHE I 27 -22.93 -9.08 -14.89
N THR I 28 -24.18 -9.43 -15.28
CA THR I 28 -25.07 -8.49 -15.93
C THR I 28 -25.78 -7.70 -14.83
N PHE I 29 -25.18 -6.56 -14.46
CA PHE I 29 -25.63 -5.63 -13.43
C PHE I 29 -27.11 -5.19 -13.53
N SER I 30 -27.59 -4.96 -14.77
CA SER I 30 -28.94 -4.51 -15.11
C SER I 30 -30.06 -5.55 -14.83
N ASP I 31 -29.67 -6.82 -14.60
CA ASP I 31 -30.60 -7.91 -14.32
C ASP I 31 -30.63 -8.23 -12.83
N SER I 32 -29.62 -7.74 -12.08
CA SER I 32 -29.44 -8.01 -10.66
C SER I 32 -30.09 -7.03 -9.71
N TYR I 33 -30.69 -7.58 -8.64
CA TYR I 33 -31.27 -6.88 -7.51
C TYR I 33 -30.08 -6.63 -6.57
N LEU I 34 -29.89 -5.38 -6.11
CA LEU I 34 -28.79 -5.02 -5.21
C LEU I 34 -29.20 -4.37 -3.91
N ALA I 35 -28.36 -4.56 -2.87
CA ALA I 35 -28.61 -4.09 -1.51
C ALA I 35 -27.37 -3.46 -0.83
N TRP I 36 -27.64 -2.74 0.27
CA TRP I 36 -26.66 -2.14 1.15
C TRP I 36 -26.97 -2.75 2.50
N VAL I 37 -25.97 -3.43 3.07
CA VAL I 37 -26.05 -4.10 4.37
C VAL I 37 -24.94 -3.54 5.25
N ARG I 38 -25.27 -2.99 6.42
CA ARG I 38 -24.28 -2.44 7.35
C ARG I 38 -23.97 -3.35 8.57
N GLN I 39 -22.75 -3.23 9.09
CA GLN I 39 -22.33 -3.99 10.27
C GLN I 39 -21.56 -3.14 11.28
N ALA I 40 -22.18 -2.92 12.43
CA ALA I 40 -21.61 -2.25 13.58
C ALA I 40 -21.38 -3.36 14.63
N PRO I 41 -20.43 -3.24 15.60
CA PRO I 41 -20.29 -4.34 16.60
C PRO I 41 -21.47 -4.39 17.59
N THR I 42 -22.11 -3.23 17.84
CA THR I 42 -23.27 -3.09 18.75
C THR I 42 -24.55 -3.74 18.21
N LYS I 43 -25.05 -3.29 17.02
CA LYS I 43 -26.31 -3.80 16.41
C LYS I 43 -26.17 -4.88 15.31
N GLY I 44 -24.97 -5.46 15.18
CA GLY I 44 -24.69 -6.59 14.29
C GLY I 44 -24.90 -6.31 12.82
N LEU I 45 -25.61 -7.20 12.10
CA LEU I 45 -25.91 -7.01 10.67
C LEU I 45 -27.29 -6.37 10.46
N GLU I 46 -27.39 -5.46 9.47
CA GLU I 46 -28.64 -4.75 9.19
C GLU I 46 -28.83 -4.49 7.72
N TRP I 47 -30.08 -4.58 7.26
CA TRP I 47 -30.45 -4.29 5.87
C TRP I 47 -30.70 -2.77 5.82
N VAL I 48 -29.87 -2.03 5.08
CA VAL I 48 -30.02 -0.58 4.98
C VAL I 48 -31.07 -0.24 3.93
N ALA I 49 -30.73 -0.51 2.65
CA ALA I 49 -31.53 -0.22 1.48
C ALA I 49 -31.28 -1.27 0.42
N SER I 50 -32.30 -1.53 -0.44
CA SER I 50 -32.25 -2.49 -1.56
C SER I 50 -33.03 -2.00 -2.77
N ILE I 51 -32.53 -2.29 -3.97
CA ILE I 51 -33.15 -1.88 -5.23
C ILE I 51 -33.36 -3.05 -6.18
N THR I 52 -34.35 -2.95 -7.08
CA THR I 52 -34.71 -3.96 -8.09
C THR I 52 -34.00 -3.62 -9.43
N ASN I 53 -33.65 -4.67 -10.25
CA ASN I 53 -32.92 -4.59 -11.55
C ASN I 53 -33.00 -3.26 -12.31
N SER I 54 -34.21 -2.84 -12.66
CA SER I 54 -34.47 -1.54 -13.24
C SER I 54 -35.23 -0.88 -12.11
N GLY I 55 -34.55 -0.05 -11.35
CA GLY I 55 -34.98 0.64 -10.13
C GLY I 55 -36.43 1.01 -9.92
N GLY I 56 -37.35 0.12 -10.27
CA GLY I 56 -38.78 0.33 -10.11
C GLY I 56 -39.24 0.34 -8.67
N ARG I 57 -38.68 -0.60 -7.89
CA ARG I 57 -38.95 -0.80 -6.48
C ARG I 57 -37.68 -0.81 -5.66
N PHE I 58 -37.80 -0.29 -4.43
CA PHE I 58 -36.70 -0.13 -3.50
C PHE I 58 -37.19 -0.35 -2.09
N TYR I 59 -36.27 -0.33 -1.11
CA TYR I 59 -36.58 -0.47 0.31
C TYR I 59 -35.54 0.28 1.17
N TYR I 60 -36.02 0.94 2.24
CA TYR I 60 -35.20 1.65 3.22
C TYR I 60 -35.70 1.24 4.57
N ARG I 61 -34.80 0.82 5.47
CA ARG I 61 -35.21 0.45 6.83
C ARG I 61 -35.70 1.70 7.56
N ASP I 62 -36.65 1.53 8.50
CA ASP I 62 -37.23 2.65 9.25
C ASP I 62 -36.23 3.69 9.76
N SER I 63 -35.05 3.22 10.25
CA SER I 63 -33.94 4.06 10.76
C SER I 63 -33.36 5.03 9.73
N VAL I 64 -33.39 4.66 8.42
CA VAL I 64 -32.75 5.47 7.37
C VAL I 64 -33.68 6.23 6.38
N LYS I 65 -35.00 6.02 6.51
CA LYS I 65 -36.06 6.65 5.71
C LYS I 65 -36.01 8.16 5.83
N GLY I 66 -36.01 8.85 4.69
CA GLY I 66 -35.95 10.30 4.62
C GLY I 66 -34.54 10.88 4.51
N ARG I 67 -33.52 10.21 5.12
CA ARG I 67 -32.11 10.66 5.12
C ARG I 67 -31.27 9.94 4.07
N PHE I 68 -31.50 8.62 3.85
CA PHE I 68 -30.72 7.85 2.89
C PHE I 68 -31.40 7.71 1.55
N THR I 69 -30.60 7.61 0.48
CA THR I 69 -31.10 7.45 -0.88
C THR I 69 -30.26 6.41 -1.64
N ILE I 70 -30.94 5.35 -2.09
CA ILE I 70 -30.31 4.31 -2.92
C ILE I 70 -30.60 4.62 -4.39
N SER I 71 -29.62 4.36 -5.26
CA SER I 71 -29.69 4.58 -6.71
C SER I 71 -28.66 3.74 -7.42
N ARG I 72 -28.77 3.67 -8.75
CA ARG I 72 -27.86 2.89 -9.58
C ARG I 72 -27.75 3.45 -10.98
N ASP I 73 -26.57 3.28 -11.60
CA ASP I 73 -26.25 3.67 -12.97
C ASP I 73 -25.90 2.37 -13.66
N ASN I 74 -26.89 1.78 -14.37
CA ASN I 74 -26.76 0.50 -15.07
C ASN I 74 -25.74 0.55 -16.20
N ALA I 75 -25.56 1.73 -16.81
CA ALA I 75 -24.61 2.00 -17.90
C ALA I 75 -23.17 2.00 -17.38
N LYS I 76 -23.00 2.39 -16.11
CA LYS I 76 -21.72 2.47 -15.44
C LYS I 76 -21.45 1.31 -14.45
N SER I 77 -22.41 0.37 -14.29
CA SER I 77 -22.35 -0.79 -13.37
C SER I 77 -22.02 -0.34 -11.92
N THR I 78 -22.69 0.72 -11.45
CA THR I 78 -22.41 1.26 -10.12
C THR I 78 -23.67 1.39 -9.30
N LEU I 79 -23.58 1.02 -8.00
CA LEU I 79 -24.67 1.14 -7.04
C LEU I 79 -24.24 2.25 -6.09
N TYR I 80 -25.20 3.04 -5.56
CA TYR I 80 -24.93 4.19 -4.70
C TYR I 80 -25.80 4.26 -3.48
N LEU I 81 -25.30 4.94 -2.44
CA LEU I 81 -26.04 5.21 -1.22
C LEU I 81 -25.67 6.61 -0.75
N GLN I 82 -26.63 7.52 -0.85
CA GLN I 82 -26.42 8.88 -0.41
C GLN I 82 -26.87 8.89 1.04
N MET I 83 -25.95 9.17 1.93
CA MET I 83 -26.29 9.22 3.33
C MET I 83 -26.22 10.68 3.74
N ASP I 84 -27.38 11.30 3.95
CA ASP I 84 -27.43 12.69 4.35
C ASP I 84 -27.85 12.69 5.82
N SER I 85 -27.60 13.81 6.53
CA SER I 85 -27.96 13.95 7.95
C SER I 85 -27.53 12.75 8.80
N LEU I 86 -26.24 12.38 8.68
CA LEU I 86 -25.62 11.24 9.35
C LEU I 86 -25.67 11.34 10.83
N ARG I 87 -25.92 10.20 11.45
CA ARG I 87 -26.02 9.99 12.90
C ARG I 87 -24.93 9.02 13.39
N SER I 88 -24.65 9.03 14.70
CA SER I 88 -23.67 8.16 15.36
C SER I 88 -24.08 6.71 15.24
N GLU I 89 -25.42 6.47 15.28
CA GLU I 89 -26.09 5.17 15.10
C GLU I 89 -25.75 4.57 13.70
N ASP I 90 -25.34 5.42 12.72
CA ASP I 90 -24.98 5.00 11.36
C ASP I 90 -23.54 4.54 11.25
N THR I 91 -22.79 4.62 12.37
CA THR I 91 -21.41 4.13 12.38
C THR I 91 -21.49 2.62 12.11
N ALA I 92 -20.80 2.14 11.04
CA ALA I 92 -20.83 0.72 10.62
C ALA I 92 -19.94 0.47 9.43
N THR I 93 -19.74 -0.85 9.09
CA THR I 93 -19.04 -1.26 7.87
C THR I 93 -20.08 -1.55 6.78
N TYR I 94 -20.05 -0.77 5.68
CA TYR I 94 -21.09 -0.88 4.65
C TYR I 94 -20.76 -1.84 3.51
N TYR I 95 -21.65 -2.84 3.31
CA TYR I 95 -21.58 -3.88 2.29
C TYR I 95 -22.59 -3.70 1.18
N CYS I 96 -22.14 -3.95 -0.04
CA CYS I 96 -22.87 -3.94 -1.29
C CYS I 96 -22.97 -5.42 -1.64
N THR I 97 -24.21 -5.94 -1.65
CA THR I 97 -24.43 -7.36 -1.89
C THR I 97 -25.54 -7.65 -2.88
N ARG I 98 -25.41 -8.84 -3.50
CA ARG I 98 -26.27 -9.53 -4.44
C ARG I 98 -26.63 -10.89 -3.76
N MET I 99 -26.45 -10.97 -2.38
CA MET I 99 -26.64 -12.11 -1.48
C MET I 99 -25.61 -13.23 -1.69
N ASP I 100 -25.48 -13.69 -2.95
CA ASP I 100 -24.55 -14.73 -3.37
C ASP I 100 -23.14 -14.19 -3.45
N TYR I 101 -23.00 -12.87 -3.63
CA TYR I 101 -21.72 -12.18 -3.69
C TYR I 101 -21.80 -10.87 -2.90
N TRP I 102 -20.81 -10.66 -2.03
CA TRP I 102 -20.66 -9.52 -1.12
C TRP I 102 -19.38 -8.78 -1.46
N GLY I 103 -19.36 -7.48 -1.19
CA GLY I 103 -18.17 -6.66 -1.40
C GLY I 103 -17.29 -6.73 -0.16
N GLN I 104 -16.16 -6.01 -0.16
CA GLN I 104 -15.23 -6.04 0.96
C GLN I 104 -15.63 -5.07 2.09
N GLY I 105 -16.54 -4.16 1.77
CA GLY I 105 -17.06 -3.17 2.68
C GLY I 105 -16.27 -1.89 2.67
N THR I 106 -16.87 -0.82 3.19
CA THR I 106 -16.28 0.52 3.34
C THR I 106 -16.80 1.06 4.67
N THR I 107 -15.88 1.43 5.57
CA THR I 107 -16.25 1.82 6.93
C THR I 107 -16.68 3.28 7.03
N VAL I 108 -17.79 3.55 7.70
CA VAL I 108 -18.31 4.90 7.91
C VAL I 108 -18.35 5.19 9.41
N THR I 109 -17.55 6.19 9.84
CA THR I 109 -17.41 6.61 11.25
C THR I 109 -18.06 7.97 11.42
N VAL I 110 -19.06 8.05 12.32
CA VAL I 110 -19.81 9.29 12.60
C VAL I 110 -19.58 9.75 14.03
N SER I 111 -18.89 10.89 14.23
CA SER I 111 -18.64 11.46 15.56
C SER I 111 -18.24 12.94 15.53
N GLU I 114 -12.74 14.73 17.81
CA GLU I 114 -11.59 15.40 17.20
C GLU I 114 -10.42 14.45 16.99
N THR I 115 -9.77 14.53 15.80
CA THR I 115 -8.63 13.68 15.45
C THR I 115 -7.46 13.92 16.39
N THR I 116 -7.12 12.92 17.22
CA THR I 116 -6.01 13.06 18.18
C THR I 116 -4.97 11.98 17.97
N ALA I 117 -3.69 12.39 18.00
CA ALA I 117 -2.58 11.47 17.88
C ALA I 117 -2.39 10.73 19.23
N PRO I 118 -1.92 9.46 19.23
CA PRO I 118 -1.77 8.74 20.51
C PRO I 118 -0.57 9.19 21.35
N SER I 119 -0.68 8.96 22.65
CA SER I 119 0.38 9.18 23.62
C SER I 119 0.88 7.73 23.87
N VAL I 120 2.17 7.45 23.61
CA VAL I 120 2.72 6.07 23.75
C VAL I 120 3.55 5.85 25.00
N TYR I 121 3.12 4.95 25.87
CA TYR I 121 3.85 4.67 27.11
C TYR I 121 4.41 3.25 27.15
N PRO I 122 5.59 3.02 27.76
CA PRO I 122 6.12 1.66 27.76
C PRO I 122 5.56 0.77 28.88
N LEU I 123 5.49 -0.53 28.57
CA LEU I 123 5.08 -1.57 29.51
C LEU I 123 6.31 -2.44 29.71
N ALA I 124 7.01 -2.21 30.81
CA ALA I 124 8.25 -2.90 31.20
C ALA I 124 8.13 -3.51 32.62
N PRO I 125 8.81 -4.65 32.91
CA PRO I 125 8.70 -5.24 34.26
C PRO I 125 9.36 -4.37 35.35
N SER I 133 12.82 -16.93 32.01
CA SER I 133 13.10 -17.52 30.70
C SER I 133 12.60 -16.59 29.57
N MET I 134 11.33 -16.18 29.65
CA MET I 134 10.71 -15.29 28.66
C MET I 134 10.35 -13.95 29.31
N VAL I 135 10.41 -12.87 28.54
CA VAL I 135 10.04 -11.53 29.00
C VAL I 135 8.91 -11.04 28.10
N THR I 136 7.88 -10.46 28.72
CA THR I 136 6.79 -9.85 28.01
C THR I 136 6.92 -8.35 28.22
N LEU I 137 7.10 -7.62 27.13
CA LEU I 137 7.22 -6.17 27.13
C LEU I 137 6.04 -5.63 26.34
N GLY I 138 5.69 -4.37 26.55
CA GLY I 138 4.56 -3.80 25.86
C GLY I 138 4.57 -2.31 25.62
N CYS I 139 3.52 -1.84 24.92
CA CYS I 139 3.25 -0.44 24.61
C CYS I 139 1.80 -0.14 24.95
N LEU I 140 1.55 0.89 25.74
CA LEU I 140 0.19 1.35 26.04
C LEU I 140 -0.03 2.54 25.10
N VAL I 141 -0.99 2.42 24.17
CA VAL I 141 -1.28 3.40 23.09
C VAL I 141 -2.57 4.13 23.44
N LYS I 142 -2.46 5.19 24.29
CA LYS I 142 -3.57 5.91 24.91
C LYS I 142 -3.91 7.27 24.29
N GLY I 143 -5.19 7.62 24.41
CA GLY I 143 -5.76 8.90 23.98
C GLY I 143 -5.69 9.24 22.52
N TYR I 144 -6.07 8.30 21.65
CA TYR I 144 -6.10 8.56 20.22
C TYR I 144 -7.51 8.48 19.67
N PHE I 145 -7.72 9.12 18.53
CA PHE I 145 -8.97 9.16 17.80
C PHE I 145 -8.64 9.62 16.39
N PRO I 146 -9.26 9.09 15.29
CA PRO I 146 -10.37 8.12 15.23
C PRO I 146 -10.18 6.62 15.31
N GLU I 147 -9.06 6.06 14.89
CA GLU I 147 -8.86 4.60 14.73
C GLU I 147 -8.93 4.37 13.22
N PRO I 148 -8.00 3.56 12.64
CA PRO I 148 -7.08 2.65 13.30
C PRO I 148 -5.67 3.15 13.57
N VAL I 149 -4.93 2.34 14.34
CA VAL I 149 -3.51 2.48 14.65
C VAL I 149 -2.79 1.19 14.23
N THR I 150 -1.59 1.31 13.67
CA THR I 150 -0.79 0.16 13.28
C THR I 150 0.36 0.07 14.26
N VAL I 151 0.52 -1.08 14.93
CA VAL I 151 1.63 -1.30 15.87
C VAL I 151 2.57 -2.40 15.34
N THR I 152 3.87 -2.13 15.28
CA THR I 152 4.91 -3.10 14.90
C THR I 152 6.03 -3.09 15.95
N TRP I 153 6.78 -4.17 16.04
CA TRP I 153 7.93 -4.26 16.95
C TRP I 153 9.18 -4.42 16.09
N ASN I 154 10.12 -3.44 16.25
CA ASN I 154 11.43 -3.35 15.55
C ASN I 154 11.34 -3.48 14.01
N ALA I 157 9.77 -6.75 12.02
CA ALA I 157 11.01 -7.51 12.22
C ALA I 157 10.90 -8.48 13.40
N LEU I 158 10.18 -8.04 14.46
CA LEU I 158 9.87 -8.80 15.66
C LEU I 158 8.35 -9.12 15.54
N SER I 159 8.06 -10.29 14.92
CA SER I 159 6.75 -10.85 14.56
C SER I 159 6.31 -12.00 15.44
N SER I 160 7.26 -12.88 15.79
CA SER I 160 6.95 -14.02 16.65
C SER I 160 6.63 -13.55 18.07
N GLY I 161 5.45 -13.93 18.52
CA GLY I 161 4.95 -13.61 19.85
C GLY I 161 4.45 -12.20 20.10
N VAL I 162 3.83 -11.57 19.07
CA VAL I 162 3.25 -10.23 19.18
C VAL I 162 1.71 -10.33 19.42
N HIS I 163 1.19 -9.53 20.41
CA HIS I 163 -0.24 -9.49 20.70
C HIS I 163 -0.76 -8.05 20.69
N THR I 164 -1.46 -7.63 19.61
CA THR I 164 -2.07 -6.30 19.56
C THR I 164 -3.54 -6.44 19.97
N PHE I 165 -3.89 -5.93 21.16
CA PHE I 165 -5.23 -6.03 21.72
C PHE I 165 -6.20 -5.02 21.09
N PRO I 166 -7.50 -5.35 20.96
CA PRO I 166 -8.43 -4.40 20.31
C PRO I 166 -8.58 -3.09 21.09
N ALA I 167 -8.84 -1.97 20.40
CA ALA I 167 -9.02 -0.69 21.10
C ALA I 167 -10.34 -0.63 21.89
N VAL I 168 -10.35 0.17 22.96
CA VAL I 168 -11.52 0.38 23.83
C VAL I 168 -11.77 1.88 23.94
N LEU I 169 -13.03 2.34 23.78
CA LEU I 169 -13.38 3.77 23.91
C LEU I 169 -13.49 4.20 25.36
N GLN I 170 -12.65 5.21 25.72
CA GLN I 170 -12.52 5.80 27.04
C GLN I 170 -12.65 7.33 26.89
N SER I 171 -13.70 7.92 27.48
CA SER I 171 -13.96 9.38 27.45
C SER I 171 -13.80 10.00 26.05
N GLY I 172 -14.40 9.33 25.06
CA GLY I 172 -14.34 9.74 23.67
C GLY I 172 -13.03 9.45 22.95
N LEU I 173 -12.06 8.77 23.62
CA LEU I 173 -10.76 8.44 23.02
C LEU I 173 -10.41 6.98 23.10
N TYR I 174 -9.77 6.44 22.04
CA TYR I 174 -9.33 5.03 22.01
C TYR I 174 -8.03 4.74 22.78
N THR I 175 -7.98 3.56 23.38
CA THR I 175 -6.85 3.04 24.15
C THR I 175 -6.58 1.57 23.74
N LEU I 176 -5.34 1.24 23.38
CA LEU I 176 -4.93 -0.13 23.14
C LEU I 176 -3.60 -0.49 23.77
N THR I 177 -3.29 -1.78 23.77
CA THR I 177 -2.03 -2.33 24.26
C THR I 177 -1.48 -3.29 23.22
N SER I 178 -0.15 -3.33 23.07
CA SER I 178 0.55 -4.30 22.24
C SER I 178 1.67 -4.90 23.07
N SER I 179 1.84 -6.22 22.95
CA SER I 179 2.89 -6.91 23.70
C SER I 179 3.79 -7.77 22.81
N VAL I 180 5.01 -8.00 23.30
CA VAL I 180 6.01 -8.83 22.65
C VAL I 180 6.73 -9.74 23.68
N THR I 181 6.74 -11.04 23.39
CA THR I 181 7.41 -12.00 24.25
C THR I 181 8.70 -12.43 23.60
N VAL I 182 9.82 -12.13 24.30
CA VAL I 182 11.19 -12.40 23.85
C VAL I 182 11.96 -13.22 24.91
N PRO I 183 13.03 -13.99 24.55
CA PRO I 183 13.79 -14.70 25.59
C PRO I 183 14.55 -13.70 26.49
N SER I 184 14.70 -14.03 27.78
CA SER I 184 15.36 -13.18 28.77
C SER I 184 16.76 -12.71 28.39
N SER I 185 17.48 -13.50 27.57
CA SER I 185 18.82 -13.19 27.08
C SER I 185 18.80 -11.96 26.15
N THR I 186 17.83 -11.92 25.19
CA THR I 186 17.60 -10.87 24.18
C THR I 186 17.53 -9.46 24.78
N TRP I 187 16.57 -9.20 25.67
CA TRP I 187 16.34 -7.88 26.27
C TRP I 187 16.86 -7.76 27.70
N PRO I 188 17.56 -6.67 28.08
CA PRO I 188 17.87 -5.43 27.32
C PRO I 188 19.11 -5.41 26.42
N SER I 189 19.88 -6.53 26.33
CA SER I 189 21.09 -6.65 25.48
C SER I 189 20.80 -6.13 24.07
N GLN I 190 19.60 -6.46 23.56
CA GLN I 190 19.09 -6.01 22.29
C GLN I 190 17.93 -5.03 22.47
N THR I 191 17.84 -4.06 21.54
CA THR I 191 16.83 -2.99 21.52
C THR I 191 15.45 -3.56 21.18
N VAL I 192 14.45 -3.30 22.05
CA VAL I 192 13.06 -3.67 21.81
C VAL I 192 12.25 -2.37 21.79
N THR I 193 11.72 -2.00 20.61
CA THR I 193 10.95 -0.77 20.41
C THR I 193 9.68 -0.97 19.59
N CYS I 194 8.55 -0.36 20.06
CA CYS I 194 7.28 -0.43 19.31
C CYS I 194 7.09 0.79 18.39
N ASN I 195 6.59 0.53 17.19
CA ASN I 195 6.37 1.55 16.18
C ASN I 195 4.86 1.66 15.95
N VAL I 196 4.28 2.76 16.48
CA VAL I 196 2.85 3.09 16.49
C VAL I 196 2.57 4.11 15.40
N ALA I 197 1.59 3.85 14.54
CA ALA I 197 1.25 4.80 13.47
C ALA I 197 -0.23 5.14 13.52
N HIS I 198 -0.57 6.43 13.37
CA HIS I 198 -1.95 6.91 13.33
C HIS I 198 -2.16 7.70 12.05
N PRO I 199 -2.50 7.01 10.94
CA PRO I 199 -2.68 7.73 9.65
C PRO I 199 -3.63 8.92 9.71
N ALA I 200 -4.71 8.79 10.49
CA ALA I 200 -5.73 9.84 10.68
C ALA I 200 -5.13 11.15 11.13
N SER I 201 -4.12 11.09 12.03
CA SER I 201 -3.41 12.29 12.51
C SER I 201 -2.08 12.52 11.81
N SER I 202 -1.69 11.60 10.91
CA SER I 202 -0.44 11.58 10.14
C SER I 202 0.78 11.59 11.10
N THR I 203 0.65 10.91 12.26
CA THR I 203 1.67 10.82 13.33
C THR I 203 2.19 9.42 13.40
N LYS I 204 3.49 9.28 13.65
CA LYS I 204 4.17 7.98 13.78
C LYS I 204 5.03 8.14 15.02
N VAL I 205 4.92 7.24 16.01
CA VAL I 205 5.62 7.32 17.31
C VAL I 205 6.42 6.03 17.57
N ASP I 206 7.71 6.17 17.89
CA ASP I 206 8.56 5.02 18.23
C ASP I 206 8.90 5.14 19.69
N LYS I 207 8.69 4.06 20.46
CA LYS I 207 9.01 4.05 21.88
C LYS I 207 9.86 2.84 22.28
N LYS I 208 11.10 3.13 22.69
CA LYS I 208 12.07 2.13 23.13
C LYS I 208 11.69 1.68 24.52
N ILE I 209 11.62 0.36 24.71
CA ILE I 209 11.29 -0.27 26.00
C ILE I 209 12.59 -0.42 26.78
N VAL I 210 12.73 0.46 27.78
CA VAL I 210 13.91 0.59 28.63
C VAL I 210 13.63 -0.08 30.01
N PRO I 211 14.53 -0.95 30.52
CA PRO I 211 14.30 -1.56 31.84
C PRO I 211 14.17 -0.52 32.95
N ARG I 212 13.24 -0.74 33.88
CA ARG I 212 12.94 0.18 34.99
C ARG I 212 14.09 0.40 35.99
N ASP J 3 -41.73 -5.74 13.29
CA ASP J 3 -40.55 -6.34 12.69
C ASP J 3 -40.30 -7.78 13.17
N ILE J 4 -39.85 -8.64 12.24
CA ILE J 4 -39.56 -10.06 12.49
C ILE J 4 -38.23 -10.26 13.21
N VAL J 5 -38.29 -10.97 14.33
CA VAL J 5 -37.17 -11.27 15.22
C VAL J 5 -36.64 -12.67 14.94
N LEU J 6 -35.35 -12.74 14.55
CA LEU J 6 -34.67 -14.01 14.35
C LEU J 6 -33.81 -14.25 15.59
N THR J 7 -34.08 -15.33 16.30
CA THR J 7 -33.34 -15.67 17.52
C THR J 7 -32.40 -16.83 17.29
N GLN J 8 -31.12 -16.60 17.55
CA GLN J 8 -30.07 -17.62 17.45
C GLN J 8 -29.62 -17.85 18.88
N THR J 9 -30.34 -18.73 19.60
CA THR J 9 -30.20 -19.07 21.04
C THR J 9 -28.78 -19.14 21.62
N THR J 10 -27.90 -19.92 20.95
CA THR J 10 -26.52 -20.09 21.37
C THR J 10 -25.64 -19.03 20.70
N PRO J 11 -25.06 -18.06 21.47
CA PRO J 11 -24.18 -17.06 20.83
C PRO J 11 -22.78 -17.61 20.46
N THR J 12 -22.34 -18.71 21.15
CA THR J 12 -21.04 -19.34 20.90
C THR J 12 -21.13 -20.85 20.92
N LEU J 13 -20.41 -21.50 20.00
CA LEU J 13 -20.31 -22.94 19.85
C LEU J 13 -18.85 -23.36 19.72
N SER J 14 -18.41 -24.31 20.57
CA SER J 14 -17.03 -24.83 20.55
C SER J 14 -17.06 -26.21 19.92
N ALA J 15 -16.21 -26.46 18.93
CA ALA J 15 -16.19 -27.78 18.30
C ALA J 15 -14.78 -28.23 17.92
N THR J 16 -14.57 -29.55 17.80
CA THR J 16 -13.27 -30.10 17.42
C THR J 16 -13.34 -30.40 15.95
N ILE J 17 -12.19 -30.34 15.25
CA ILE J 17 -12.12 -30.68 13.82
C ILE J 17 -12.63 -32.11 13.59
N GLY J 18 -13.67 -32.23 12.78
CA GLY J 18 -14.32 -33.51 12.47
C GLY J 18 -15.66 -33.74 13.14
N GLN J 19 -15.99 -32.95 14.18
CA GLN J 19 -17.24 -33.04 14.93
C GLN J 19 -18.41 -32.47 14.12
N SER J 20 -19.62 -33.00 14.34
CA SER J 20 -20.84 -32.52 13.71
C SER J 20 -21.51 -31.52 14.64
N VAL J 21 -22.02 -30.41 14.07
CA VAL J 21 -22.63 -29.31 14.82
C VAL J 21 -23.92 -28.82 14.15
N SER J 22 -24.86 -28.31 14.98
CA SER J 22 -26.14 -27.76 14.56
C SER J 22 -26.33 -26.37 15.15
N ILE J 23 -26.57 -25.40 14.25
CA ILE J 23 -26.81 -23.99 14.59
C ILE J 23 -28.28 -23.77 14.32
N SER J 24 -29.00 -23.24 15.31
CA SER J 24 -30.44 -23.00 15.22
C SER J 24 -30.81 -21.56 15.14
N CYS J 25 -31.91 -21.32 14.43
CA CYS J 25 -32.51 -20.02 14.23
C CYS J 25 -34.02 -20.22 14.43
N ARG J 26 -34.62 -19.36 15.26
CA ARG J 26 -36.06 -19.41 15.55
C ARG J 26 -36.66 -18.08 15.12
N SER J 27 -37.88 -18.13 14.53
CA SER J 27 -38.63 -16.96 14.03
C SER J 27 -39.98 -16.79 14.70
N SER J 28 -40.33 -15.52 15.05
CA SER J 28 -41.60 -15.09 15.68
C SER J 28 -42.78 -15.40 14.75
N GLN J 29 -42.74 -14.85 13.50
CA GLN J 29 -43.73 -15.10 12.46
C GLN J 29 -43.27 -16.28 11.62
N SER J 30 -44.19 -16.90 10.90
CA SER J 30 -43.88 -17.98 9.96
C SER J 30 -43.25 -17.30 8.75
N LEU J 31 -42.13 -17.85 8.27
CA LEU J 31 -41.35 -17.32 7.16
C LEU J 31 -41.73 -17.89 5.81
N LEU J 32 -42.82 -18.65 5.75
CA LEU J 32 -43.35 -19.18 4.49
C LEU J 32 -44.12 -18.04 3.76
N GLU J 33 -43.64 -17.68 2.55
CA GLU J 33 -44.24 -16.64 1.72
C GLU J 33 -45.38 -17.19 0.84
N SER J 34 -46.27 -16.30 0.38
CA SER J 34 -47.43 -16.56 -0.48
C SER J 34 -47.12 -17.42 -1.71
N ASP J 35 -45.86 -17.43 -2.18
CA ASP J 35 -45.39 -18.17 -3.36
C ASP J 35 -44.94 -19.59 -3.05
N GLY J 36 -45.09 -20.01 -1.79
CA GLY J 36 -44.73 -21.34 -1.32
C GLY J 36 -43.27 -21.47 -0.95
N ASN J 37 -42.50 -20.39 -1.08
CA ASN J 37 -41.09 -20.40 -0.71
C ASN J 37 -40.85 -19.73 0.64
N THR J 38 -39.88 -20.30 1.38
CA THR J 38 -39.46 -19.85 2.71
C THR J 38 -38.10 -19.21 2.54
N TYR J 39 -38.09 -17.89 2.68
CA TYR J 39 -36.89 -17.08 2.47
C TYR J 39 -35.99 -16.97 3.66
N LEU J 40 -35.32 -18.08 4.02
CA LEU J 40 -34.34 -18.16 5.11
C LEU J 40 -32.97 -18.51 4.49
N ASN J 41 -31.98 -17.67 4.76
CA ASN J 41 -30.63 -17.86 4.29
C ASN J 41 -29.64 -18.01 5.44
N TRP J 42 -28.57 -18.75 5.18
CA TRP J 42 -27.52 -18.95 6.15
C TRP J 42 -26.21 -18.42 5.56
N LEU J 43 -25.54 -17.53 6.35
CA LEU J 43 -24.27 -16.89 5.98
C LEU J 43 -23.21 -17.14 7.04
N LEU J 44 -21.96 -17.13 6.59
CA LEU J 44 -20.75 -17.30 7.38
C LEU J 44 -19.85 -16.11 7.18
N GLN J 45 -19.34 -15.58 8.31
CA GLN J 45 -18.37 -14.50 8.35
C GLN J 45 -17.08 -14.98 9.04
N ARG J 46 -16.09 -15.39 8.24
CA ARG J 46 -14.77 -15.85 8.69
C ARG J 46 -13.99 -14.67 9.21
N PRO J 47 -13.04 -14.85 10.19
CA PRO J 47 -12.31 -13.68 10.74
C PRO J 47 -11.66 -12.79 9.70
N GLY J 48 -11.93 -11.50 9.78
CA GLY J 48 -11.37 -10.48 8.88
C GLY J 48 -11.89 -10.47 7.45
N GLN J 49 -12.99 -11.23 7.19
CA GLN J 49 -13.63 -11.28 5.88
C GLN J 49 -15.10 -10.81 5.94
N SER J 50 -15.72 -10.63 4.77
CA SER J 50 -17.11 -10.18 4.66
C SER J 50 -18.08 -11.40 4.64
N PRO J 51 -19.40 -11.27 5.03
CA PRO J 51 -20.30 -12.44 4.99
C PRO J 51 -20.30 -13.17 3.64
N GLN J 52 -20.45 -14.48 3.66
CA GLN J 52 -20.48 -15.33 2.48
C GLN J 52 -21.72 -16.25 2.59
N LEU J 53 -22.54 -16.30 1.51
CA LEU J 53 -23.71 -17.19 1.45
C LEU J 53 -23.36 -18.70 1.40
N LEU J 54 -23.97 -19.44 2.30
CA LEU J 54 -23.80 -20.88 2.39
C LEU J 54 -25.02 -21.59 1.83
N ILE J 55 -26.21 -21.24 2.37
CA ILE J 55 -27.47 -21.88 2.02
C ILE J 55 -28.62 -20.91 1.88
N TYR J 56 -29.41 -21.08 0.80
CA TYR J 56 -30.56 -20.21 0.54
C TYR J 56 -31.83 -21.00 0.57
N SER J 57 -32.96 -20.33 0.89
CA SER J 57 -34.32 -20.94 0.94
C SER J 57 -34.33 -22.20 1.81
N VAL J 58 -33.82 -22.05 3.04
CA VAL J 58 -33.71 -23.07 4.08
C VAL J 58 -32.73 -24.20 3.84
N SER J 59 -32.74 -24.79 2.64
CA SER J 59 -31.98 -26.02 2.39
C SER J 59 -31.13 -26.10 1.12
N ASN J 60 -31.13 -25.06 0.28
CA ASN J 60 -30.39 -25.09 -0.98
C ASN J 60 -28.97 -24.64 -0.84
N LEU J 61 -28.07 -25.56 -1.14
CA LEU J 61 -26.62 -25.38 -1.09
C LEU J 61 -26.16 -24.51 -2.23
N GLU J 62 -25.44 -23.42 -1.91
CA GLU J 62 -24.90 -22.48 -2.89
C GLU J 62 -23.69 -23.10 -3.56
N SER J 63 -23.45 -22.76 -4.84
CA SER J 63 -22.37 -23.30 -5.66
C SER J 63 -21.01 -23.06 -5.02
N GLY J 64 -20.18 -24.09 -4.95
CA GLY J 64 -18.86 -24.02 -4.33
C GLY J 64 -18.81 -24.32 -2.84
N VAL J 65 -19.99 -24.47 -2.18
CA VAL J 65 -20.09 -24.76 -0.75
C VAL J 65 -20.01 -26.29 -0.51
N PRO J 66 -19.10 -26.79 0.36
CA PRO J 66 -18.97 -28.25 0.59
C PRO J 66 -20.21 -28.93 1.18
N ASN J 67 -20.43 -30.18 0.75
CA ASN J 67 -21.55 -31.03 1.13
C ASN J 67 -21.80 -31.27 2.64
N ARG J 68 -20.82 -30.91 3.49
CA ARG J 68 -20.94 -31.04 4.96
C ARG J 68 -21.94 -30.04 5.54
N PHE J 69 -22.35 -29.04 4.72
CA PHE J 69 -23.35 -28.07 5.10
C PHE J 69 -24.70 -28.55 4.64
N SER J 70 -25.70 -28.37 5.50
CA SER J 70 -27.07 -28.72 5.21
C SER J 70 -27.98 -27.89 6.06
N GLY J 71 -29.07 -27.53 5.43
CA GLY J 71 -30.10 -26.74 6.06
C GLY J 71 -31.40 -27.45 6.05
N SER J 72 -32.16 -27.21 7.08
CA SER J 72 -33.45 -27.80 7.26
C SER J 72 -34.23 -26.78 8.07
N GLY J 73 -35.54 -26.97 8.12
CA GLY J 73 -36.36 -26.10 8.92
C GLY J 73 -37.82 -26.26 8.64
N SER J 74 -38.62 -25.83 9.61
CA SER J 74 -40.06 -25.78 9.50
C SER J 74 -40.39 -24.42 8.84
N GLU J 75 -41.36 -23.68 9.39
CA GLU J 75 -41.82 -22.37 8.94
C GLU J 75 -41.36 -21.35 9.97
N THR J 76 -41.08 -21.80 11.21
CA THR J 76 -40.63 -20.95 12.32
C THR J 76 -39.29 -21.40 12.92
N ASP J 77 -38.89 -22.66 12.71
CA ASP J 77 -37.64 -23.19 13.27
C ASP J 77 -36.69 -23.69 12.18
N PHE J 78 -35.47 -23.17 12.16
CA PHE J 78 -34.48 -23.50 11.13
C PHE J 78 -33.18 -24.01 11.75
N THR J 79 -32.51 -24.93 11.05
CA THR J 79 -31.28 -25.56 11.51
C THR J 79 -30.15 -25.71 10.46
N LEU J 80 -28.99 -25.12 10.73
CA LEU J 80 -27.84 -25.34 9.87
C LEU J 80 -26.99 -26.46 10.53
N LYS J 81 -26.65 -27.48 9.74
CA LYS J 81 -25.88 -28.61 10.19
C LYS J 81 -24.55 -28.71 9.43
N ILE J 82 -23.46 -28.79 10.18
CA ILE J 82 -22.09 -28.96 9.65
C ILE J 82 -21.67 -30.39 10.07
N SER J 83 -21.55 -31.30 9.10
CA SER J 83 -21.20 -32.70 9.35
C SER J 83 -19.71 -32.89 9.18
N GLY J 84 -19.00 -32.66 10.27
CA GLY J 84 -17.55 -32.75 10.32
C GLY J 84 -16.98 -31.38 10.06
N VAL J 85 -16.86 -30.56 11.12
CA VAL J 85 -16.38 -29.18 11.04
C VAL J 85 -14.90 -29.16 10.64
N GLU J 86 -14.53 -28.22 9.77
CA GLU J 86 -13.18 -27.99 9.31
C GLU J 86 -12.73 -26.60 9.75
N ALA J 87 -11.42 -26.34 9.72
CA ALA J 87 -10.84 -25.06 10.15
C ALA J 87 -11.48 -23.87 9.42
N GLU J 88 -11.70 -23.99 8.10
CA GLU J 88 -12.33 -22.99 7.25
C GLU J 88 -13.82 -22.70 7.61
N ASP J 89 -14.43 -23.47 8.53
CA ASP J 89 -15.82 -23.29 8.94
C ASP J 89 -15.95 -22.38 10.16
N LEU J 90 -14.82 -22.06 10.80
CA LEU J 90 -14.78 -21.23 11.99
C LEU J 90 -15.09 -19.79 11.61
N GLY J 91 -15.95 -19.18 12.40
CA GLY J 91 -16.42 -17.83 12.19
C GLY J 91 -17.78 -17.68 12.81
N VAL J 92 -18.54 -16.70 12.38
CA VAL J 92 -19.86 -16.50 12.98
C VAL J 92 -20.97 -16.66 11.99
N TYR J 93 -21.94 -17.50 12.35
CA TYR J 93 -23.05 -17.88 11.49
C TYR J 93 -24.25 -17.05 11.72
N TYR J 94 -24.77 -16.54 10.60
CA TYR J 94 -25.95 -15.70 10.65
C TYR J 94 -27.09 -16.31 9.87
N CYS J 95 -28.25 -16.35 10.51
CA CYS J 95 -29.50 -16.73 9.85
C CYS J 95 -30.16 -15.42 9.40
N MET J 96 -30.86 -15.46 8.26
CA MET J 96 -31.43 -14.25 7.69
C MET J 96 -32.66 -14.53 6.87
N GLN J 97 -33.68 -13.69 7.10
CA GLN J 97 -34.96 -13.80 6.41
C GLN J 97 -35.24 -12.58 5.52
N THR J 98 -36.02 -12.78 4.46
CA THR J 98 -36.39 -11.73 3.52
C THR J 98 -37.87 -11.84 3.11
N THR J 99 -38.59 -12.85 3.63
CA THR J 99 -40.03 -13.07 3.44
C THR J 99 -40.75 -11.76 3.82
N HIS J 100 -40.44 -11.20 5.02
CA HIS J 100 -40.92 -9.93 5.52
C HIS J 100 -39.75 -8.93 5.38
N ALA J 101 -39.89 -7.63 5.85
CA ALA J 101 -38.83 -6.59 5.76
C ALA J 101 -37.57 -7.26 6.25
N PRO J 102 -36.45 -7.25 5.48
CA PRO J 102 -35.31 -8.08 5.87
C PRO J 102 -34.69 -7.82 7.23
N THR J 103 -34.43 -8.90 7.99
CA THR J 103 -33.78 -8.92 9.32
C THR J 103 -32.79 -10.07 9.45
N PHE J 104 -31.81 -9.89 10.32
CA PHE J 104 -30.74 -10.88 10.57
C PHE J 104 -30.81 -11.36 12.02
N GLY J 105 -30.22 -12.53 12.27
CA GLY J 105 -30.08 -13.04 13.62
C GLY J 105 -28.85 -12.40 14.21
N ALA J 106 -28.68 -12.49 15.55
CA ALA J 106 -27.52 -11.82 16.17
C ALA J 106 -26.20 -12.55 15.98
N GLY J 107 -26.26 -13.77 15.43
CA GLY J 107 -25.10 -14.58 15.11
C GLY J 107 -24.77 -15.67 16.12
N THR J 108 -23.99 -16.65 15.67
CA THR J 108 -23.52 -17.76 16.48
C THR J 108 -22.08 -17.97 16.11
N LYS J 109 -21.16 -17.62 17.04
CA LYS J 109 -19.72 -17.77 16.88
C LYS J 109 -19.37 -19.26 16.93
N LEU J 110 -18.56 -19.71 15.96
CA LEU J 110 -18.07 -21.08 15.96
C LEU J 110 -16.55 -21.00 16.17
N GLU J 111 -16.15 -21.31 17.41
CA GLU J 111 -14.84 -21.34 18.06
C GLU J 111 -14.29 -22.76 18.02
N LEU J 112 -12.95 -22.97 17.90
CA LEU J 112 -12.38 -24.32 17.92
C LEU J 112 -12.03 -24.79 19.34
N LYS J 113 -12.59 -25.94 19.74
CA LYS J 113 -12.31 -26.58 21.03
C LYS J 113 -10.89 -27.18 20.95
N ARG J 114 -9.94 -26.60 21.67
CA ARG J 114 -8.55 -27.06 21.69
C ARG J 114 -8.25 -27.52 23.12
N ALA J 115 -7.02 -28.00 23.39
CA ALA J 115 -6.63 -28.41 24.73
C ALA J 115 -6.65 -27.19 25.65
N ASP J 116 -7.19 -27.32 26.88
CA ASP J 116 -7.21 -26.21 27.83
C ASP J 116 -5.79 -25.69 28.06
N ALA J 117 -5.64 -24.37 28.05
CA ALA J 117 -4.35 -23.71 28.26
C ALA J 117 -4.51 -22.67 29.34
N ALA J 118 -3.51 -22.60 30.24
CA ALA J 118 -3.46 -21.65 31.36
C ALA J 118 -2.87 -20.35 30.91
N PRO J 119 -3.37 -19.18 31.41
CA PRO J 119 -2.81 -17.89 30.96
C PRO J 119 -1.42 -17.59 31.53
N THR J 120 -0.66 -16.77 30.81
CA THR J 120 0.64 -16.27 31.22
C THR J 120 0.33 -14.83 31.63
N VAL J 121 0.39 -14.58 32.94
CA VAL J 121 0.07 -13.27 33.53
C VAL J 121 1.32 -12.38 33.75
N SER J 122 1.22 -11.10 33.36
CA SER J 122 2.26 -10.09 33.46
C SER J 122 1.61 -8.78 33.91
N ILE J 123 2.12 -8.17 35.01
CA ILE J 123 1.63 -6.86 35.50
C ILE J 123 2.70 -5.82 35.20
N PHE J 124 2.28 -4.63 34.70
CA PHE J 124 3.15 -3.52 34.36
C PHE J 124 2.81 -2.22 35.09
N PRO J 125 3.77 -1.59 35.79
CA PRO J 125 3.48 -0.32 36.49
C PRO J 125 3.42 0.85 35.51
N PRO J 126 2.78 1.99 35.85
CA PRO J 126 2.77 3.12 34.91
C PRO J 126 4.17 3.70 34.67
N SER J 127 4.40 4.23 33.46
CA SER J 127 5.68 4.84 33.15
C SER J 127 5.78 6.20 33.86
N THR J 128 7.02 6.66 34.10
CA THR J 128 7.25 7.95 34.71
C THR J 128 6.80 9.05 33.75
N GLU J 129 7.00 8.88 32.41
CA GLU J 129 6.53 9.86 31.41
C GLU J 129 5.03 10.11 31.44
N GLN J 130 4.24 9.07 31.79
CA GLN J 130 2.79 9.17 31.92
C GLN J 130 2.49 9.90 33.21
N LEU J 131 3.07 9.42 34.32
CA LEU J 131 2.95 10.01 35.67
C LEU J 131 3.36 11.48 35.67
N ALA J 132 4.24 11.89 34.72
CA ALA J 132 4.70 13.26 34.51
C ALA J 132 3.52 14.19 34.11
N THR J 133 2.40 13.57 33.69
CA THR J 133 1.11 14.22 33.40
C THR J 133 0.20 13.83 34.60
N GLY J 134 -1.09 14.16 34.53
CA GLY J 134 -1.97 13.83 35.65
C GLY J 134 -2.33 12.36 35.78
N GLY J 135 -2.29 11.64 34.66
CA GLY J 135 -2.68 10.24 34.54
C GLY J 135 -1.68 9.20 34.95
N ALA J 136 -2.19 7.99 35.29
CA ALA J 136 -1.48 6.77 35.65
C ALA J 136 -2.29 5.55 35.21
N SER J 137 -1.69 4.63 34.43
CA SER J 137 -2.35 3.41 33.95
C SER J 137 -1.55 2.16 34.32
N VAL J 138 -2.21 1.20 34.96
CA VAL J 138 -1.60 -0.07 35.38
C VAL J 138 -2.14 -1.14 34.41
N VAL J 139 -1.24 -1.93 33.81
CA VAL J 139 -1.63 -2.90 32.78
C VAL J 139 -1.37 -4.35 33.22
N CYS J 140 -2.37 -5.21 33.00
CA CYS J 140 -2.32 -6.64 33.25
C CYS J 140 -2.62 -7.40 31.95
N LEU J 141 -1.74 -8.33 31.58
CA LEU J 141 -1.93 -9.15 30.37
C LEU J 141 -2.10 -10.61 30.75
N MET J 142 -3.09 -11.29 30.14
CA MET J 142 -3.35 -12.72 30.32
C MET J 142 -3.17 -13.34 28.93
N ASN J 143 -1.97 -13.84 28.64
CA ASN J 143 -1.69 -14.35 27.29
C ASN J 143 -1.75 -15.82 27.12
N ASN J 144 -2.25 -16.22 25.93
CA ASN J 144 -2.38 -17.59 25.43
C ASN J 144 -3.13 -18.55 26.34
N PHE J 145 -4.42 -18.28 26.58
CA PHE J 145 -5.23 -19.19 27.39
C PHE J 145 -6.39 -19.74 26.57
N TYR J 146 -7.05 -20.76 27.11
CA TYR J 146 -8.24 -21.45 26.58
C TYR J 146 -8.91 -22.28 27.71
N PRO J 147 -10.25 -22.22 27.91
CA PRO J 147 -11.28 -21.48 27.16
C PRO J 147 -11.28 -19.94 27.31
N ARG J 148 -12.09 -19.25 26.45
CA ARG J 148 -12.31 -17.80 26.39
C ARG J 148 -12.67 -17.24 27.77
N ASP J 149 -13.51 -18.00 28.53
CA ASP J 149 -14.01 -17.60 29.86
C ASP J 149 -12.88 -17.37 30.84
N ILE J 150 -12.84 -16.16 31.41
CA ILE J 150 -11.82 -15.72 32.36
C ILE J 150 -12.35 -14.51 33.17
N SER J 151 -11.82 -14.34 34.39
CA SER J 151 -12.19 -13.27 35.28
C SER J 151 -10.94 -12.64 35.88
N VAL J 152 -10.76 -11.34 35.65
CA VAL J 152 -9.64 -10.54 36.14
C VAL J 152 -10.15 -9.57 37.25
N LYS J 153 -9.40 -9.48 38.35
CA LYS J 153 -9.75 -8.63 39.48
C LYS J 153 -8.55 -7.77 39.90
N TRP J 154 -8.79 -6.46 39.99
CA TRP J 154 -7.76 -5.52 40.45
C TRP J 154 -7.91 -5.28 41.94
N LYS J 155 -6.86 -5.59 42.71
CA LYS J 155 -6.82 -5.33 44.16
C LYS J 155 -5.67 -4.36 44.43
N ILE J 156 -5.99 -3.21 45.07
CA ILE J 156 -5.01 -2.19 45.42
C ILE J 156 -4.90 -2.17 46.95
N ASP J 157 -3.75 -2.66 47.47
CA ASP J 157 -3.47 -2.81 48.91
C ASP J 157 -4.57 -3.63 49.59
N GLY J 158 -4.96 -4.74 48.93
CA GLY J 158 -5.99 -5.67 49.38
C GLY J 158 -7.39 -5.44 48.85
N THR J 159 -7.88 -4.18 48.86
CA THR J 159 -9.25 -3.86 48.42
C THR J 159 -9.42 -3.74 46.91
N GLU J 160 -10.45 -4.40 46.40
CA GLU J 160 -10.82 -4.45 44.98
C GLU J 160 -11.17 -3.08 44.42
N ARG J 161 -10.73 -2.83 43.16
CA ARG J 161 -11.09 -1.65 42.38
C ARG J 161 -11.70 -2.08 41.06
N ARG J 162 -12.92 -1.58 40.83
CA ARG J 162 -13.77 -1.85 39.67
C ARG J 162 -13.71 -0.68 38.70
N ASP J 163 -13.77 0.53 39.25
CA ASP J 163 -13.82 1.80 38.54
C ASP J 163 -12.48 2.13 37.82
N GLY J 164 -12.60 2.53 36.54
CA GLY J 164 -11.48 2.88 35.68
C GLY J 164 -10.80 1.70 35.01
N VAL J 165 -11.43 0.52 35.04
CA VAL J 165 -10.88 -0.70 34.45
C VAL J 165 -11.42 -0.88 33.01
N LEU J 166 -10.53 -1.22 32.06
CA LEU J 166 -10.95 -1.50 30.69
C LEU J 166 -10.28 -2.76 30.17
N ASP J 167 -11.10 -3.66 29.59
CA ASP J 167 -10.72 -4.98 29.11
C ASP J 167 -10.75 -5.07 27.59
N SER J 168 -10.00 -6.03 27.05
CA SER J 168 -9.90 -6.28 25.62
C SER J 168 -9.41 -7.69 25.44
N VAL J 169 -10.18 -8.50 24.71
CA VAL J 169 -9.91 -9.89 24.37
C VAL J 169 -9.73 -10.00 22.90
N THR J 170 -8.61 -10.60 22.50
CA THR J 170 -8.28 -10.85 21.09
C THR J 170 -9.21 -11.93 20.55
N ASP J 171 -9.33 -12.01 19.21
CA ASP J 171 -10.06 -13.09 18.56
C ASP J 171 -9.18 -14.36 18.76
N GLN J 172 -9.78 -15.55 18.66
CA GLN J 172 -9.08 -16.82 18.81
C GLN J 172 -7.93 -16.86 17.82
N ASP J 173 -6.71 -17.16 18.31
CA ASP J 173 -5.46 -17.17 17.54
C ASP J 173 -5.45 -18.10 16.32
N SER J 174 -4.77 -17.68 15.26
CA SER J 174 -4.64 -18.44 14.01
C SER J 174 -3.64 -19.58 14.17
N LYS J 175 -2.52 -19.33 14.89
CA LYS J 175 -1.47 -20.33 15.13
C LYS J 175 -1.79 -21.34 16.23
N ASP J 176 -2.00 -20.88 17.48
CA ASP J 176 -2.25 -21.79 18.62
C ASP J 176 -3.69 -21.92 19.14
N SER J 177 -4.67 -21.35 18.41
CA SER J 177 -6.10 -21.37 18.72
C SER J 177 -6.49 -20.90 20.15
N THR J 178 -5.68 -19.98 20.72
CA THR J 178 -5.92 -19.48 22.06
C THR J 178 -6.49 -18.07 22.07
N TYR J 179 -6.79 -17.57 23.29
CA TYR J 179 -7.24 -16.21 23.57
C TYR J 179 -6.21 -15.50 24.43
N SER J 180 -6.17 -14.19 24.30
CA SER J 180 -5.29 -13.29 25.06
C SER J 180 -6.14 -12.09 25.45
N MET J 181 -5.97 -11.63 26.69
CA MET J 181 -6.71 -10.51 27.26
C MET J 181 -5.80 -9.47 27.88
N SER J 182 -6.19 -8.19 27.80
CA SER J 182 -5.47 -7.10 28.46
C SER J 182 -6.40 -6.24 29.28
N SER J 183 -6.00 -5.97 30.51
CA SER J 183 -6.75 -5.11 31.40
C SER J 183 -5.92 -3.91 31.86
N THR J 184 -6.44 -2.70 31.60
CA THR J 184 -5.82 -1.44 32.02
C THR J 184 -6.65 -0.76 33.13
N LEU J 185 -6.02 -0.38 34.25
CA LEU J 185 -6.70 0.31 35.32
C LEU J 185 -6.24 1.77 35.31
N SER J 186 -7.08 2.66 34.80
CA SER J 186 -6.75 4.09 34.75
C SER J 186 -7.01 4.75 36.11
N LEU J 187 -6.00 5.46 36.61
CA LEU J 187 -5.92 6.12 37.91
C LEU J 187 -5.31 7.51 37.73
N THR J 188 -5.31 8.33 38.78
CA THR J 188 -4.65 9.64 38.76
C THR J 188 -3.30 9.49 39.43
N LYS J 189 -2.33 10.39 39.13
CA LYS J 189 -0.98 10.36 39.69
C LYS J 189 -1.01 10.44 41.21
N ALA J 190 -1.86 11.32 41.77
CA ALA J 190 -2.01 11.48 43.20
C ALA J 190 -2.65 10.27 43.86
N ASP J 191 -3.70 9.68 43.20
CA ASP J 191 -4.39 8.47 43.67
C ASP J 191 -3.42 7.29 43.62
N TYR J 192 -2.70 7.11 42.50
CA TYR J 192 -1.72 6.02 42.34
C TYR J 192 -0.67 6.08 43.45
N GLU J 193 -0.19 7.30 43.78
CA GLU J 193 0.83 7.53 44.81
C GLU J 193 0.35 7.35 46.27
N SER J 194 -0.98 7.27 46.48
CA SER J 194 -1.61 7.08 47.79
C SER J 194 -1.55 5.62 48.24
N HIS J 195 -1.30 4.70 47.29
CA HIS J 195 -1.29 3.27 47.53
C HIS J 195 0.06 2.65 47.22
N ASN J 196 0.30 1.42 47.73
CA ASN J 196 1.59 0.77 47.50
C ASN J 196 1.55 -0.59 46.77
N LEU J 197 0.67 -1.52 47.20
CA LEU J 197 0.61 -2.84 46.55
C LEU J 197 -0.49 -2.95 45.51
N TYR J 198 -0.09 -3.21 44.26
CA TYR J 198 -0.95 -3.36 43.11
C TYR J 198 -0.97 -4.82 42.71
N THR J 199 -2.15 -5.47 42.84
CA THR J 199 -2.38 -6.87 42.53
C THR J 199 -3.43 -7.09 41.41
N CYS J 200 -3.08 -7.92 40.41
CA CYS J 200 -3.97 -8.36 39.35
C CYS J 200 -4.22 -9.85 39.60
N GLU J 201 -5.49 -10.23 39.87
CA GLU J 201 -5.86 -11.62 40.09
C GLU J 201 -6.80 -12.19 39.04
N VAL J 202 -6.30 -13.24 38.39
CA VAL J 202 -6.89 -13.92 37.26
C VAL J 202 -7.49 -15.26 37.68
N VAL J 203 -8.77 -15.45 37.37
CA VAL J 203 -9.52 -16.67 37.64
C VAL J 203 -9.91 -17.31 36.31
N HIS J 204 -9.30 -18.46 36.02
CA HIS J 204 -9.55 -19.23 34.80
C HIS J 204 -10.05 -20.61 35.20
N LYS J 205 -10.35 -21.46 34.20
CA LYS J 205 -10.77 -22.84 34.36
C LYS J 205 -9.55 -23.65 34.91
N THR J 206 -8.42 -23.64 34.15
CA THR J 206 -7.13 -24.33 34.33
C THR J 206 -6.51 -24.30 35.75
N SER J 207 -7.12 -23.54 36.67
CA SER J 207 -6.66 -23.45 38.06
C SER J 207 -7.84 -23.19 38.99
N SER J 208 -7.81 -23.84 40.16
CA SER J 208 -8.86 -23.67 41.16
C SER J 208 -8.62 -22.38 41.95
N SER J 209 -7.36 -22.14 42.35
CA SER J 209 -6.96 -20.93 43.07
C SER J 209 -6.54 -19.86 42.05
N PRO J 210 -6.86 -18.56 42.28
CA PRO J 210 -6.48 -17.52 41.30
C PRO J 210 -4.99 -17.36 41.06
N VAL J 211 -4.61 -16.80 39.89
CA VAL J 211 -3.21 -16.47 39.56
C VAL J 211 -2.99 -15.03 40.00
N VAL J 212 -2.08 -14.82 40.96
CA VAL J 212 -1.81 -13.49 41.47
C VAL J 212 -0.46 -12.96 41.01
N LYS J 213 -0.48 -11.76 40.35
CA LYS J 213 0.72 -11.02 39.90
C LYS J 213 0.69 -9.62 40.52
N SER J 214 1.79 -9.25 41.17
CA SER J 214 1.91 -8.00 41.90
C SER J 214 3.19 -7.21 41.65
N PHE J 215 3.19 -5.98 42.15
CA PHE J 215 4.33 -5.08 42.21
C PHE J 215 4.07 -4.10 43.33
N ASN J 216 5.13 -3.68 44.02
CA ASN J 216 5.09 -2.66 45.08
C ASN J 216 5.76 -1.43 44.47
N ARG J 217 5.08 -0.26 44.49
CA ARG J 217 5.55 0.97 43.83
C ARG J 217 6.82 1.68 44.34
N ASN J 218 7.48 1.12 45.38
CA ASN J 218 8.73 1.66 45.93
C ASN J 218 9.97 0.86 45.50
N GLU J 219 9.82 -0.45 45.13
CA GLU J 219 10.92 -1.36 44.75
C GLU J 219 11.00 -1.84 43.32
N CYS J 220 12.21 -2.30 42.92
CA CYS J 220 12.55 -2.84 41.58
C CYS J 220 13.69 -3.88 41.68
N VAL K 2 6.60 31.93 -22.11
CA VAL K 2 6.45 30.92 -21.07
C VAL K 2 6.46 29.50 -21.61
N LYS K 3 5.35 29.06 -22.29
CA LYS K 3 5.10 27.70 -22.81
C LYS K 3 5.63 27.27 -24.23
N LEU K 4 5.80 25.95 -24.40
CA LEU K 4 6.16 25.19 -25.60
C LEU K 4 5.57 23.76 -25.40
N GLN K 5 4.69 23.33 -26.31
CA GLN K 5 4.13 22.01 -26.21
C GLN K 5 4.31 21.26 -27.53
N GLU K 6 4.96 20.09 -27.50
CA GLU K 6 5.18 19.29 -28.72
C GLU K 6 4.18 18.17 -28.83
N SER K 7 3.69 17.93 -30.05
CA SER K 7 2.74 16.88 -30.43
C SER K 7 3.34 16.13 -31.63
N GLY K 8 2.72 15.02 -32.03
CA GLY K 8 3.11 14.31 -33.23
C GLY K 8 3.86 13.01 -33.07
N GLY K 9 4.37 12.77 -31.87
CA GLY K 9 5.11 11.56 -31.53
C GLY K 9 4.20 10.35 -31.46
N GLY K 10 4.82 9.18 -31.59
CA GLY K 10 4.15 7.89 -31.54
C GLY K 10 5.01 6.77 -32.11
N LEU K 11 4.43 5.57 -32.15
CA LEU K 11 5.08 4.40 -32.71
C LEU K 11 4.87 4.34 -34.26
N VAL K 12 5.96 4.18 -35.01
CA VAL K 12 6.00 4.11 -36.48
C VAL K 12 6.96 2.98 -36.93
N GLN K 13 6.81 2.48 -38.14
CA GLN K 13 7.69 1.45 -38.70
C GLN K 13 8.85 2.17 -39.42
N PRO K 14 10.02 1.50 -39.60
CA PRO K 14 11.14 2.14 -40.34
C PRO K 14 10.75 2.48 -41.78
N GLY K 15 11.35 3.53 -42.33
CA GLY K 15 11.10 4.02 -43.69
C GLY K 15 9.94 4.99 -43.76
N ARG K 16 9.04 4.91 -42.79
CA ARG K 16 7.87 5.79 -42.74
C ARG K 16 8.23 7.21 -42.29
N SER K 17 7.28 8.14 -42.45
CA SER K 17 7.46 9.55 -42.16
C SER K 17 6.59 10.00 -41.01
N LEU K 18 6.97 11.08 -40.34
CA LEU K 18 6.24 11.63 -39.20
C LEU K 18 6.51 13.11 -39.11
N LYS K 19 5.51 13.90 -38.70
CA LYS K 19 5.68 15.35 -38.55
C LYS K 19 5.33 15.82 -37.14
N LEU K 20 6.34 16.35 -36.46
CA LEU K 20 6.15 16.87 -35.12
C LEU K 20 5.85 18.37 -35.16
N SER K 21 5.05 18.86 -34.20
CA SER K 21 4.76 20.28 -34.14
C SER K 21 4.96 20.82 -32.73
N CYS K 22 5.21 22.12 -32.61
CA CYS K 22 5.45 22.72 -31.31
C CYS K 22 4.62 24.01 -31.14
N ALA K 23 3.56 23.91 -30.33
CA ALA K 23 2.68 25.05 -30.02
C ALA K 23 3.41 25.98 -29.06
N ALA K 24 3.55 27.27 -29.43
CA ALA K 24 4.25 28.23 -28.58
C ALA K 24 3.39 29.39 -28.07
N SER K 25 3.59 29.80 -26.81
CA SER K 25 2.87 30.90 -26.18
C SER K 25 3.70 31.56 -25.06
N GLY K 26 3.30 32.77 -24.66
CA GLY K 26 3.97 33.49 -23.58
C GLY K 26 5.19 34.28 -23.97
N PHE K 27 5.52 34.28 -25.29
CA PHE K 27 6.68 35.01 -25.80
C PHE K 27 6.49 35.45 -27.24
N THR K 28 7.38 36.34 -27.73
CA THR K 28 7.35 36.78 -29.11
C THR K 28 8.10 35.76 -29.96
N PHE K 29 7.35 34.75 -30.46
CA PHE K 29 7.82 33.63 -31.27
C PHE K 29 8.70 34.05 -32.50
N SER K 30 8.32 35.16 -33.16
CA SER K 30 8.97 35.70 -34.36
C SER K 30 10.38 36.29 -34.13
N ASP K 31 10.75 36.53 -32.86
CA ASP K 31 12.05 37.09 -32.49
C ASP K 31 12.98 36.00 -31.94
N SER K 32 12.39 34.80 -31.64
CA SER K 32 13.09 33.67 -31.04
C SER K 32 13.65 32.67 -32.02
N TYR K 33 14.87 32.22 -31.72
CA TYR K 33 15.61 31.18 -32.42
C TYR K 33 15.15 29.89 -31.69
N LEU K 34 14.75 28.87 -32.44
CA LEU K 34 14.31 27.61 -31.83
C LEU K 34 15.08 26.40 -32.33
N ALA K 35 15.22 25.44 -31.45
CA ALA K 35 15.90 24.19 -31.72
C ALA K 35 15.00 22.99 -31.42
N TRP K 36 15.27 21.81 -32.07
CA TRP K 36 14.72 20.47 -31.82
C TRP K 36 15.90 19.67 -31.24
N VAL K 37 15.74 19.20 -30.00
CA VAL K 37 16.72 18.44 -29.24
C VAL K 37 16.11 17.09 -28.86
N ARG K 38 16.76 15.97 -29.26
CA ARG K 38 16.25 14.63 -28.92
C ARG K 38 17.02 13.92 -27.77
N GLN K 39 16.34 13.00 -27.08
CA GLN K 39 16.96 12.23 -26.01
C GLN K 39 16.59 10.75 -26.03
N ALA K 40 17.55 9.92 -26.37
CA ALA K 40 17.49 8.46 -26.36
C ALA K 40 18.33 8.02 -25.10
N PRO K 41 18.11 6.85 -24.46
CA PRO K 41 18.92 6.49 -23.28
C PRO K 41 20.36 6.12 -23.66
N THR K 42 20.57 5.60 -24.89
CA THR K 42 21.88 5.21 -25.41
C THR K 42 22.75 6.42 -25.79
N LYS K 43 22.22 7.28 -26.70
CA LYS K 43 22.88 8.46 -27.26
C LYS K 43 22.68 9.79 -26.49
N GLY K 44 22.05 9.75 -25.31
CA GLY K 44 21.85 10.89 -24.41
C GLY K 44 21.16 12.05 -25.08
N LEU K 45 21.71 13.29 -24.93
CA LEU K 45 21.11 14.46 -25.56
C LEU K 45 21.73 14.80 -26.91
N GLU K 46 20.94 15.26 -27.88
CA GLU K 46 21.43 15.56 -29.20
C GLU K 46 20.72 16.74 -29.83
N TRP K 47 21.45 17.57 -30.59
CA TRP K 47 20.89 18.71 -31.31
C TRP K 47 20.46 18.15 -32.65
N VAL K 48 19.14 18.14 -32.94
CA VAL K 48 18.61 17.62 -34.20
C VAL K 48 18.71 18.70 -35.28
N ALA K 49 17.89 19.74 -35.14
CA ALA K 49 17.77 20.84 -36.09
C ALA K 49 17.46 22.11 -35.35
N SER K 50 17.88 23.24 -35.90
CA SER K 50 17.67 24.57 -35.33
C SER K 50 17.42 25.60 -36.41
N ILE K 51 16.63 26.66 -36.09
CA ILE K 51 16.18 27.68 -37.04
C ILE K 51 16.25 29.11 -36.49
N THR K 52 16.66 30.06 -37.34
CA THR K 52 16.78 31.50 -37.01
C THR K 52 15.39 32.14 -37.04
N ASN K 53 15.19 33.16 -36.19
CA ASN K 53 13.92 33.88 -35.97
C ASN K 53 12.95 34.11 -37.13
N SER K 54 13.45 34.07 -38.38
CA SER K 54 12.65 34.23 -39.61
C SER K 54 13.12 33.29 -40.75
N GLY K 55 13.68 32.17 -40.35
CA GLY K 55 14.12 31.13 -41.28
C GLY K 55 15.24 31.41 -42.27
N GLY K 56 16.08 32.42 -42.02
CA GLY K 56 17.22 32.73 -42.88
C GLY K 56 18.34 31.72 -42.86
N ARG K 57 18.65 31.17 -41.68
CA ARG K 57 19.64 30.13 -41.44
C ARG K 57 19.02 29.02 -40.64
N PHE K 58 19.51 27.81 -40.90
CA PHE K 58 19.05 26.59 -40.23
C PHE K 58 20.22 25.64 -40.03
N TYR K 59 20.01 24.55 -39.28
CA TYR K 59 21.06 23.57 -39.04
C TYR K 59 20.42 22.19 -38.88
N TYR K 60 21.09 21.15 -39.45
CA TYR K 60 20.68 19.75 -39.33
C TYR K 60 21.92 18.96 -38.98
N ARG K 61 21.87 18.13 -37.94
CA ARG K 61 23.02 17.31 -37.58
C ARG K 61 23.28 16.29 -38.70
N ASP K 62 24.53 15.88 -38.90
CA ASP K 62 24.91 14.93 -39.95
C ASP K 62 24.00 13.73 -40.10
N SER K 63 23.55 13.15 -38.98
CA SER K 63 22.64 11.99 -38.90
C SER K 63 21.27 12.23 -39.55
N VAL K 64 20.77 13.46 -39.57
CA VAL K 64 19.42 13.78 -40.05
C VAL K 64 19.32 14.55 -41.39
N LYS K 65 20.47 14.94 -41.97
CA LYS K 65 20.61 15.69 -43.23
C LYS K 65 20.00 14.86 -44.37
N GLY K 66 19.14 15.51 -45.16
CA GLY K 66 18.44 14.90 -46.29
C GLY K 66 17.10 14.28 -45.94
N ARG K 67 16.94 13.77 -44.69
CA ARG K 67 15.71 13.11 -44.21
C ARG K 67 14.82 14.04 -43.42
N PHE K 68 15.39 14.88 -42.57
CA PHE K 68 14.63 15.81 -41.71
C PHE K 68 14.51 17.22 -42.28
N THR K 69 13.40 17.89 -41.94
CA THR K 69 13.15 19.26 -42.39
C THR K 69 12.55 20.09 -41.25
N ILE K 70 13.25 21.17 -40.88
CA ILE K 70 12.78 22.12 -39.88
C ILE K 70 12.12 23.32 -40.60
N SER K 71 11.04 23.85 -40.01
CA SER K 71 10.26 24.98 -40.51
C SER K 71 9.44 25.61 -39.38
N ARG K 72 8.89 26.78 -39.64
CA ARG K 72 8.08 27.51 -38.67
C ARG K 72 7.03 28.41 -39.34
N ASP K 73 5.89 28.59 -38.65
CA ASP K 73 4.81 29.47 -39.04
C ASP K 73 4.71 30.49 -37.93
N ASN K 74 5.32 31.67 -38.13
CA ASN K 74 5.37 32.75 -37.17
C ASN K 74 4.00 33.36 -36.85
N ALA K 75 3.08 33.30 -37.84
CA ALA K 75 1.70 33.78 -37.75
C ALA K 75 0.88 32.85 -36.85
N LYS K 76 1.24 31.55 -36.83
CA LYS K 76 0.56 30.53 -36.06
C LYS K 76 1.31 30.12 -34.77
N SER K 77 2.50 30.72 -34.52
CA SER K 77 3.36 30.40 -33.36
C SER K 77 3.67 28.88 -33.27
N THR K 78 3.96 28.25 -34.40
CA THR K 78 4.25 26.82 -34.42
C THR K 78 5.60 26.51 -35.07
N LEU K 79 6.33 25.56 -34.48
CA LEU K 79 7.61 25.08 -34.99
C LEU K 79 7.35 23.66 -35.46
N TYR K 80 8.04 23.20 -36.50
CA TYR K 80 7.82 21.87 -37.11
C TYR K 80 9.07 21.13 -37.41
N LEU K 81 8.96 19.80 -37.46
CA LEU K 81 10.04 18.89 -37.84
C LEU K 81 9.46 17.75 -38.65
N GLN K 82 9.75 17.75 -39.94
CA GLN K 82 9.28 16.68 -40.81
C GLN K 82 10.35 15.62 -40.76
N MET K 83 9.98 14.44 -40.29
CA MET K 83 10.94 13.36 -40.23
C MET K 83 10.54 12.36 -41.24
N ASP K 84 11.29 12.26 -42.35
CA ASP K 84 10.97 11.31 -43.42
C ASP K 84 12.01 10.21 -43.35
N SER K 85 11.76 9.02 -43.93
CA SER K 85 12.68 7.85 -43.93
C SER K 85 13.26 7.56 -42.54
N LEU K 86 12.36 7.43 -41.56
CA LEU K 86 12.69 7.19 -40.16
C LEU K 86 13.43 5.87 -39.94
N ARG K 87 14.43 5.89 -39.05
CA ARG K 87 15.27 4.75 -38.65
C ARG K 87 15.12 4.49 -37.15
N SER K 88 15.58 3.33 -36.68
CA SER K 88 15.55 2.95 -35.26
C SER K 88 16.38 3.90 -34.43
N GLU K 89 17.45 4.43 -35.05
CA GLU K 89 18.41 5.43 -34.57
C GLU K 89 17.67 6.73 -34.16
N ASP K 90 16.54 7.03 -34.83
CA ASP K 90 15.70 8.20 -34.53
C ASP K 90 14.84 8.02 -33.29
N THR K 91 14.78 6.82 -32.71
CA THR K 91 13.98 6.56 -31.49
C THR K 91 14.54 7.49 -30.39
N ALA K 92 13.66 8.38 -29.80
CA ALA K 92 14.00 9.40 -28.81
C ALA K 92 12.78 10.22 -28.33
N THR K 93 12.95 10.98 -27.22
CA THR K 93 11.92 11.96 -26.81
C THR K 93 12.37 13.26 -27.42
N TYR K 94 11.49 13.91 -28.20
CA TYR K 94 11.80 15.15 -28.92
C TYR K 94 11.37 16.42 -28.21
N TYR K 95 12.33 17.32 -27.96
CA TYR K 95 12.17 18.61 -27.29
C TYR K 95 12.31 19.78 -28.24
N CYS K 96 11.38 20.70 -28.11
CA CYS K 96 11.30 21.95 -28.84
C CYS K 96 11.75 22.92 -27.76
N THR K 97 12.87 23.62 -28.05
CA THR K 97 13.49 24.51 -27.09
C THR K 97 13.89 25.82 -27.70
N ARG K 98 14.14 26.79 -26.82
CA ARG K 98 14.62 28.16 -27.03
C ARG K 98 15.78 28.32 -26.04
N MET K 99 16.26 27.17 -25.50
CA MET K 99 17.34 27.01 -24.52
C MET K 99 16.88 27.39 -23.11
N ASP K 100 16.32 28.60 -22.96
CA ASP K 100 15.84 29.13 -21.70
C ASP K 100 14.53 28.52 -21.34
N TYR K 101 13.78 28.03 -22.35
CA TYR K 101 12.50 27.35 -22.16
C TYR K 101 12.42 26.11 -23.04
N TRP K 102 12.03 25.00 -22.43
CA TRP K 102 11.94 23.66 -23.02
C TRP K 102 10.52 23.17 -22.93
N GLY K 103 10.13 22.30 -23.87
CA GLY K 103 8.82 21.64 -23.85
C GLY K 103 8.85 20.40 -22.97
N GLN K 104 7.74 19.67 -22.89
CA GLN K 104 7.64 18.45 -22.10
C GLN K 104 8.09 17.21 -22.91
N GLY K 105 8.09 17.34 -24.23
CA GLY K 105 8.54 16.27 -25.11
C GLY K 105 7.49 15.34 -25.73
N THR K 106 7.75 15.02 -26.99
CA THR K 106 6.91 14.10 -27.71
C THR K 106 7.81 12.93 -28.04
N THR K 107 7.43 11.72 -27.62
CA THR K 107 8.24 10.53 -27.83
C THR K 107 8.02 9.86 -29.19
N VAL K 108 9.12 9.60 -29.90
CA VAL K 108 9.07 8.97 -31.23
C VAL K 108 9.71 7.62 -31.17
N THR K 109 8.93 6.59 -31.47
CA THR K 109 9.43 5.23 -31.44
C THR K 109 9.39 4.63 -32.84
N VAL K 110 10.55 4.14 -33.31
CA VAL K 110 10.64 3.53 -34.62
C VAL K 110 11.00 2.05 -34.44
N SER K 111 10.12 1.13 -34.88
CA SER K 111 10.37 -0.31 -34.79
C SER K 111 9.51 -1.12 -35.72
N SER K 112 10.04 -2.31 -36.10
CA SER K 112 9.42 -3.31 -36.96
C SER K 112 8.49 -4.20 -36.11
N ALA K 113 8.65 -4.20 -34.75
CA ALA K 113 7.83 -4.98 -33.80
C ALA K 113 6.40 -4.48 -33.79
N GLU K 114 5.42 -5.39 -33.54
CA GLU K 114 3.98 -5.10 -33.54
C GLU K 114 3.38 -5.08 -32.14
N THR K 115 2.26 -4.34 -31.97
CA THR K 115 1.56 -4.12 -30.71
C THR K 115 1.07 -5.42 -30.11
N THR K 116 1.75 -5.86 -29.04
CA THR K 116 1.43 -7.10 -28.30
C THR K 116 1.03 -6.70 -26.88
N ALA K 117 -0.08 -7.28 -26.34
CA ALA K 117 -0.52 -7.03 -24.97
C ALA K 117 0.33 -7.89 -24.00
N PRO K 118 0.40 -7.53 -22.71
CA PRO K 118 1.23 -8.33 -21.80
C PRO K 118 0.50 -9.56 -21.41
N SER K 119 1.21 -10.45 -20.74
CA SER K 119 0.70 -11.66 -20.13
C SER K 119 1.14 -11.34 -18.74
N VAL K 120 0.26 -11.42 -17.79
CA VAL K 120 0.62 -11.15 -16.42
C VAL K 120 0.65 -12.43 -15.65
N TYR K 121 1.75 -12.65 -14.94
CA TYR K 121 1.92 -13.82 -14.07
C TYR K 121 2.07 -13.40 -12.62
N PRO K 122 1.55 -14.16 -11.66
CA PRO K 122 1.67 -13.73 -10.26
C PRO K 122 3.01 -14.09 -9.61
N LEU K 123 3.41 -13.25 -8.66
CA LEU K 123 4.60 -13.44 -7.83
C LEU K 123 4.07 -13.55 -6.41
N ALA K 124 4.01 -14.77 -5.94
CA ALA K 124 3.52 -15.16 -4.61
C ALA K 124 4.59 -15.99 -3.86
N PRO K 125 4.62 -15.96 -2.51
CA PRO K 125 5.63 -16.75 -1.76
C PRO K 125 5.58 -18.26 -2.00
N SER K 133 5.80 -10.37 9.45
CA SER K 133 5.02 -9.15 9.64
C SER K 133 4.50 -8.60 8.33
N MET K 134 5.37 -8.49 7.32
CA MET K 134 5.00 -7.96 6.01
C MET K 134 5.12 -9.05 4.94
N VAL K 135 4.27 -8.95 3.91
CA VAL K 135 4.30 -9.87 2.76
C VAL K 135 4.54 -9.01 1.53
N THR K 136 5.44 -9.48 0.66
CA THR K 136 5.74 -8.86 -0.62
C THR K 136 5.19 -9.78 -1.67
N LEU K 137 4.21 -9.27 -2.44
CA LEU K 137 3.54 -9.96 -3.52
C LEU K 137 3.89 -9.20 -4.77
N GLY K 138 3.79 -9.85 -5.93
CA GLY K 138 4.12 -9.19 -7.16
C GLY K 138 3.41 -9.67 -8.41
N CYS K 139 3.72 -8.99 -9.51
CA CYS K 139 3.21 -9.27 -10.85
C CYS K 139 4.37 -9.22 -11.83
N LEU K 140 4.54 -10.27 -12.62
CA LEU K 140 5.55 -10.31 -13.68
C LEU K 140 4.78 -9.97 -14.97
N VAL K 141 5.13 -8.83 -15.58
CA VAL K 141 4.47 -8.31 -16.79
C VAL K 141 5.37 -8.66 -17.98
N LYS K 142 5.05 -9.72 -18.67
CA LYS K 142 5.91 -10.23 -19.75
C LYS K 142 5.28 -10.21 -21.17
N GLY K 143 6.14 -10.08 -22.16
CA GLY K 143 5.80 -10.10 -23.57
C GLY K 143 4.95 -8.99 -24.10
N TYR K 144 5.23 -7.73 -23.72
CA TYR K 144 4.45 -6.61 -24.26
C TYR K 144 5.29 -5.68 -25.14
N PHE K 145 4.62 -4.89 -26.01
CA PHE K 145 5.26 -3.95 -26.92
C PHE K 145 4.23 -2.98 -27.58
N PRO K 146 4.52 -1.66 -27.75
CA PRO K 146 5.65 -0.89 -27.23
C PRO K 146 5.42 -0.52 -25.77
N GLU K 147 6.16 0.46 -25.24
CA GLU K 147 6.00 1.00 -23.90
C GLU K 147 4.96 2.14 -23.98
N PRO K 148 4.23 2.51 -22.92
CA PRO K 148 4.31 2.06 -21.53
C PRO K 148 3.14 1.19 -21.05
N VAL K 149 3.34 0.56 -19.89
CA VAL K 149 2.31 -0.13 -19.14
C VAL K 149 2.16 0.66 -17.81
N THR K 150 0.97 0.68 -17.24
CA THR K 150 0.73 1.30 -15.94
C THR K 150 0.28 0.17 -15.01
N VAL K 151 0.96 -0.01 -13.86
CA VAL K 151 0.64 -1.02 -12.87
C VAL K 151 0.09 -0.39 -11.58
N THR K 152 -1.08 -0.87 -11.10
CA THR K 152 -1.70 -0.42 -9.86
C THR K 152 -2.06 -1.62 -9.02
N TRP K 153 -2.27 -1.43 -7.72
CA TRP K 153 -2.68 -2.52 -6.83
C TRP K 153 -4.03 -2.19 -6.17
N ASN K 154 -5.03 -3.02 -6.49
CA ASN K 154 -6.41 -2.89 -6.00
C ASN K 154 -7.02 -1.52 -6.29
N SER K 155 -6.30 -0.69 -7.09
CA SER K 155 -6.57 0.67 -7.61
C SER K 155 -6.61 1.76 -6.53
N SER K 160 0.83 2.19 0.88
CA SER K 160 0.92 2.10 -0.58
C SER K 160 2.29 1.69 -1.11
N GLY K 161 3.02 0.90 -0.33
CA GLY K 161 4.36 0.36 -0.60
C GLY K 161 4.54 -0.41 -1.91
N VAL K 162 4.36 0.28 -3.03
CA VAL K 162 4.47 -0.25 -4.38
C VAL K 162 5.86 0.05 -4.95
N HIS K 163 6.44 -0.90 -5.74
CA HIS K 163 7.76 -0.73 -6.38
C HIS K 163 7.69 -1.20 -7.86
N THR K 164 7.41 -0.31 -8.83
CA THR K 164 7.36 -0.76 -10.22
C THR K 164 8.74 -0.69 -10.80
N PHE K 165 9.27 -1.81 -11.25
CA PHE K 165 10.63 -1.81 -11.82
C PHE K 165 10.64 -1.42 -13.30
N PRO K 166 11.68 -0.73 -13.80
CA PRO K 166 11.68 -0.33 -15.24
C PRO K 166 11.65 -1.51 -16.20
N ALA K 167 11.04 -1.35 -17.39
CA ALA K 167 11.01 -2.47 -18.36
C ALA K 167 12.37 -2.78 -18.99
N VAL K 168 12.56 -4.03 -19.41
CA VAL K 168 13.79 -4.50 -20.05
C VAL K 168 13.41 -5.24 -21.35
N LEU K 169 14.11 -4.96 -22.46
CA LEU K 169 13.83 -5.62 -23.74
C LEU K 169 14.39 -7.01 -23.82
N GLN K 170 13.50 -7.98 -24.05
CA GLN K 170 13.81 -9.41 -24.17
C GLN K 170 13.20 -9.93 -25.49
N SER K 171 14.08 -10.35 -26.43
CA SER K 171 13.69 -10.88 -27.73
C SER K 171 12.58 -10.05 -28.44
N GLY K 172 12.85 -8.75 -28.48
CA GLY K 172 11.98 -7.75 -29.09
C GLY K 172 10.76 -7.39 -28.28
N LEU K 173 10.61 -7.94 -27.06
CA LEU K 173 9.44 -7.62 -26.21
C LEU K 173 9.81 -7.18 -24.81
N TYR K 174 9.05 -6.21 -24.25
CA TYR K 174 9.28 -5.69 -22.89
C TYR K 174 8.77 -6.58 -21.78
N THR K 175 9.51 -6.58 -20.67
CA THR K 175 9.25 -7.33 -19.44
C THR K 175 9.49 -6.44 -18.22
N LEU K 176 8.52 -6.37 -17.32
CA LEU K 176 8.70 -5.70 -16.04
C LEU K 176 8.14 -6.47 -14.86
N THR K 177 8.46 -6.01 -13.67
CA THR K 177 7.95 -6.56 -12.41
C THR K 177 7.39 -5.42 -11.58
N SER K 178 6.35 -5.69 -10.84
CA SER K 178 5.79 -4.73 -9.92
C SER K 178 5.60 -5.48 -8.61
N SER K 179 5.79 -4.81 -7.47
CA SER K 179 5.60 -5.44 -6.16
C SER K 179 4.82 -4.55 -5.20
N VAL K 180 4.00 -5.18 -4.33
CA VAL K 180 3.25 -4.55 -3.26
C VAL K 180 3.59 -5.24 -1.93
N THR K 181 3.83 -4.44 -0.89
CA THR K 181 4.11 -4.94 0.44
C THR K 181 2.90 -4.60 1.30
N VAL K 182 2.29 -5.63 1.88
CA VAL K 182 1.10 -5.58 2.73
C VAL K 182 1.34 -6.29 4.08
N PRO K 183 0.63 -5.94 5.18
CA PRO K 183 0.85 -6.68 6.45
C PRO K 183 0.35 -8.11 6.32
N SER K 184 1.02 -9.07 7.00
CA SER K 184 0.68 -10.49 6.95
C SER K 184 -0.76 -10.84 7.25
N SER K 185 -1.44 -10.00 8.05
CA SER K 185 -2.84 -10.15 8.42
C SER K 185 -3.76 -9.96 7.19
N THR K 186 -3.52 -8.90 6.38
CA THR K 186 -4.25 -8.51 5.16
C THR K 186 -4.42 -9.66 4.15
N TRP K 187 -3.32 -10.22 3.67
CA TRP K 187 -3.35 -11.27 2.64
C TRP K 187 -3.06 -12.67 3.20
N PRO K 188 -3.82 -13.74 2.81
CA PRO K 188 -4.92 -13.78 1.82
C PRO K 188 -6.35 -13.45 2.28
N SER K 189 -6.56 -13.09 3.57
CA SER K 189 -7.87 -12.71 4.14
C SER K 189 -8.57 -11.70 3.23
N GLN K 190 -7.80 -10.75 2.68
CA GLN K 190 -8.26 -9.75 1.73
C GLN K 190 -7.62 -10.01 0.35
N THR K 191 -8.36 -9.65 -0.70
CA THR K 191 -7.98 -9.81 -2.11
C THR K 191 -6.86 -8.84 -2.45
N VAL K 192 -5.76 -9.36 -3.02
CA VAL K 192 -4.65 -8.54 -3.52
C VAL K 192 -4.52 -8.85 -5.01
N THR K 193 -4.82 -7.85 -5.85
CA THR K 193 -4.79 -7.98 -7.30
C THR K 193 -4.08 -6.81 -7.99
N CYS K 194 -3.19 -7.13 -8.95
CA CYS K 194 -2.51 -6.11 -9.72
C CYS K 194 -3.28 -5.75 -10.99
N ASN K 195 -3.33 -4.48 -11.32
CA ASN K 195 -4.02 -3.99 -12.51
C ASN K 195 -3.00 -3.40 -13.47
N VAL K 196 -2.73 -4.14 -14.57
CA VAL K 196 -1.78 -3.81 -15.61
C VAL K 196 -2.56 -3.23 -16.81
N ALA K 197 -2.50 -1.93 -17.04
CA ALA K 197 -3.12 -1.36 -18.24
C ALA K 197 -2.00 -1.32 -19.33
N HIS K 198 -2.40 -1.37 -20.59
CA HIS K 198 -1.49 -1.24 -21.72
C HIS K 198 -2.28 -0.48 -22.80
N PRO K 199 -2.28 0.86 -22.72
CA PRO K 199 -3.09 1.66 -23.69
C PRO K 199 -2.81 1.33 -25.14
N ALA K 200 -1.55 1.07 -25.49
CA ALA K 200 -1.12 0.74 -26.86
C ALA K 200 -1.96 -0.36 -27.49
N SER K 201 -2.35 -1.42 -26.75
CA SER K 201 -3.21 -2.52 -27.28
C SER K 201 -4.64 -2.41 -26.80
N SER K 202 -4.93 -1.33 -26.07
CA SER K 202 -6.24 -1.07 -25.48
C SER K 202 -6.68 -2.26 -24.59
N THR K 203 -5.70 -2.82 -23.84
CA THR K 203 -5.87 -3.98 -22.97
C THR K 203 -5.65 -3.60 -21.50
N LYS K 204 -6.35 -4.24 -20.61
CA LYS K 204 -6.14 -4.10 -19.18
C LYS K 204 -6.19 -5.54 -18.71
N VAL K 205 -5.20 -5.97 -17.93
CA VAL K 205 -5.12 -7.30 -17.35
C VAL K 205 -5.11 -7.16 -15.83
N ASP K 206 -6.01 -7.84 -15.16
CA ASP K 206 -6.09 -7.90 -13.71
C ASP K 206 -5.73 -9.29 -13.32
N LYS K 207 -4.78 -9.44 -12.37
CA LYS K 207 -4.37 -10.74 -11.87
C LYS K 207 -4.42 -10.82 -10.37
N LYS K 208 -5.30 -11.67 -9.85
CA LYS K 208 -5.45 -11.93 -8.41
C LYS K 208 -4.27 -12.77 -7.93
N ILE K 209 -3.60 -12.30 -6.88
CA ILE K 209 -2.46 -12.99 -6.26
C ILE K 209 -3.02 -13.98 -5.25
N VAL K 210 -2.98 -15.27 -5.65
CA VAL K 210 -3.50 -16.41 -4.90
C VAL K 210 -2.34 -17.15 -4.19
N PRO K 211 -2.45 -17.44 -2.87
CA PRO K 211 -1.36 -18.17 -2.19
C PRO K 211 -1.11 -19.54 -2.80
N ARG K 212 0.18 -19.90 -2.96
CA ARG K 212 0.63 -21.16 -3.56
C ARG K 212 0.11 -22.45 -2.89
N ASP L 3 33.77 16.73 -34.69
CA ASP L 3 32.79 17.14 -33.67
C ASP L 3 33.39 17.33 -32.27
N ILE L 4 32.91 18.35 -31.55
CA ILE L 4 33.36 18.71 -30.22
C ILE L 4 32.81 17.79 -29.15
N VAL L 5 33.75 17.22 -28.37
CA VAL L 5 33.49 16.29 -27.30
C VAL L 5 33.51 17.03 -25.95
N LEU L 6 32.40 16.99 -25.23
CA LEU L 6 32.30 17.54 -23.89
C LEU L 6 32.40 16.36 -22.94
N THR L 7 33.45 16.34 -22.12
CA THR L 7 33.70 15.26 -21.17
C THR L 7 33.33 15.65 -19.77
N GLN L 8 32.37 14.92 -19.21
CA GLN L 8 31.89 15.07 -17.84
C GLN L 8 32.49 13.88 -17.00
N THR L 9 33.73 14.06 -16.50
CA THR L 9 34.55 13.03 -15.82
C THR L 9 33.82 12.14 -14.83
N THR L 10 33.10 12.77 -13.87
CA THR L 10 32.35 12.02 -12.87
C THR L 10 30.92 11.77 -13.34
N PRO L 11 30.51 10.51 -13.63
CA PRO L 11 29.11 10.27 -14.04
C PRO L 11 28.12 10.32 -12.87
N THR L 12 28.59 10.07 -11.61
CA THR L 12 27.76 10.04 -10.41
C THR L 12 28.43 10.76 -9.27
N LEU L 13 27.61 11.50 -8.51
CA LEU L 13 28.02 12.31 -7.35
C LEU L 13 27.04 12.06 -6.19
N SER L 14 27.58 11.71 -4.99
CA SER L 14 26.78 11.54 -3.78
C SER L 14 26.95 12.75 -2.87
N ALA L 15 25.87 13.40 -2.46
CA ALA L 15 25.98 14.56 -1.59
C ALA L 15 24.89 14.60 -0.53
N THR L 16 25.14 15.27 0.59
CA THR L 16 24.15 15.44 1.66
C THR L 16 23.52 16.79 1.49
N ILE L 17 22.26 16.97 1.92
CA ILE L 17 21.57 18.25 1.89
C ILE L 17 22.38 19.28 2.66
N GLY L 18 22.77 20.35 1.98
CA GLY L 18 23.57 21.41 2.57
C GLY L 18 25.03 21.44 2.15
N GLN L 19 25.54 20.34 1.57
CA GLN L 19 26.93 20.19 1.10
C GLN L 19 27.15 20.97 -0.21
N SER L 20 28.38 21.43 -0.45
CA SER L 20 28.74 22.13 -1.68
C SER L 20 29.31 21.11 -2.63
N VAL L 21 28.99 21.23 -3.92
CA VAL L 21 29.38 20.28 -4.95
C VAL L 21 29.79 21.02 -6.23
N SER L 22 30.71 20.42 -6.97
CA SER L 22 31.25 20.92 -8.21
C SER L 22 31.15 19.84 -9.28
N ILE L 23 30.50 20.22 -10.40
CA ILE L 23 30.31 19.35 -11.55
C ILE L 23 31.24 19.95 -12.60
N SER L 24 32.10 19.12 -13.21
CA SER L 24 33.06 19.59 -14.20
C SER L 24 32.78 19.09 -15.59
N CYS L 25 33.16 19.90 -16.57
CA CYS L 25 33.03 19.65 -17.98
C CYS L 25 34.34 20.11 -18.63
N ARG L 26 34.90 19.25 -19.50
CA ARG L 26 36.15 19.51 -20.21
C ARG L 26 35.84 19.44 -21.70
N SER L 27 36.33 20.39 -22.49
CA SER L 27 36.07 20.43 -23.94
C SER L 27 37.28 19.97 -24.79
N SER L 28 37.06 19.20 -25.85
CA SER L 28 38.15 18.75 -26.75
C SER L 28 38.88 19.90 -27.51
N GLN L 29 38.22 21.06 -27.68
CA GLN L 29 38.73 22.25 -28.38
C GLN L 29 38.18 23.53 -27.76
N SER L 30 38.99 24.60 -27.75
CA SER L 30 38.55 25.87 -27.20
C SER L 30 37.12 26.25 -27.61
N LEU L 31 36.33 26.66 -26.59
CA LEU L 31 34.95 27.08 -26.79
C LEU L 31 34.76 28.58 -26.88
N LEU L 32 35.89 29.33 -26.94
CA LEU L 32 35.85 30.78 -27.10
C LEU L 32 35.59 31.11 -28.60
N GLU L 33 34.47 31.80 -28.89
CA GLU L 33 34.10 32.18 -30.24
C GLU L 33 34.75 33.53 -30.67
N SER L 34 34.80 33.79 -32.00
CA SER L 34 35.28 35.01 -32.67
C SER L 34 34.79 36.33 -32.05
N ASP L 35 33.61 36.33 -31.38
CA ASP L 35 32.97 37.49 -30.76
C ASP L 35 33.38 37.72 -29.33
N GLY L 36 34.30 36.90 -28.83
CA GLY L 36 34.82 37.00 -27.48
C GLY L 36 33.97 36.31 -26.45
N ASN L 37 32.87 35.68 -26.88
CA ASN L 37 32.01 34.93 -25.97
C ASN L 37 32.22 33.44 -26.08
N THR L 38 32.10 32.78 -24.90
CA THR L 38 32.28 31.35 -24.73
C THR L 38 30.89 30.76 -24.45
N TYR L 39 30.39 30.03 -25.44
CA TYR L 39 29.07 29.46 -25.47
C TYR L 39 28.94 28.12 -24.78
N LEU L 40 29.02 28.13 -23.44
CA LEU L 40 28.91 26.94 -22.57
C LEU L 40 27.69 27.15 -21.64
N ASN L 41 26.76 26.19 -21.67
CA ASN L 41 25.55 26.22 -20.87
C ASN L 41 25.49 25.00 -19.95
N TRP L 42 24.83 25.19 -18.82
CA TRP L 42 24.64 24.15 -17.85
C TRP L 42 23.14 23.95 -17.64
N LEU L 43 22.70 22.69 -17.77
CA LEU L 43 21.31 22.26 -17.62
C LEU L 43 21.18 21.16 -16.57
N LEU L 44 20.04 21.15 -15.83
CA LEU L 44 19.65 20.10 -14.89
C LEU L 44 18.37 19.44 -15.45
N GLN L 45 18.27 18.10 -15.31
CA GLN L 45 17.11 17.27 -15.66
C GLN L 45 16.67 16.44 -14.41
N ARG L 46 15.63 16.94 -13.70
CA ARG L 46 15.06 16.29 -12.51
C ARG L 46 14.30 15.04 -12.94
N PRO L 47 14.19 13.99 -12.08
CA PRO L 47 13.50 12.75 -12.52
C PRO L 47 12.09 12.94 -13.12
N GLY L 48 11.89 12.39 -14.32
CA GLY L 48 10.61 12.46 -15.02
C GLY L 48 10.28 13.79 -15.67
N GLN L 49 11.22 14.76 -15.63
CA GLN L 49 11.03 16.10 -16.24
C GLN L 49 11.99 16.36 -17.42
N SER L 50 11.79 17.46 -18.14
CA SER L 50 12.63 17.82 -19.29
C SER L 50 13.81 18.72 -18.86
N PRO L 51 14.97 18.79 -19.61
CA PRO L 51 16.08 19.69 -19.17
C PRO L 51 15.64 21.12 -18.89
N GLN L 52 16.29 21.76 -17.92
CA GLN L 52 16.01 23.12 -17.47
C GLN L 52 17.34 23.89 -17.43
N LEU L 53 17.39 25.09 -18.04
CA LEU L 53 18.59 25.93 -18.05
C LEU L 53 18.88 26.54 -16.70
N LEU L 54 20.14 26.35 -16.25
CA LEU L 54 20.64 26.90 -15.00
C LEU L 54 21.53 28.12 -15.27
N ILE L 55 22.57 27.92 -16.13
CA ILE L 55 23.59 28.93 -16.43
C ILE L 55 23.97 28.97 -17.87
N TYR L 56 24.10 30.17 -18.43
CA TYR L 56 24.48 30.36 -19.82
C TYR L 56 25.77 31.16 -19.93
N SER L 57 26.53 30.96 -21.04
CA SER L 57 27.81 31.62 -21.30
C SER L 57 28.76 31.48 -20.10
N VAL L 58 28.95 30.25 -19.67
CA VAL L 58 29.83 29.85 -18.57
C VAL L 58 29.42 30.27 -17.17
N SER L 59 29.02 31.52 -16.98
CA SER L 59 28.81 32.06 -15.64
C SER L 59 27.52 32.86 -15.37
N ASN L 60 26.67 33.06 -16.39
CA ASN L 60 25.46 33.84 -16.22
C ASN L 60 24.28 33.03 -15.74
N LEU L 61 23.77 33.40 -14.55
CA LEU L 61 22.63 32.81 -13.89
C LEU L 61 21.34 33.19 -14.60
N GLU L 62 20.54 32.20 -14.95
CA GLU L 62 19.25 32.38 -15.58
C GLU L 62 18.20 32.80 -14.51
N SER L 63 17.22 33.63 -14.91
CA SER L 63 16.13 34.14 -14.08
C SER L 63 15.35 32.98 -13.46
N GLY L 64 15.11 33.09 -12.15
CA GLY L 64 14.38 32.09 -11.36
C GLY L 64 15.22 30.94 -10.81
N VAL L 65 16.54 30.94 -11.13
CA VAL L 65 17.50 29.94 -10.65
C VAL L 65 18.14 30.50 -9.32
N PRO L 66 18.07 29.73 -8.22
CA PRO L 66 18.66 30.20 -6.94
C PRO L 66 20.16 30.48 -7.00
N ASN L 67 20.58 31.51 -6.22
CA ASN L 67 21.98 31.96 -6.14
C ASN L 67 23.03 30.94 -5.72
N ARG L 68 22.62 29.71 -5.25
CA ARG L 68 23.54 28.64 -4.88
C ARG L 68 24.24 28.02 -6.11
N PHE L 69 23.75 28.40 -7.31
CA PHE L 69 24.31 27.91 -8.56
C PHE L 69 25.26 28.96 -9.05
N SER L 70 26.42 28.51 -9.56
CA SER L 70 27.46 29.37 -10.12
C SER L 70 28.32 28.60 -11.11
N GLY L 71 28.78 29.32 -12.10
CA GLY L 71 29.57 28.77 -13.18
C GLY L 71 30.83 29.54 -13.35
N SER L 72 31.87 28.84 -13.75
CA SER L 72 33.19 29.38 -13.99
C SER L 72 33.80 28.48 -15.06
N GLY L 73 34.86 28.95 -15.67
CA GLY L 73 35.55 28.15 -16.65
C GLY L 73 36.57 28.91 -17.44
N SER L 74 37.55 28.18 -17.98
CA SER L 74 38.55 28.70 -18.88
C SER L 74 37.93 28.72 -20.32
N GLU L 75 38.66 28.20 -21.32
CA GLU L 75 38.27 28.09 -22.70
C GLU L 75 38.04 26.62 -23.01
N THR L 76 38.70 25.73 -22.23
CA THR L 76 38.49 24.29 -22.37
C THR L 76 38.02 23.59 -21.09
N ASP L 77 38.09 24.25 -19.91
CA ASP L 77 37.66 23.64 -18.66
C ASP L 77 36.57 24.46 -17.98
N PHE L 78 35.44 23.82 -17.63
CA PHE L 78 34.26 24.48 -17.07
C PHE L 78 33.76 23.80 -15.83
N THR L 79 33.21 24.55 -14.88
CA THR L 79 32.70 23.96 -13.64
C THR L 79 31.42 24.63 -13.18
N LEU L 80 30.47 23.82 -12.78
CA LEU L 80 29.23 24.24 -12.15
C LEU L 80 29.34 23.93 -10.64
N LYS L 81 29.02 24.94 -9.82
CA LYS L 81 29.10 24.83 -8.39
C LYS L 81 27.74 25.07 -7.76
N ILE L 82 27.33 24.12 -6.89
CA ILE L 82 26.10 24.18 -6.10
C ILE L 82 26.58 24.38 -4.66
N SER L 83 26.33 25.58 -4.08
CA SER L 83 26.74 25.92 -2.72
C SER L 83 25.63 25.63 -1.75
N GLY L 84 25.60 24.39 -1.30
CA GLY L 84 24.58 23.89 -0.38
C GLY L 84 23.47 23.28 -1.19
N VAL L 85 23.62 21.98 -1.51
CA VAL L 85 22.65 21.24 -2.31
C VAL L 85 21.33 21.06 -1.58
N GLU L 86 20.23 21.19 -2.32
CA GLU L 86 18.88 21.00 -1.83
C GLU L 86 18.25 19.82 -2.57
N ALA L 87 17.15 19.28 -2.03
CA ALA L 87 16.45 18.13 -2.61
C ALA L 87 16.05 18.35 -4.08
N GLU L 88 15.58 19.57 -4.41
CA GLU L 88 15.19 19.99 -5.75
C GLU L 88 16.38 20.02 -6.75
N ASP L 89 17.63 19.86 -6.26
CA ASP L 89 18.81 19.91 -7.12
C ASP L 89 19.21 18.53 -7.65
N LEU L 90 18.59 17.48 -7.10
CA LEU L 90 18.85 16.10 -7.48
C LEU L 90 18.30 15.83 -8.89
N GLY L 91 19.16 15.27 -9.75
CA GLY L 91 18.90 14.86 -11.12
C GLY L 91 20.18 14.75 -11.92
N VAL L 92 20.10 14.92 -13.27
CA VAL L 92 21.27 14.90 -14.13
C VAL L 92 21.67 16.32 -14.63
N TYR L 93 22.95 16.74 -14.42
CA TYR L 93 23.52 18.01 -14.90
C TYR L 93 24.25 17.71 -16.18
N TYR L 94 23.99 18.53 -17.21
CA TYR L 94 24.56 18.43 -18.53
C TYR L 94 25.22 19.72 -18.88
N CYS L 95 26.48 19.64 -19.34
CA CYS L 95 27.16 20.81 -19.85
C CYS L 95 26.85 20.75 -21.34
N MET L 96 26.92 21.91 -22.03
CA MET L 96 26.51 22.02 -23.43
C MET L 96 27.15 23.24 -24.11
N GLN L 97 27.61 23.07 -25.36
CA GLN L 97 28.23 24.16 -26.13
C GLN L 97 27.54 24.41 -27.47
N THR L 98 27.56 25.66 -27.94
CA THR L 98 27.01 26.04 -29.26
C THR L 98 28.02 26.85 -30.08
N THR L 99 29.25 27.09 -29.54
CA THR L 99 30.34 27.80 -30.23
C THR L 99 30.56 27.11 -31.58
N HIS L 100 30.69 25.78 -31.56
CA HIS L 100 30.82 24.90 -32.74
C HIS L 100 29.43 24.18 -32.92
N ALA L 101 29.30 23.19 -33.87
CA ALA L 101 28.03 22.46 -34.10
C ALA L 101 27.59 21.99 -32.72
N PRO L 102 26.34 22.29 -32.28
CA PRO L 102 26.00 22.01 -30.86
C PRO L 102 26.11 20.56 -30.43
N THR L 103 26.71 20.32 -29.25
CA THR L 103 26.91 19.01 -28.60
C THR L 103 26.70 19.10 -27.08
N PHE L 104 26.34 17.97 -26.47
CA PHE L 104 26.06 17.89 -25.06
C PHE L 104 27.06 16.93 -24.37
N GLY L 105 27.24 17.13 -23.07
CA GLY L 105 28.03 16.23 -22.24
C GLY L 105 27.21 14.99 -21.95
N ALA L 106 27.85 13.94 -21.41
CA ALA L 106 27.09 12.72 -21.14
C ALA L 106 26.28 12.80 -19.87
N GLY L 107 26.59 13.79 -19.03
CA GLY L 107 25.89 14.03 -17.79
C GLY L 107 26.57 13.48 -16.55
N THR L 108 26.16 14.04 -15.38
CA THR L 108 26.57 13.67 -14.03
C THR L 108 25.29 13.56 -13.15
N LYS L 109 25.00 12.34 -12.66
CA LYS L 109 23.90 12.05 -11.74
C LYS L 109 24.27 12.59 -10.32
N LEU L 110 23.47 13.50 -9.75
CA LEU L 110 23.70 13.97 -8.39
C LEU L 110 22.67 13.26 -7.57
N GLU L 111 23.16 12.34 -6.76
CA GLU L 111 22.44 11.39 -5.93
C GLU L 111 22.50 11.87 -4.52
N LEU L 112 21.52 11.52 -3.69
CA LEU L 112 21.61 11.94 -2.29
C LEU L 112 22.27 10.88 -1.41
N LYS L 113 23.35 11.28 -0.72
CA LYS L 113 24.05 10.46 0.29
C LYS L 113 23.15 10.31 1.54
N ARG L 114 22.80 9.07 1.88
CA ARG L 114 21.97 8.75 3.03
C ARG L 114 22.58 7.65 3.86
N ALA L 115 22.04 7.44 5.08
CA ALA L 115 22.55 6.37 5.94
C ALA L 115 22.40 5.06 5.18
N ASP L 116 23.46 4.25 5.21
CA ASP L 116 23.44 2.93 4.55
C ASP L 116 22.25 2.11 5.02
N ALA L 117 21.53 1.51 4.06
CA ALA L 117 20.35 0.68 4.33
C ALA L 117 20.55 -0.67 3.65
N ALA L 118 20.21 -1.74 4.39
CA ALA L 118 20.32 -3.11 3.91
C ALA L 118 19.07 -3.47 3.08
N PRO L 119 19.21 -4.30 2.02
CA PRO L 119 18.04 -4.68 1.22
C PRO L 119 17.09 -5.64 1.91
N THR L 120 15.82 -5.61 1.51
CA THR L 120 14.79 -6.52 1.96
C THR L 120 14.63 -7.45 0.77
N VAL L 121 15.08 -8.71 0.95
CA VAL L 121 15.07 -9.71 -0.13
C VAL L 121 13.82 -10.64 -0.11
N SER L 122 13.24 -10.86 -1.31
CA SER L 122 12.07 -11.71 -1.54
C SER L 122 12.30 -12.51 -2.82
N ILE L 123 12.21 -13.85 -2.75
CA ILE L 123 12.33 -14.74 -3.93
C ILE L 123 10.94 -15.30 -4.29
N PHE L 124 10.61 -15.28 -5.59
CA PHE L 124 9.32 -15.75 -6.10
C PHE L 124 9.49 -16.87 -7.12
N PRO L 125 8.79 -18.02 -6.92
CA PRO L 125 8.88 -19.12 -7.91
C PRO L 125 8.02 -18.82 -9.13
N PRO L 126 8.28 -19.41 -10.31
CA PRO L 126 7.40 -19.14 -11.47
C PRO L 126 5.97 -19.64 -11.25
N SER L 127 5.02 -18.94 -11.83
CA SER L 127 3.62 -19.36 -11.71
C SER L 127 3.37 -20.58 -12.58
N THR L 128 2.34 -21.35 -12.23
CA THR L 128 1.95 -22.52 -13.00
C THR L 128 1.44 -22.07 -14.35
N GLU L 129 0.73 -20.89 -14.45
CA GLU L 129 0.25 -20.36 -15.75
C GLU L 129 1.33 -20.05 -16.74
N GLN L 130 2.52 -19.67 -16.23
CA GLN L 130 3.68 -19.38 -17.06
C GLN L 130 4.28 -20.71 -17.51
N LEU L 131 4.52 -21.62 -16.53
CA LEU L 131 5.01 -22.99 -16.75
C LEU L 131 4.13 -23.76 -17.73
N ALA L 132 2.84 -23.38 -17.83
CA ALA L 132 1.85 -23.93 -18.75
C ALA L 132 2.24 -23.68 -20.21
N THR L 133 3.19 -22.73 -20.40
CA THR L 133 3.82 -22.40 -21.69
C THR L 133 5.25 -22.99 -21.58
N GLY L 134 6.11 -22.67 -22.54
CA GLY L 134 7.48 -23.21 -22.50
C GLY L 134 8.41 -22.62 -21.45
N GLY L 135 8.26 -21.32 -21.17
CA GLY L 135 9.11 -20.57 -20.25
C GLY L 135 8.74 -20.64 -18.79
N ALA L 136 9.73 -20.27 -17.96
CA ALA L 136 9.75 -20.23 -16.50
C ALA L 136 10.66 -19.07 -16.08
N SER L 137 10.17 -18.18 -15.19
CA SER L 137 10.92 -17.04 -14.70
C SER L 137 10.94 -17.01 -13.17
N VAL L 138 12.13 -16.92 -12.58
CA VAL L 138 12.32 -16.87 -11.13
C VAL L 138 12.71 -15.41 -10.81
N VAL L 139 11.98 -14.79 -9.87
CA VAL L 139 12.18 -13.37 -9.57
C VAL L 139 12.71 -13.14 -8.15
N CYS L 140 13.69 -12.26 -8.05
CA CYS L 140 14.30 -11.84 -6.81
C CYS L 140 14.22 -10.34 -6.72
N LEU L 141 13.69 -9.82 -5.60
CA LEU L 141 13.58 -8.38 -5.36
C LEU L 141 14.46 -7.98 -4.19
N MET L 142 15.22 -6.89 -4.33
CA MET L 142 16.07 -6.35 -3.31
C MET L 142 15.52 -4.97 -3.09
N ASN L 143 14.62 -4.86 -2.10
CA ASN L 143 13.86 -3.64 -1.83
C ASN L 143 14.39 -2.77 -0.73
N ASN L 144 14.47 -1.46 -1.03
CA ASN L 144 14.90 -0.36 -0.14
C ASN L 144 16.34 -0.42 0.41
N PHE L 145 17.30 -0.40 -0.51
CA PHE L 145 18.71 -0.43 -0.11
C PHE L 145 19.55 0.85 -0.49
N TYR L 146 20.68 1.06 0.20
CA TYR L 146 21.62 2.18 -0.05
C TYR L 146 23.03 1.80 0.47
N PRO L 147 24.14 1.99 -0.30
CA PRO L 147 24.26 2.60 -1.64
C PRO L 147 23.73 1.78 -2.81
N ARG L 148 23.66 2.42 -4.00
CA ARG L 148 23.20 1.85 -5.29
C ARG L 148 23.92 0.53 -5.61
N ASP L 149 25.24 0.48 -5.32
CA ASP L 149 26.11 -0.67 -5.55
C ASP L 149 25.63 -1.92 -4.82
N ILE L 150 25.40 -3.00 -5.61
CA ILE L 150 24.91 -4.30 -5.13
C ILE L 150 25.28 -5.40 -6.15
N SER L 151 25.32 -6.67 -5.68
CA SER L 151 25.62 -7.82 -6.49
C SER L 151 24.66 -8.96 -6.13
N VAL L 152 23.92 -9.45 -7.12
CA VAL L 152 22.97 -10.55 -6.98
C VAL L 152 23.52 -11.80 -7.72
N LYS L 153 23.45 -12.97 -7.06
CA LYS L 153 23.96 -14.22 -7.62
C LYS L 153 22.91 -15.30 -7.53
N TRP L 154 22.64 -15.96 -8.66
CA TRP L 154 21.65 -17.05 -8.72
C TRP L 154 22.36 -18.39 -8.55
N LYS L 155 21.98 -19.16 -7.53
CA LYS L 155 22.51 -20.51 -7.31
C LYS L 155 21.37 -21.49 -7.41
N ILE L 156 21.52 -22.50 -8.30
CA ILE L 156 20.49 -23.53 -8.50
C ILE L 156 21.05 -24.85 -8.01
N ASP L 157 20.54 -25.35 -6.86
CA ASP L 157 21.00 -26.55 -6.16
C ASP L 157 22.53 -26.46 -5.87
N GLY L 158 22.96 -25.29 -5.40
CA GLY L 158 24.35 -24.99 -5.06
C GLY L 158 25.16 -24.30 -6.14
N THR L 159 25.10 -24.78 -7.40
CA THR L 159 25.90 -24.21 -8.50
C THR L 159 25.32 -22.93 -9.11
N GLU L 160 26.17 -21.92 -9.27
CA GLU L 160 25.85 -20.61 -9.84
C GLU L 160 25.33 -20.70 -11.28
N ARG L 161 24.29 -19.92 -11.58
CA ARG L 161 23.67 -19.82 -12.90
C ARG L 161 23.80 -18.37 -13.41
N ARG L 162 24.84 -18.11 -14.23
CA ARG L 162 25.14 -16.81 -14.82
C ARG L 162 24.16 -16.38 -15.91
N ASP L 163 23.72 -17.33 -16.77
CA ASP L 163 22.87 -17.14 -17.97
C ASP L 163 21.36 -16.98 -17.75
N GLY L 164 20.74 -16.17 -18.62
CA GLY L 164 19.31 -15.88 -18.61
C GLY L 164 18.87 -14.92 -17.52
N VAL L 165 19.81 -14.19 -16.91
CA VAL L 165 19.55 -13.26 -15.83
C VAL L 165 19.37 -11.85 -16.39
N LEU L 166 18.33 -11.13 -15.90
CA LEU L 166 18.09 -9.75 -16.29
C LEU L 166 17.80 -8.90 -15.06
N ASP L 167 18.50 -7.76 -14.99
CA ASP L 167 18.44 -6.80 -13.88
C ASP L 167 17.71 -5.49 -14.26
N SER L 168 17.20 -4.82 -13.22
CA SER L 168 16.51 -3.55 -13.32
C SER L 168 16.56 -2.91 -11.97
N VAL L 169 17.11 -1.67 -11.94
CA VAL L 169 17.26 -0.85 -10.76
C VAL L 169 16.40 0.38 -10.93
N THR L 170 15.55 0.64 -9.93
CA THR L 170 14.72 1.82 -9.88
C THR L 170 15.59 3.04 -9.66
N ASP L 171 15.07 4.22 -10.01
CA ASP L 171 15.71 5.51 -9.70
C ASP L 171 15.63 5.66 -8.15
N GLN L 172 16.49 6.47 -7.54
CA GLN L 172 16.48 6.69 -6.09
C GLN L 172 15.11 7.17 -5.66
N ASP L 173 14.55 6.54 -4.63
CA ASP L 173 13.20 6.80 -4.10
C ASP L 173 12.92 8.25 -3.70
N SER L 174 11.68 8.68 -3.92
CA SER L 174 11.16 10.02 -3.62
C SER L 174 11.01 10.21 -2.11
N LYS L 175 10.46 9.19 -1.42
CA LYS L 175 10.22 9.21 0.02
C LYS L 175 11.46 8.92 0.89
N ASP L 176 12.07 7.71 0.76
CA ASP L 176 13.21 7.31 1.58
C ASP L 176 14.64 7.37 0.99
N SER L 177 14.81 7.74 -0.29
CA SER L 177 16.13 7.85 -0.95
C SER L 177 16.88 6.53 -1.12
N THR L 178 16.17 5.45 -1.13
CA THR L 178 16.86 4.18 -1.33
C THR L 178 16.67 3.73 -2.80
N TYR L 179 17.32 2.61 -3.11
CA TYR L 179 17.22 1.93 -4.39
C TYR L 179 16.55 0.59 -4.17
N SER L 180 15.97 0.07 -5.24
CA SER L 180 15.29 -1.21 -5.30
C SER L 180 15.69 -1.83 -6.60
N MET L 181 15.99 -3.13 -6.58
CA MET L 181 16.44 -3.87 -7.74
C MET L 181 15.64 -5.14 -7.92
N SER L 182 15.38 -5.53 -9.19
CA SER L 182 14.71 -6.79 -9.48
C SER L 182 15.52 -7.60 -10.46
N SER L 183 15.71 -8.86 -10.12
CA SER L 183 16.42 -9.75 -11.00
C SER L 183 15.52 -10.92 -11.33
N THR L 184 15.42 -11.20 -12.62
CA THR L 184 14.64 -12.30 -13.17
C THR L 184 15.59 -13.30 -13.85
N LEU L 185 15.46 -14.58 -13.52
CA LEU L 185 16.24 -15.63 -14.16
C LEU L 185 15.31 -16.40 -15.09
N SER L 186 15.40 -16.13 -16.40
CA SER L 186 14.58 -16.82 -17.39
C SER L 186 15.16 -18.22 -17.68
N LEU L 187 14.32 -19.23 -17.58
CA LEU L 187 14.60 -20.65 -17.74
C LEU L 187 13.50 -21.27 -18.61
N THR L 188 13.66 -22.55 -18.97
CA THR L 188 12.64 -23.31 -19.70
C THR L 188 11.92 -24.19 -18.68
N LYS L 189 10.67 -24.60 -18.98
CA LYS L 189 9.86 -25.45 -18.10
C LYS L 189 10.57 -26.77 -17.75
N ALA L 190 11.16 -27.39 -18.76
CA ALA L 190 11.87 -28.64 -18.60
C ALA L 190 13.19 -28.44 -17.79
N ASP L 191 13.92 -27.34 -18.05
CA ASP L 191 15.15 -26.99 -17.32
C ASP L 191 14.79 -26.67 -15.88
N TYR L 192 13.76 -25.84 -15.65
CA TYR L 192 13.31 -25.49 -14.28
C TYR L 192 12.96 -26.74 -13.47
N GLU L 193 12.30 -27.72 -14.10
CA GLU L 193 11.89 -28.97 -13.46
C GLU L 193 13.04 -29.96 -13.18
N SER L 194 14.24 -29.71 -13.76
CA SER L 194 15.44 -30.52 -13.60
C SER L 194 16.18 -30.21 -12.27
N HIS L 195 15.77 -29.16 -11.56
CA HIS L 195 16.41 -28.74 -10.31
C HIS L 195 15.44 -28.69 -9.12
N ASN L 196 15.97 -28.51 -7.87
CA ASN L 196 15.13 -28.52 -6.65
C ASN L 196 15.19 -27.26 -5.80
N LEU L 197 16.41 -26.81 -5.47
CA LEU L 197 16.64 -25.60 -4.66
C LEU L 197 17.13 -24.39 -5.47
N TYR L 198 16.30 -23.34 -5.46
CA TYR L 198 16.59 -22.08 -6.13
C TYR L 198 16.98 -21.06 -5.07
N THR L 199 18.14 -20.42 -5.28
CA THR L 199 18.73 -19.50 -4.35
C THR L 199 19.09 -18.20 -5.03
N CYS L 200 18.69 -17.12 -4.35
CA CYS L 200 19.06 -15.77 -4.70
C CYS L 200 20.02 -15.24 -3.59
N GLU L 201 21.30 -14.94 -3.95
CA GLU L 201 22.25 -14.40 -3.00
C GLU L 201 22.73 -12.99 -3.34
N VAL L 202 22.38 -12.07 -2.44
CA VAL L 202 22.58 -10.63 -2.49
C VAL L 202 23.80 -10.24 -1.68
N VAL L 203 24.72 -9.48 -2.32
CA VAL L 203 25.93 -8.95 -1.70
C VAL L 203 25.86 -7.41 -1.77
N HIS L 204 25.84 -6.81 -0.59
CA HIS L 204 25.77 -5.38 -0.40
C HIS L 204 26.79 -5.01 0.70
N LYS L 205 27.20 -3.73 0.75
CA LYS L 205 28.16 -3.24 1.74
C LYS L 205 27.65 -3.32 3.19
N THR L 206 26.31 -3.28 3.41
CA THR L 206 25.68 -3.34 4.74
C THR L 206 25.87 -4.68 5.49
N SER L 207 26.52 -5.69 4.84
CA SER L 207 26.75 -6.99 5.44
C SER L 207 27.99 -7.65 4.86
N SER L 208 28.72 -8.38 5.71
CA SER L 208 29.92 -9.10 5.31
C SER L 208 29.54 -10.40 4.62
N SER L 209 28.59 -11.12 5.21
CA SER L 209 28.05 -12.37 4.68
C SER L 209 26.85 -12.05 3.75
N PRO L 210 26.69 -12.75 2.59
CA PRO L 210 25.57 -12.43 1.71
C PRO L 210 24.19 -12.63 2.31
N VAL L 211 23.17 -12.00 1.71
CA VAL L 211 21.78 -12.20 2.11
C VAL L 211 21.25 -13.31 1.18
N VAL L 212 20.83 -14.43 1.78
CA VAL L 212 20.37 -15.61 1.07
C VAL L 212 18.89 -15.89 1.25
N LYS L 213 18.14 -15.92 0.13
CA LYS L 213 16.71 -16.25 0.11
C LYS L 213 16.52 -17.38 -0.87
N SER L 214 15.82 -18.41 -0.42
CA SER L 214 15.59 -19.62 -1.18
C SER L 214 14.14 -20.12 -1.11
N PHE L 215 13.83 -21.03 -2.06
CA PHE L 215 12.60 -21.80 -2.14
C PHE L 215 12.97 -23.18 -2.70
N ASN L 216 12.13 -24.21 -2.43
CA ASN L 216 12.27 -25.59 -2.93
C ASN L 216 11.13 -25.92 -3.92
N ARG L 217 11.52 -26.32 -5.15
CA ARG L 217 10.69 -26.64 -6.33
C ARG L 217 9.66 -27.73 -6.02
#